data_1EWO
# 
_entry.id   1EWO 
# 
_audit_conform.dict_name       mmcif_pdbx.dic 
_audit_conform.dict_version    5.399 
_audit_conform.dict_location   http://mmcif.pdb.org/dictionaries/ascii/mmcif_pdbx.dic 
# 
loop_
_database_2.database_id 
_database_2.database_code 
_database_2.pdbx_database_accession 
_database_2.pdbx_DOI 
PDB   1EWO         pdb_00001ewo 10.2210/pdb1ewo/pdb 
RCSB  RCSB010969   ?            ?                   
WWPDB D_1000010969 ?            ?                   
# 
loop_
_pdbx_audit_revision_history.ordinal 
_pdbx_audit_revision_history.data_content_type 
_pdbx_audit_revision_history.major_revision 
_pdbx_audit_revision_history.minor_revision 
_pdbx_audit_revision_history.revision_date 
1 'Structure model' 1 0 2003-06-10 
2 'Structure model' 1 1 2008-04-27 
3 'Structure model' 1 2 2011-07-13 
4 'Structure model' 1 3 2024-11-20 
# 
_pdbx_audit_revision_details.ordinal             1 
_pdbx_audit_revision_details.revision_ordinal    1 
_pdbx_audit_revision_details.data_content_type   'Structure model' 
_pdbx_audit_revision_details.provider            repository 
_pdbx_audit_revision_details.type                'Initial release' 
_pdbx_audit_revision_details.description         ? 
_pdbx_audit_revision_details.details             ? 
# 
loop_
_pdbx_audit_revision_group.ordinal 
_pdbx_audit_revision_group.revision_ordinal 
_pdbx_audit_revision_group.data_content_type 
_pdbx_audit_revision_group.group 
1  2 'Structure model' 'Version format compliance' 
2  3 'Structure model' 'Atomic model'              
3  3 'Structure model' 'Database references'       
4  3 'Structure model' 'Derived calculations'      
5  3 'Structure model' 'Non-polymer description'   
6  3 'Structure model' 'Structure summary'         
7  3 'Structure model' 'Version format compliance' 
8  4 'Structure model' 'Data collection'           
9  4 'Structure model' 'Database references'       
10 4 'Structure model' 'Derived calculations'      
11 4 'Structure model' 'Structure summary'         
# 
loop_
_pdbx_audit_revision_category.ordinal 
_pdbx_audit_revision_category.revision_ordinal 
_pdbx_audit_revision_category.data_content_type 
_pdbx_audit_revision_category.category 
1 4 'Structure model' chem_comp_atom            
2 4 'Structure model' chem_comp_bond            
3 4 'Structure model' database_2                
4 4 'Structure model' pdbx_entry_details        
5 4 'Structure model' pdbx_modification_feature 
6 4 'Structure model' struct_conn               
7 4 'Structure model' struct_site               
# 
loop_
_pdbx_audit_revision_item.ordinal 
_pdbx_audit_revision_item.revision_ordinal 
_pdbx_audit_revision_item.data_content_type 
_pdbx_audit_revision_item.item 
1 4 'Structure model' '_database_2.pdbx_DOI'                         
2 4 'Structure model' '_database_2.pdbx_database_accession'          
3 4 'Structure model' '_pdbx_entry_details.has_protein_modification' 
4 4 'Structure model' '_struct_conn.pdbx_leaving_atom_flag'          
5 4 'Structure model' '_struct_site.pdbx_auth_asym_id'               
6 4 'Structure model' '_struct_site.pdbx_auth_comp_id'               
7 4 'Structure model' '_struct_site.pdbx_auth_seq_id'                
# 
_pdbx_database_status.status_code                     REL 
_pdbx_database_status.entry_id                        1EWO 
_pdbx_database_status.recvd_initial_deposition_date   2000-04-26 
_pdbx_database_status.deposit_site                    RCSB 
_pdbx_database_status.process_site                    RCSB 
_pdbx_database_status.status_code_sf                  REL 
_pdbx_database_status.SG_entry                        . 
_pdbx_database_status.status_code_mr                  ? 
_pdbx_database_status.status_code_cs                  ? 
_pdbx_database_status.pdb_format_compatible           Y 
_pdbx_database_status.status_code_nmr_data            ? 
_pdbx_database_status.methods_development_category    ? 
# 
loop_
_pdbx_database_related.db_name 
_pdbx_database_related.db_id 
_pdbx_database_related.details 
_pdbx_database_related.content_type 
PDB 1aim 'same protein, ZYA inhibitor'         unspecified 
PDB 2aim 'same protein, ZRA inhibitor'         unspecified 
PDB 1ewl 'same protein, WRR-99 inhibitor'      unspecified 
PDB 1ewm 'same protein, WRR-112 inhibitor'     unspecified 
PDB 1ewp 'same protein, MOR-LEU-HPQ inhibitor' unspecified 
# 
loop_
_audit_author.name 
_audit_author.pdbx_ordinal 
'Brinen, L.S.'     1 
'Gillmor, S.A.'    2 
'Fletterick, R.J.' 3 
# 
loop_
_citation.id 
_citation.title 
_citation.journal_abbrev 
_citation.journal_volume 
_citation.page_first 
_citation.page_last 
_citation.year 
_citation.journal_id_ASTM 
_citation.country 
_citation.journal_id_ISSN 
_citation.journal_id_CSD 
_citation.book_publisher 
_citation.pdbx_database_id_PubMed 
_citation.pdbx_database_id_DOI 
primary 'Crystal Structure of Cruzain bound to WRR-204'                                         'To be Published' ?   ?    ?    ? 
?      ?  ?         0353 ?                                                  ? ?                      
1       'Chapter 3: X-ray Structures of Complexes of Cruzain with Designed Covalent Inhibitors' 
'Enzyme-ligand Interactions, Inhibition and Specificity' ?   50   80   1998 ?      ?  ?         ?    
'University of California, San Francisco (THESIS)' ? ?                      
2       'Structural Determinants of Specificity in the Cysteine Protease Cruzain'               'Protein Sci.' 6   1603 1611 1997 
PRCIEI US 0961-8368 0795 ?                                                  ? ?                      
3       
;The Crystal Structure of Cruzain: a Therapeutic Target for Chagas' Disease
;
J.Mol.Biol.                                              247 251  259  1995 JMOBAK UK 0022-2836 0070 ? ? 10.1006/jmbi.1994.0137 
# 
loop_
_citation_author.citation_id 
_citation_author.name 
_citation_author.ordinal 
_citation_author.identifier_ORCID 
primary 'Brinen, L.S.'     1  ? 
primary 'Gillmor, S.A.'    2  ? 
primary 'Fletterick, R.J.' 3  ? 
1       'Gillmor, S.A.'    4  ? 
2       'Gillmor, S.A.'    5  ? 
2       'Craik, C.S.'      6  ? 
2       'Fletterick, R.J.' 7  ? 
3       'McGrath, M.E.'    8  ? 
3       'Eakin, A.E.'      9  ? 
3       'Engel, J.C.'      10 ? 
3       'McKerrow, J.H.'   11 ? 
3       'Craik, C.S.'      12 ? 
3       'Fletterick, R.J.' 13 ? 
# 
loop_
_entity.id 
_entity.type 
_entity.src_method 
_entity.pdbx_description 
_entity.formula_weight 
_entity.pdbx_number_of_molecules 
_entity.pdbx_ec 
_entity.pdbx_mutation 
_entity.pdbx_fragment 
_entity.details 
1 polymer     man CRUZAIN                                                                                         22715.133 1  
3.4.22.- ? 'CATALYTIC DOMAIN' ? 
2 non-polymer syn 
;N-[N'-BENZYLOXYCARBONYL-PHENYLALANINYL]-3-AMINO-5-PHENYL-PENTANE-1-SULFONIC ACID PHENYL ESTER
;
600.724   1  ?        ? ?                  ? 
3 water       nat water                                                                                           18.015    38 ? ? 
?                  ? 
# 
_entity_name_com.entity_id   1 
_entity_name_com.name        'CRUZIPAIN, cruzaine' 
# 
_entity_poly.entity_id                      1 
_entity_poly.type                           'polypeptide(L)' 
_entity_poly.nstd_linkage                   no 
_entity_poly.nstd_monomer                   no 
_entity_poly.pdbx_seq_one_letter_code       
;APAAVDWRARGAVTAVKDQGQCGSCWAFSAIGNVECQWFLAGHPLTNLSEQMLVSCDKTDSGCSGGLMNNAFEWIVQENN
GAVYTEDSYPYASGEGISPPCTTSGHTVGATITGHVELPQDEAQIAAWLAVNGPVAVAVDASSWMTYTGGVMTSCVSEQL
DHGVLLVGYNDSAAVPYWIIKNSWTTQWGEEGYIRIAKGSNQCLVKEEASSAVVG
;
_entity_poly.pdbx_seq_one_letter_code_can   
;APAAVDWRARGAVTAVKDQGQCGSCWAFSAIGNVECQWFLAGHPLTNLSEQMLVSCDKTDSGCSGGLMNNAFEWIVQENN
GAVYTEDSYPYASGEGISPPCTTSGHTVGATITGHVELPQDEAQIAAWLAVNGPVAVAVDASSWMTYTGGVMTSCVSEQL
DHGVLLVGYNDSAAVPYWIIKNSWTTQWGEEGYIRIAKGSNQCLVKEEASSAVVG
;
_entity_poly.pdbx_strand_id                 A 
_entity_poly.pdbx_target_identifier         ? 
# 
loop_
_pdbx_entity_nonpoly.entity_id 
_pdbx_entity_nonpoly.name 
_pdbx_entity_nonpoly.comp_id 
2 
;N-[N'-BENZYLOXYCARBONYL-PHENYLALANINYL]-3-AMINO-5-PHENYL-PENTANE-1-SULFONIC ACID PHENYL ESTER
;
VSC 
3 water                                                                                           HOH 
# 
loop_
_entity_poly_seq.entity_id 
_entity_poly_seq.num 
_entity_poly_seq.mon_id 
_entity_poly_seq.hetero 
1 1   ALA n 
1 2   PRO n 
1 3   ALA n 
1 4   ALA n 
1 5   VAL n 
1 6   ASP n 
1 7   TRP n 
1 8   ARG n 
1 9   ALA n 
1 10  ARG n 
1 11  GLY n 
1 12  ALA n 
1 13  VAL n 
1 14  THR n 
1 15  ALA n 
1 16  VAL n 
1 17  LYS n 
1 18  ASP n 
1 19  GLN n 
1 20  GLY n 
1 21  GLN n 
1 22  CYS n 
1 23  GLY n 
1 24  SER n 
1 25  CYS n 
1 26  TRP n 
1 27  ALA n 
1 28  PHE n 
1 29  SER n 
1 30  ALA n 
1 31  ILE n 
1 32  GLY n 
1 33  ASN n 
1 34  VAL n 
1 35  GLU n 
1 36  CYS n 
1 37  GLN n 
1 38  TRP n 
1 39  PHE n 
1 40  LEU n 
1 41  ALA n 
1 42  GLY n 
1 43  HIS n 
1 44  PRO n 
1 45  LEU n 
1 46  THR n 
1 47  ASN n 
1 48  LEU n 
1 49  SER n 
1 50  GLU n 
1 51  GLN n 
1 52  MET n 
1 53  LEU n 
1 54  VAL n 
1 55  SER n 
1 56  CYS n 
1 57  ASP n 
1 58  LYS n 
1 59  THR n 
1 60  ASP n 
1 61  SER n 
1 62  GLY n 
1 63  CYS n 
1 64  SER n 
1 65  GLY n 
1 66  GLY n 
1 67  LEU n 
1 68  MET n 
1 69  ASN n 
1 70  ASN n 
1 71  ALA n 
1 72  PHE n 
1 73  GLU n 
1 74  TRP n 
1 75  ILE n 
1 76  VAL n 
1 77  GLN n 
1 78  GLU n 
1 79  ASN n 
1 80  ASN n 
1 81  GLY n 
1 82  ALA n 
1 83  VAL n 
1 84  TYR n 
1 85  THR n 
1 86  GLU n 
1 87  ASP n 
1 88  SER n 
1 89  TYR n 
1 90  PRO n 
1 91  TYR n 
1 92  ALA n 
1 93  SER n 
1 94  GLY n 
1 95  GLU n 
1 96  GLY n 
1 97  ILE n 
1 98  SER n 
1 99  PRO n 
1 100 PRO n 
1 101 CYS n 
1 102 THR n 
1 103 THR n 
1 104 SER n 
1 105 GLY n 
1 106 HIS n 
1 107 THR n 
1 108 VAL n 
1 109 GLY n 
1 110 ALA n 
1 111 THR n 
1 112 ILE n 
1 113 THR n 
1 114 GLY n 
1 115 HIS n 
1 116 VAL n 
1 117 GLU n 
1 118 LEU n 
1 119 PRO n 
1 120 GLN n 
1 121 ASP n 
1 122 GLU n 
1 123 ALA n 
1 124 GLN n 
1 125 ILE n 
1 126 ALA n 
1 127 ALA n 
1 128 TRP n 
1 129 LEU n 
1 130 ALA n 
1 131 VAL n 
1 132 ASN n 
1 133 GLY n 
1 134 PRO n 
1 135 VAL n 
1 136 ALA n 
1 137 VAL n 
1 138 ALA n 
1 139 VAL n 
1 140 ASP n 
1 141 ALA n 
1 142 SER n 
1 143 SER n 
1 144 TRP n 
1 145 MET n 
1 146 THR n 
1 147 TYR n 
1 148 THR n 
1 149 GLY n 
1 150 GLY n 
1 151 VAL n 
1 152 MET n 
1 153 THR n 
1 154 SER n 
1 155 CYS n 
1 156 VAL n 
1 157 SER n 
1 158 GLU n 
1 159 GLN n 
1 160 LEU n 
1 161 ASP n 
1 162 HIS n 
1 163 GLY n 
1 164 VAL n 
1 165 LEU n 
1 166 LEU n 
1 167 VAL n 
1 168 GLY n 
1 169 TYR n 
1 170 ASN n 
1 171 ASP n 
1 172 SER n 
1 173 ALA n 
1 174 ALA n 
1 175 VAL n 
1 176 PRO n 
1 177 TYR n 
1 178 TRP n 
1 179 ILE n 
1 180 ILE n 
1 181 LYS n 
1 182 ASN n 
1 183 SER n 
1 184 TRP n 
1 185 THR n 
1 186 THR n 
1 187 GLN n 
1 188 TRP n 
1 189 GLY n 
1 190 GLU n 
1 191 GLU n 
1 192 GLY n 
1 193 TYR n 
1 194 ILE n 
1 195 ARG n 
1 196 ILE n 
1 197 ALA n 
1 198 LYS n 
1 199 GLY n 
1 200 SER n 
1 201 ASN n 
1 202 GLN n 
1 203 CYS n 
1 204 LEU n 
1 205 VAL n 
1 206 LYS n 
1 207 GLU n 
1 208 GLU n 
1 209 ALA n 
1 210 SER n 
1 211 SER n 
1 212 ALA n 
1 213 VAL n 
1 214 VAL n 
1 215 GLY n 
# 
_entity_src_gen.entity_id                          1 
_entity_src_gen.pdbx_src_id                        1 
_entity_src_gen.pdbx_alt_source_flag               sample 
_entity_src_gen.pdbx_seq_type                      ? 
_entity_src_gen.pdbx_beg_seq_num                   ? 
_entity_src_gen.pdbx_end_seq_num                   ? 
_entity_src_gen.gene_src_common_name               ? 
_entity_src_gen.gene_src_genus                     Trypanosoma 
_entity_src_gen.pdbx_gene_src_gene                 ? 
_entity_src_gen.gene_src_species                   ? 
_entity_src_gen.gene_src_strain                    ? 
_entity_src_gen.gene_src_tissue                    ? 
_entity_src_gen.gene_src_tissue_fraction           ? 
_entity_src_gen.gene_src_details                   ? 
_entity_src_gen.pdbx_gene_src_fragment             ? 
_entity_src_gen.pdbx_gene_src_scientific_name      'Trypanosoma cruzi' 
_entity_src_gen.pdbx_gene_src_ncbi_taxonomy_id     5693 
_entity_src_gen.pdbx_gene_src_variant              ? 
_entity_src_gen.pdbx_gene_src_cell_line            ? 
_entity_src_gen.pdbx_gene_src_atcc                 ? 
_entity_src_gen.pdbx_gene_src_organ                ? 
_entity_src_gen.pdbx_gene_src_organelle            ? 
_entity_src_gen.pdbx_gene_src_cell                 ? 
_entity_src_gen.pdbx_gene_src_cellular_location    ? 
_entity_src_gen.host_org_common_name               ? 
_entity_src_gen.pdbx_host_org_scientific_name      'Escherichia coli' 
_entity_src_gen.pdbx_host_org_ncbi_taxonomy_id     562 
_entity_src_gen.host_org_genus                     Escherichia 
_entity_src_gen.pdbx_host_org_gene                 ? 
_entity_src_gen.pdbx_host_org_organ                ? 
_entity_src_gen.host_org_species                   ? 
_entity_src_gen.pdbx_host_org_tissue               ? 
_entity_src_gen.pdbx_host_org_tissue_fraction      ? 
_entity_src_gen.pdbx_host_org_strain               DH5ALPHA 
_entity_src_gen.pdbx_host_org_variant              ? 
_entity_src_gen.pdbx_host_org_cell_line            ? 
_entity_src_gen.pdbx_host_org_atcc                 ? 
_entity_src_gen.pdbx_host_org_culture_collection   ? 
_entity_src_gen.pdbx_host_org_cell                 ? 
_entity_src_gen.pdbx_host_org_organelle            ? 
_entity_src_gen.pdbx_host_org_cellular_location    ? 
_entity_src_gen.pdbx_host_org_vector_type          ? 
_entity_src_gen.pdbx_host_org_vector               ? 
_entity_src_gen.host_org_details                   ? 
_entity_src_gen.expression_system_id               ? 
_entity_src_gen.plasmid_name                       CHEY 
_entity_src_gen.plasmid_details                    ? 
_entity_src_gen.pdbx_description                   ? 
# 
loop_
_chem_comp.id 
_chem_comp.type 
_chem_comp.mon_nstd_flag 
_chem_comp.name 
_chem_comp.pdbx_synonyms 
_chem_comp.formula 
_chem_comp.formula_weight 
ALA 'L-peptide linking' y ALANINE                                                                                         ?       
'C3 H7 N O2'      89.093  
ARG 'L-peptide linking' y ARGININE                                                                                        ?       
'C6 H15 N4 O2 1'  175.209 
ASN 'L-peptide linking' y ASPARAGINE                                                                                      ?       
'C4 H8 N2 O3'     132.118 
ASP 'L-peptide linking' y 'ASPARTIC ACID'                                                                                 ?       
'C4 H7 N O4'      133.103 
CYS 'L-peptide linking' y CYSTEINE                                                                                        ?       
'C3 H7 N O2 S'    121.158 
GLN 'L-peptide linking' y GLUTAMINE                                                                                       ?       
'C5 H10 N2 O3'    146.144 
GLU 'L-peptide linking' y 'GLUTAMIC ACID'                                                                                 ?       
'C5 H9 N O4'      147.129 
GLY 'peptide linking'   y GLYCINE                                                                                         ?       
'C2 H5 N O2'      75.067  
HIS 'L-peptide linking' y HISTIDINE                                                                                       ?       
'C6 H10 N3 O2 1'  156.162 
HOH non-polymer         . WATER                                                                                           ?       
'H2 O'            18.015  
ILE 'L-peptide linking' y ISOLEUCINE                                                                                      ?       
'C6 H13 N O2'     131.173 
LEU 'L-peptide linking' y LEUCINE                                                                                         ?       
'C6 H13 N O2'     131.173 
LYS 'L-peptide linking' y LYSINE                                                                                          ?       
'C6 H15 N2 O2 1'  147.195 
MET 'L-peptide linking' y METHIONINE                                                                                      ?       
'C5 H11 N O2 S'   149.211 
PHE 'L-peptide linking' y PHENYLALANINE                                                                                   ?       
'C9 H11 N O2'     165.189 
PRO 'L-peptide linking' y PROLINE                                                                                         ?       
'C5 H9 N O2'      115.130 
SER 'L-peptide linking' y SERINE                                                                                          ?       
'C3 H7 N O3'      105.093 
THR 'L-peptide linking' y THREONINE                                                                                       ?       
'C4 H9 N O3'      119.119 
TRP 'L-peptide linking' y TRYPTOPHAN                                                                                      ?       
'C11 H12 N2 O2'   204.225 
TYR 'L-peptide linking' y TYROSINE                                                                                        ?       
'C9 H11 N O3'     181.189 
VAL 'L-peptide linking' y VALINE                                                                                          ?       
'C5 H11 N O2'     117.146 
VSC peptide-like        . 
;N-[N'-BENZYLOXYCARBONYL-PHENYLALANINYL]-3-AMINO-5-PHENYL-PENTANE-1-SULFONIC ACID PHENYL ESTER
;
WRR-204 'C34 H36 N2 O6 S' 600.724 
# 
loop_
_pdbx_poly_seq_scheme.asym_id 
_pdbx_poly_seq_scheme.entity_id 
_pdbx_poly_seq_scheme.seq_id 
_pdbx_poly_seq_scheme.mon_id 
_pdbx_poly_seq_scheme.ndb_seq_num 
_pdbx_poly_seq_scheme.pdb_seq_num 
_pdbx_poly_seq_scheme.auth_seq_num 
_pdbx_poly_seq_scheme.pdb_mon_id 
_pdbx_poly_seq_scheme.auth_mon_id 
_pdbx_poly_seq_scheme.pdb_strand_id 
_pdbx_poly_seq_scheme.pdb_ins_code 
_pdbx_poly_seq_scheme.hetero 
A 1 1   ALA 1   1   1   ALA ALA A . n 
A 1 2   PRO 2   2   2   PRO PRO A . n 
A 1 3   ALA 3   3   3   ALA ALA A . n 
A 1 4   ALA 4   4   4   ALA ALA A . n 
A 1 5   VAL 5   5   5   VAL VAL A . n 
A 1 6   ASP 6   6   6   ASP ASP A . n 
A 1 7   TRP 7   7   7   TRP TRP A . n 
A 1 8   ARG 8   8   8   ARG ARG A . n 
A 1 9   ALA 9   9   9   ALA ALA A . n 
A 1 10  ARG 10  10  10  ARG ARG A . n 
A 1 11  GLY 11  11  11  GLY GLY A . n 
A 1 12  ALA 12  12  12  ALA ALA A . n 
A 1 13  VAL 13  13  13  VAL VAL A . n 
A 1 14  THR 14  14  14  THR THR A . n 
A 1 15  ALA 15  15  15  ALA ALA A . n 
A 1 16  VAL 16  16  16  VAL VAL A . n 
A 1 17  LYS 17  17  17  LYS LYS A . n 
A 1 18  ASP 18  18  18  ASP ASP A . n 
A 1 19  GLN 19  19  19  GLN GLN A . n 
A 1 20  GLY 20  20  20  GLY GLY A . n 
A 1 21  GLN 21  21  21  GLN GLN A . n 
A 1 22  CYS 22  22  22  CYS CYS A . n 
A 1 23  GLY 23  23  23  GLY GLY A . n 
A 1 24  SER 24  24  24  SER SER A . n 
A 1 25  CYS 25  25  25  CYS CYS A . n 
A 1 26  TRP 26  26  26  TRP TRP A . n 
A 1 27  ALA 27  27  27  ALA ALA A . n 
A 1 28  PHE 28  28  28  PHE PHE A . n 
A 1 29  SER 29  29  29  SER SER A . n 
A 1 30  ALA 30  30  30  ALA ALA A . n 
A 1 31  ILE 31  31  31  ILE ILE A . n 
A 1 32  GLY 32  32  32  GLY GLY A . n 
A 1 33  ASN 33  33  33  ASN ASN A . n 
A 1 34  VAL 34  34  34  VAL VAL A . n 
A 1 35  GLU 35  35  35  GLU GLU A . n 
A 1 36  CYS 36  36  36  CYS CYS A . n 
A 1 37  GLN 37  37  37  GLN GLN A . n 
A 1 38  TRP 38  38  38  TRP TRP A . n 
A 1 39  PHE 39  39  39  PHE PHE A . n 
A 1 40  LEU 40  40  40  LEU LEU A . n 
A 1 41  ALA 41  41  41  ALA ALA A . n 
A 1 42  GLY 42  42  42  GLY GLY A . n 
A 1 43  HIS 43  43  43  HIS HIS A . n 
A 1 44  PRO 44  44  44  PRO PRO A . n 
A 1 45  LEU 45  45  45  LEU LEU A . n 
A 1 46  THR 46  46  46  THR THR A . n 
A 1 47  ASN 47  47  47  ASN ASN A . n 
A 1 48  LEU 48  48  48  LEU LEU A . n 
A 1 49  SER 49  49  49  SER SER A . n 
A 1 50  GLU 50  50  50  GLU GLU A . n 
A 1 51  GLN 51  51  51  GLN GLN A . n 
A 1 52  MET 52  52  52  MET MET A . n 
A 1 53  LEU 53  53  53  LEU LEU A . n 
A 1 54  VAL 54  54  54  VAL VAL A . n 
A 1 55  SER 55  55  55  SER SER A . n 
A 1 56  CYS 56  56  56  CYS CYS A . n 
A 1 57  ASP 57  57  57  ASP ASP A . n 
A 1 58  LYS 58  58  58  LYS LYS A . n 
A 1 59  THR 59  59  59  THR THR A . n 
A 1 60  ASP 60  60  60  ASP ASP A . n 
A 1 61  SER 61  61  61  SER SER A . n 
A 1 62  GLY 62  62  62  GLY GLY A . n 
A 1 63  CYS 63  63  63  CYS CYS A . n 
A 1 64  SER 64  64  64  SER SER A . n 
A 1 65  GLY 65  65  65  GLY GLY A . n 
A 1 66  GLY 66  66  66  GLY GLY A . n 
A 1 67  LEU 67  67  67  LEU LEU A . n 
A 1 68  MET 68  68  68  MET MET A . n 
A 1 69  ASN 69  69  69  ASN ASN A . n 
A 1 70  ASN 70  70  70  ASN ASN A . n 
A 1 71  ALA 71  71  71  ALA ALA A . n 
A 1 72  PHE 72  72  72  PHE PHE A . n 
A 1 73  GLU 73  73  73  GLU GLU A . n 
A 1 74  TRP 74  74  74  TRP TRP A . n 
A 1 75  ILE 75  75  75  ILE ILE A . n 
A 1 76  VAL 76  76  76  VAL VAL A . n 
A 1 77  GLN 77  77  77  GLN GLN A . n 
A 1 78  GLU 78  78  78  GLU GLU A . n 
A 1 79  ASN 79  78  78  ASN ASN A A n 
A 1 80  ASN 80  78  78  ASN ASN A B n 
A 1 81  GLY 81  78  78  GLY GLY A C n 
A 1 82  ALA 82  79  79  ALA ALA A . n 
A 1 83  VAL 83  80  80  VAL VAL A . n 
A 1 84  TYR 84  81  81  TYR TYR A . n 
A 1 85  THR 85  82  82  THR THR A . n 
A 1 86  GLU 86  83  83  GLU GLU A . n 
A 1 87  ASP 87  84  84  ASP ASP A . n 
A 1 88  SER 88  85  85  SER SER A . n 
A 1 89  TYR 89  86  86  TYR TYR A . n 
A 1 90  PRO 90  87  87  PRO PRO A . n 
A 1 91  TYR 91  88  88  TYR TYR A . n 
A 1 92  ALA 92  89  89  ALA ALA A . n 
A 1 93  SER 93  89  89  SER SER A A n 
A 1 94  GLY 94  89  89  GLY GLY A B n 
A 1 95  GLU 95  89  89  GLU GLU A C n 
A 1 96  GLY 96  90  90  GLY GLY A . n 
A 1 97  ILE 97  91  91  ILE ILE A . n 
A 1 98  SER 98  92  92  SER SER A . n 
A 1 99  PRO 99  93  93  PRO PRO A . n 
A 1 100 PRO 100 94  94  PRO PRO A . n 
A 1 101 CYS 101 95  95  CYS CYS A . n 
A 1 102 THR 102 96  96  THR THR A . n 
A 1 103 THR 103 97  97  THR THR A . n 
A 1 104 SER 104 98  98  SER SER A . n 
A 1 105 GLY 105 99  99  GLY GLY A . n 
A 1 106 HIS 106 100 100 HIS HIS A . n 
A 1 107 THR 107 101 101 THR THR A . n 
A 1 108 VAL 108 102 102 VAL VAL A . n 
A 1 109 GLY 109 103 103 GLY GLY A . n 
A 1 110 ALA 110 105 105 ALA ALA A . n 
A 1 111 THR 111 106 106 THR THR A . n 
A 1 112 ILE 112 107 107 ILE ILE A . n 
A 1 113 THR 113 108 108 THR THR A . n 
A 1 114 GLY 114 109 109 GLY GLY A . n 
A 1 115 HIS 115 110 110 HIS HIS A . n 
A 1 116 VAL 116 111 111 VAL VAL A . n 
A 1 117 GLU 117 112 112 GLU GLU A . n 
A 1 118 LEU 118 113 113 LEU LEU A . n 
A 1 119 PRO 119 114 114 PRO PRO A . n 
A 1 120 GLN 120 115 115 GLN GLN A . n 
A 1 121 ASP 121 116 116 ASP ASP A . n 
A 1 122 GLU 122 117 117 GLU GLU A . n 
A 1 123 ALA 123 118 118 ALA ALA A . n 
A 1 124 GLN 124 119 119 GLN GLN A . n 
A 1 125 ILE 125 120 120 ILE ILE A . n 
A 1 126 ALA 126 121 121 ALA ALA A . n 
A 1 127 ALA 127 122 122 ALA ALA A . n 
A 1 128 TRP 128 123 123 TRP TRP A . n 
A 1 129 LEU 129 124 124 LEU LEU A . n 
A 1 130 ALA 130 125 125 ALA ALA A . n 
A 1 131 VAL 131 126 126 VAL VAL A . n 
A 1 132 ASN 132 127 127 ASN ASN A . n 
A 1 133 GLY 133 128 128 GLY GLY A . n 
A 1 134 PRO 134 129 129 PRO PRO A . n 
A 1 135 VAL 135 130 130 VAL VAL A . n 
A 1 136 ALA 136 131 131 ALA ALA A . n 
A 1 137 VAL 137 132 132 VAL VAL A . n 
A 1 138 ALA 138 133 133 ALA ALA A . n 
A 1 139 VAL 139 134 134 VAL VAL A . n 
A 1 140 ASP 140 135 135 ASP ASP A . n 
A 1 141 ALA 141 136 136 ALA ALA A . n 
A 1 142 SER 142 139 139 SER SER A . n 
A 1 143 SER 143 140 140 SER SER A . n 
A 1 144 TRP 144 141 141 TRP TRP A . n 
A 1 145 MET 145 142 142 MET MET A . n 
A 1 146 THR 146 143 143 THR THR A . n 
A 1 147 TYR 147 144 144 TYR TYR A . n 
A 1 148 THR 148 145 145 THR THR A . n 
A 1 149 GLY 149 146 146 GLY GLY A . n 
A 1 150 GLY 150 147 147 GLY GLY A . n 
A 1 151 VAL 151 148 148 VAL VAL A . n 
A 1 152 MET 152 149 149 MET MET A . n 
A 1 153 THR 153 151 151 THR THR A . n 
A 1 154 SER 154 152 152 SER SER A . n 
A 1 155 CYS 155 153 153 CYS CYS A . n 
A 1 156 VAL 156 154 154 VAL VAL A . n 
A 1 157 SER 157 155 155 SER SER A . n 
A 1 158 GLU 158 156 156 GLU GLU A . n 
A 1 159 GLN 159 156 156 GLN GLN A A n 
A 1 160 LEU 160 157 157 LEU LEU A . n 
A 1 161 ASP 161 158 158 ASP ASP A . n 
A 1 162 HIS 162 159 159 HIS HIS A . n 
A 1 163 GLY 163 160 160 GLY GLY A . n 
A 1 164 VAL 164 161 161 VAL VAL A . n 
A 1 165 LEU 165 162 162 LEU LEU A . n 
A 1 166 LEU 166 163 163 LEU LEU A . n 
A 1 167 VAL 167 164 164 VAL VAL A . n 
A 1 168 GLY 168 165 165 GLY GLY A . n 
A 1 169 TYR 169 166 166 TYR TYR A . n 
A 1 170 ASN 170 167 167 ASN ASN A . n 
A 1 171 ASP 171 167 167 ASP ASP A A n 
A 1 172 SER 172 167 167 SER SER A B n 
A 1 173 ALA 173 167 167 ALA ALA A C n 
A 1 174 ALA 174 167 167 ALA ALA A D n 
A 1 175 VAL 175 168 168 VAL VAL A . n 
A 1 176 PRO 176 169 169 PRO PRO A . n 
A 1 177 TYR 177 170 170 TYR TYR A . n 
A 1 178 TRP 178 171 171 TRP TRP A . n 
A 1 179 ILE 179 172 172 ILE ILE A . n 
A 1 180 ILE 180 173 173 ILE ILE A . n 
A 1 181 LYS 181 174 174 LYS LYS A . n 
A 1 182 ASN 182 175 175 ASN ASN A . n 
A 1 183 SER 183 176 176 SER SER A . n 
A 1 184 TRP 184 177 177 TRP TRP A . n 
A 1 185 THR 185 178 178 THR THR A . n 
A 1 186 THR 186 179 179 THR THR A . n 
A 1 187 GLN 187 180 180 GLN GLN A . n 
A 1 188 TRP 188 181 181 TRP TRP A . n 
A 1 189 GLY 189 182 182 GLY GLY A . n 
A 1 190 GLU 190 183 183 GLU GLU A . n 
A 1 191 GLU 191 184 184 GLU GLU A . n 
A 1 192 GLY 192 185 185 GLY GLY A . n 
A 1 193 TYR 193 186 186 TYR TYR A . n 
A 1 194 ILE 194 187 187 ILE ILE A . n 
A 1 195 ARG 195 188 188 ARG ARG A . n 
A 1 196 ILE 196 189 189 ILE ILE A . n 
A 1 197 ALA 197 190 190 ALA ALA A . n 
A 1 198 LYS 198 191 191 LYS LYS A . n 
A 1 199 GLY 199 192 192 GLY GLY A . n 
A 1 200 SER 200 193 193 SER SER A . n 
A 1 201 ASN 201 198 198 ASN ASN A . n 
A 1 202 GLN 202 199 199 GLN GLN A . n 
A 1 203 CYS 203 200 200 CYS CYS A . n 
A 1 204 LEU 204 201 201 LEU LEU A . n 
A 1 205 VAL 205 202 202 VAL VAL A . n 
A 1 206 LYS 206 203 203 LYS LYS A . n 
A 1 207 GLU 207 204 204 GLU GLU A . n 
A 1 208 GLU 208 205 205 GLU GLU A . n 
A 1 209 ALA 209 206 206 ALA ALA A . n 
A 1 210 SER 210 207 207 SER SER A . n 
A 1 211 SER 211 208 208 SER SER A . n 
A 1 212 ALA 212 209 209 ALA ALA A . n 
A 1 213 VAL 213 210 210 VAL VAL A . n 
A 1 214 VAL 214 211 211 VAL VAL A . n 
A 1 215 GLY 215 212 212 GLY GLY A . n 
# 
loop_
_pdbx_nonpoly_scheme.asym_id 
_pdbx_nonpoly_scheme.entity_id 
_pdbx_nonpoly_scheme.mon_id 
_pdbx_nonpoly_scheme.ndb_seq_num 
_pdbx_nonpoly_scheme.pdb_seq_num 
_pdbx_nonpoly_scheme.auth_seq_num 
_pdbx_nonpoly_scheme.pdb_mon_id 
_pdbx_nonpoly_scheme.auth_mon_id 
_pdbx_nonpoly_scheme.pdb_strand_id 
_pdbx_nonpoly_scheme.pdb_ins_code 
B 2 VSC 1  280 280 VSC VSC A . 
C 3 HOH 1  281 1   HOH WAT A . 
C 3 HOH 2  282 2   HOH WAT A . 
C 3 HOH 3  283 3   HOH WAT A . 
C 3 HOH 4  284 4   HOH WAT A . 
C 3 HOH 5  285 5   HOH WAT A . 
C 3 HOH 6  286 6   HOH WAT A . 
C 3 HOH 7  287 7   HOH WAT A . 
C 3 HOH 8  288 8   HOH WAT A . 
C 3 HOH 9  289 9   HOH WAT A . 
C 3 HOH 10 290 10  HOH WAT A . 
C 3 HOH 11 291 11  HOH WAT A . 
C 3 HOH 12 292 12  HOH WAT A . 
C 3 HOH 13 293 13  HOH WAT A . 
C 3 HOH 14 294 14  HOH WAT A . 
C 3 HOH 15 295 15  HOH WAT A . 
C 3 HOH 16 296 16  HOH WAT A . 
C 3 HOH 17 297 17  HOH WAT A . 
C 3 HOH 18 298 18  HOH WAT A . 
C 3 HOH 19 299 19  HOH WAT A . 
C 3 HOH 20 300 20  HOH WAT A . 
C 3 HOH 21 301 21  HOH WAT A . 
C 3 HOH 22 302 22  HOH WAT A . 
C 3 HOH 23 303 23  HOH WAT A . 
C 3 HOH 24 304 24  HOH WAT A . 
C 3 HOH 25 305 25  HOH WAT A . 
C 3 HOH 26 306 26  HOH WAT A . 
C 3 HOH 27 307 27  HOH WAT A . 
C 3 HOH 28 308 28  HOH WAT A . 
C 3 HOH 29 309 29  HOH WAT A . 
C 3 HOH 30 310 30  HOH WAT A . 
C 3 HOH 31 311 31  HOH WAT A . 
C 3 HOH 32 312 32  HOH WAT A . 
C 3 HOH 33 313 33  HOH WAT A . 
C 3 HOH 34 314 34  HOH WAT A . 
C 3 HOH 35 315 35  HOH WAT A . 
C 3 HOH 36 316 36  HOH WAT A . 
C 3 HOH 37 317 37  HOH WAT A . 
C 3 HOH 38 318 38  HOH WAT A . 
# 
loop_
_pdbx_unobs_or_zero_occ_atoms.id 
_pdbx_unobs_or_zero_occ_atoms.PDB_model_num 
_pdbx_unobs_or_zero_occ_atoms.polymer_flag 
_pdbx_unobs_or_zero_occ_atoms.occupancy_flag 
_pdbx_unobs_or_zero_occ_atoms.auth_asym_id 
_pdbx_unobs_or_zero_occ_atoms.auth_comp_id 
_pdbx_unobs_or_zero_occ_atoms.auth_seq_id 
_pdbx_unobs_or_zero_occ_atoms.PDB_ins_code 
_pdbx_unobs_or_zero_occ_atoms.auth_atom_id 
_pdbx_unobs_or_zero_occ_atoms.label_alt_id 
_pdbx_unobs_or_zero_occ_atoms.label_asym_id 
_pdbx_unobs_or_zero_occ_atoms.label_comp_id 
_pdbx_unobs_or_zero_occ_atoms.label_seq_id 
_pdbx_unobs_or_zero_occ_atoms.label_atom_id 
1 1 N 1 A VSC 280 ? C36 ? B VSC 1 C36 
2 1 N 1 A VSC 280 ? C37 ? B VSC 1 C37 
3 1 N 1 A VSC 280 ? C38 ? B VSC 1 C38 
4 1 N 1 A VSC 280 ? C39 ? B VSC 1 C39 
5 1 N 1 A VSC 280 ? C40 ? B VSC 1 C40 
6 1 N 1 A VSC 280 ? C41 ? B VSC 1 C41 
# 
loop_
_software.name 
_software.classification 
_software.version 
_software.citation_id 
_software.pdbx_ordinal 
DENZO     'data reduction' .     ? 1 
SCALEPACK 'data scaling'   .     ? 2 
AMoRE     phasing          .     ? 3 
X-PLOR    refinement       3.843 ? 4 
# 
_cell.entry_id           1EWO 
_cell.length_a           45.206 
_cell.length_b           51.551 
_cell.length_c           45.511 
_cell.angle_alpha        90.00 
_cell.angle_beta         116.13 
_cell.angle_gamma        90.00 
_cell.Z_PDB              2 
_cell.pdbx_unique_axis   ? 
_cell.length_a_esd       ? 
_cell.length_b_esd       ? 
_cell.length_c_esd       ? 
_cell.angle_alpha_esd    ? 
_cell.angle_beta_esd     ? 
_cell.angle_gamma_esd    ? 
# 
_symmetry.entry_id                         1EWO 
_symmetry.space_group_name_H-M             'P 1 21 1' 
_symmetry.pdbx_full_space_group_name_H-M   ? 
_symmetry.cell_setting                     ? 
_symmetry.Int_Tables_number                4 
_symmetry.space_group_name_Hall            ? 
# 
_exptl.entry_id          1EWO 
_exptl.method            'X-RAY DIFFRACTION' 
_exptl.crystals_number   1 
# 
_exptl_crystal.id                    1 
_exptl_crystal.density_meas          ? 
_exptl_crystal.density_percent_sol   41.29 
_exptl_crystal.density_Matthews      2.10 
_exptl_crystal.description           ? 
_exptl_crystal.F_000                 ? 
_exptl_crystal.preparation           ? 
# 
_exptl_crystal_grow.crystal_id      1 
_exptl_crystal_grow.method          'VAPOR DIFFUSION, HANGING DROP' 
_exptl_crystal_grow.pH              7.0 
_exptl_crystal_grow.temp            292 
_exptl_crystal_grow.temp_details    ? 
_exptl_crystal_grow.pdbx_details    '0.8M NaCitrate, pH 7.0, VAPOR DIFFUSION, HANGING DROP, temperature 292K' 
_exptl_crystal_grow.pdbx_pH_range   ? 
# 
_diffrn.id                     1 
_diffrn.ambient_temp           298 
_diffrn.ambient_temp_details   ? 
_diffrn.crystal_id             1 
# 
_diffrn_detector.diffrn_id              1 
_diffrn_detector.detector               'IMAGE PLATE' 
_diffrn_detector.type                   'RIGAKU RAXIS IV' 
_diffrn_detector.pdbx_collection_date   1997-10-14 
_diffrn_detector.details                ? 
# 
_diffrn_radiation.diffrn_id                        1 
_diffrn_radiation.wavelength_id                    1 
_diffrn_radiation.monochromator                    ? 
_diffrn_radiation.pdbx_monochromatic_or_laue_m_l   M 
_diffrn_radiation.pdbx_diffrn_protocol             'SINGLE WAVELENGTH' 
_diffrn_radiation.pdbx_scattering_type             x-ray 
# 
_diffrn_radiation_wavelength.id           1 
_diffrn_radiation_wavelength.wavelength   1.5418 
_diffrn_radiation_wavelength.wt           1.0 
# 
_diffrn_source.diffrn_id                   1 
_diffrn_source.source                      'ROTATING ANODE' 
_diffrn_source.type                        'RIGAKU RU200' 
_diffrn_source.pdbx_wavelength             1.5418 
_diffrn_source.pdbx_synchrotron_site       ? 
_diffrn_source.pdbx_synchrotron_beamline   ? 
_diffrn_source.pdbx_wavelength_list        ? 
# 
_reflns.entry_id                     1EWO 
_reflns.observed_criterion_sigma_I   -3.0 
_reflns.observed_criterion_sigma_F   0 
_reflns.d_resolution_low             30 
_reflns.d_resolution_high            2.1 
_reflns.number_obs                   10544 
_reflns.number_all                   10544 
_reflns.percent_possible_obs         92.2 
_reflns.pdbx_Rmerge_I_obs            0.077 
_reflns.pdbx_Rsym_value              ? 
_reflns.pdbx_netI_over_sigmaI        7.2 
_reflns.B_iso_Wilson_estimate        7.2 
_reflns.pdbx_redundancy              2.1 
_reflns.R_free_details               ? 
_reflns.limit_h_max                  ? 
_reflns.limit_h_min                  ? 
_reflns.limit_k_max                  ? 
_reflns.limit_k_min                  ? 
_reflns.limit_l_max                  ? 
_reflns.limit_l_min                  ? 
_reflns.observed_criterion_F_max     ? 
_reflns.observed_criterion_F_min     ? 
_reflns.pdbx_chi_squared             ? 
_reflns.pdbx_scaling_rejects         ? 
_reflns.pdbx_ordinal                 1 
_reflns.pdbx_diffrn_id               1 
# 
_reflns_shell.d_res_high             2.10 
_reflns_shell.d_res_low              2.18 
_reflns_shell.percent_possible_obs   ? 
_reflns_shell.percent_possible_all   90.6 
_reflns_shell.Rmerge_I_obs           0.197 
_reflns_shell.meanI_over_sigI_obs    ? 
_reflns_shell.pdbx_Rsym_value        ? 
_reflns_shell.pdbx_redundancy        2.1 
_reflns_shell.number_unique_all      997 
_reflns_shell.number_measured_all    ? 
_reflns_shell.number_measured_obs    ? 
_reflns_shell.number_unique_obs      ? 
_reflns_shell.pdbx_chi_squared       ? 
_reflns_shell.pdbx_ordinal           1 
_reflns_shell.pdbx_diffrn_id         1 
# 
_refine.entry_id                                 1EWO 
_refine.ls_number_reflns_obs                     10544 
_refine.ls_number_reflns_all                     10544 
_refine.pdbx_ls_sigma_I                          0 
_refine.pdbx_ls_sigma_F                          0.0 
_refine.pdbx_data_cutoff_high_absF               10000000.00 
_refine.pdbx_data_cutoff_low_absF                0.00 
_refine.ls_d_res_low                             30.00 
_refine.ls_d_res_high                            2.10 
_refine.ls_percent_reflns_obs                    95.0 
_refine.ls_R_factor_obs                          0.221 
_refine.ls_R_factor_all                          0.23 
_refine.ls_R_factor_R_work                       0.221 
_refine.ls_R_factor_R_free                       0.262 
_refine.ls_R_factor_R_free_error                 0.008 
_refine.ls_R_factor_R_free_error_details         ? 
_refine.ls_percent_reflns_R_free                 9.8 
_refine.ls_number_reflns_R_free                  1033 
_refine.ls_number_parameters                     ? 
_refine.ls_number_restraints                     ? 
_refine.occupancy_min                            ? 
_refine.occupancy_max                            ? 
_refine.B_iso_mean                               19.9 
_refine.aniso_B[1][1]                            0.00 
_refine.aniso_B[2][2]                            0.00 
_refine.aniso_B[3][3]                            0.00 
_refine.aniso_B[1][2]                            0.00 
_refine.aniso_B[1][3]                            0.00 
_refine.aniso_B[2][3]                            0.00 
_refine.solvent_model_details                    ? 
_refine.solvent_model_param_ksol                 ? 
_refine.solvent_model_param_bsol                 ? 
_refine.pdbx_ls_cross_valid_method               THROUGHOUT 
_refine.details                                  'parameters for VSC from moloc' 
_refine.pdbx_starting_model                      ? 
_refine.pdbx_method_to_determine_struct          ? 
_refine.pdbx_isotropic_thermal_model             RESTRAINED 
_refine.pdbx_stereochemistry_target_values       'Engh & Huber' 
_refine.pdbx_stereochem_target_val_spec_case     ? 
_refine.pdbx_R_Free_selection_details            RANDOM 
_refine.pdbx_overall_ESU_R_Free                  ? 
_refine.overall_SU_B                             ? 
_refine.ls_redundancy_reflns_obs                 ? 
_refine.B_iso_min                                ? 
_refine.B_iso_max                                ? 
_refine.overall_SU_ML                            ? 
_refine.pdbx_data_cutoff_high_rms_absF           ? 
_refine.correlation_coeff_Fo_to_Fc               ? 
_refine.correlation_coeff_Fo_to_Fc_free          ? 
_refine.pdbx_solvent_vdw_probe_radii             ? 
_refine.pdbx_solvent_ion_probe_radii             ? 
_refine.pdbx_solvent_shrinkage_radii             ? 
_refine.overall_SU_R_Cruickshank_DPI             ? 
_refine.overall_SU_R_free                        ? 
_refine.pdbx_refine_id                           'X-RAY DIFFRACTION' 
_refine.pdbx_overall_phase_error                 ? 
_refine.ls_wR_factor_R_free                      ? 
_refine.ls_wR_factor_R_work                      ? 
_refine.overall_FOM_free_R_set                   ? 
_refine.overall_FOM_work_R_set                   ? 
_refine.pdbx_overall_ESU_R                       ? 
_refine.pdbx_diffrn_id                           1 
_refine.pdbx_TLS_residual_ADP_flag               ? 
_refine.pdbx_overall_SU_R_free_Cruickshank_DPI   ? 
_refine.pdbx_overall_SU_R_Blow_DPI               ? 
_refine.pdbx_overall_SU_R_free_Blow_DPI          ? 
# 
_refine_analyze.entry_id                        1EWO 
_refine_analyze.Luzzati_coordinate_error_obs    0.28 
_refine_analyze.Luzzati_sigma_a_obs             0.32 
_refine_analyze.Luzzati_d_res_low_obs           5.00 
_refine_analyze.Luzzati_coordinate_error_free   0.34 
_refine_analyze.Luzzati_sigma_a_free            0.40 
_refine_analyze.Luzzati_d_res_low_free          ? 
_refine_analyze.number_disordered_residues      ? 
_refine_analyze.occupancy_sum_hydrogen          ? 
_refine_analyze.occupancy_sum_non_hydrogen      ? 
_refine_analyze.pdbx_Luzzati_d_res_high_obs     ? 
_refine_analyze.pdbx_refine_id                  'X-RAY DIFFRACTION' 
# 
_refine_hist.pdbx_refine_id                   'X-RAY DIFFRACTION' 
_refine_hist.cycle_id                         LAST 
_refine_hist.pdbx_number_atoms_protein        1593 
_refine_hist.pdbx_number_atoms_nucleic_acid   0 
_refine_hist.pdbx_number_atoms_ligand         37 
_refine_hist.number_atoms_solvent             38 
_refine_hist.number_atoms_total               1668 
_refine_hist.d_res_high                       2.10 
_refine_hist.d_res_low                        30.00 
# 
loop_
_refine_ls_restr.type 
_refine_ls_restr.dev_ideal 
_refine_ls_restr.dev_ideal_target 
_refine_ls_restr.weight 
_refine_ls_restr.number 
_refine_ls_restr.pdbx_refine_id 
_refine_ls_restr.pdbx_restraint_function 
x_bond_d           0.005 ? ? ? 'X-RAY DIFFRACTION' ? 
x_angle_deg        1.2   ? ? ? 'X-RAY DIFFRACTION' ? 
x_dihedral_angle_d 25.0  ? ? ? 'X-RAY DIFFRACTION' ? 
x_improper_angle_d 1.04  ? ? ? 'X-RAY DIFFRACTION' ? 
# 
_refine_ls_shell.pdbx_total_number_of_bins_used   6 
_refine_ls_shell.d_res_high                       2.10 
_refine_ls_shell.d_res_low                        2.23 
_refine_ls_shell.number_reflns_R_work             1522 
_refine_ls_shell.R_factor_R_work                  0.298 
_refine_ls_shell.percent_reflns_obs               91.9 
_refine_ls_shell.R_factor_R_free                  0.355 
_refine_ls_shell.R_factor_R_free_error            0.028 
_refine_ls_shell.percent_reflns_R_free            9.8 
_refine_ls_shell.number_reflns_R_free             166 
_refine_ls_shell.redundancy_reflns_obs            ? 
_refine_ls_shell.number_reflns_all                ? 
_refine_ls_shell.number_reflns_obs                ? 
_refine_ls_shell.pdbx_refine_id                   'X-RAY DIFFRACTION' 
_refine_ls_shell.R_factor_all                     ? 
# 
loop_
_pdbx_xplor_file.serial_no 
_pdbx_xplor_file.param_file 
_pdbx_xplor_file.topol_file 
_pdbx_xplor_file.pdbx_refine_id 
1 PARHCSDX.PRO TOPHCSDX.PRO 'X-RAY DIFFRACTION' 
2 PARAM19.SOL  TOPH19.SOL   'X-RAY DIFFRACTION' 
3 ?            VSC.TPX      'X-RAY DIFFRACTION' 
4 ?            VSC_VER2.TPX 'X-RAY DIFFRACTION' 
# 
_struct.entry_id                  1EWO 
_struct.title                     'THE CYSTEINE PROTEASE CRUZAIN BOUND TO WRR-204' 
_struct.pdbx_model_details        ? 
_struct.pdbx_CASP_flag            ? 
_struct.pdbx_model_type_details   ? 
# 
_struct_keywords.entry_id        1EWO 
_struct_keywords.pdbx_keywords   'HYDROLASE/HYDROLASE INHIBITOR' 
_struct_keywords.text            
'cysteine protease, drug design, covalent inhibitor, cruzipain, HYDROLASE-HYDROLASE INHIBITOR COMPLEX' 
# 
loop_
_struct_asym.id 
_struct_asym.pdbx_blank_PDB_chainid_flag 
_struct_asym.pdbx_modified 
_struct_asym.entity_id 
_struct_asym.details 
A N N 1 ? 
B N N 2 ? 
C N N 3 ? 
# 
_struct_ref.id                         1 
_struct_ref.db_code                    CYSP_TRYCR 
_struct_ref.db_name                    UNP 
_struct_ref.entity_id                  1 
_struct_ref.pdbx_db_accession          P25779 
_struct_ref.pdbx_align_begin           123 
_struct_ref.pdbx_seq_one_letter_code   
;APAAVDWRARGAVTAVKDQGQCGSCWAFSAIGNVECQWFLAGHPLTNLSEQMLVSCDKTDSGCSGGLMNNAFEWIVQENN
GAVYTEDSYPYASGEGISPPCTTSGHTVGATITGHVELPQDEAQIAAWLAVNGPVAVAVDASSWMTYTGGVMTSCVSEQL
DHGVLLVGYNDSAAVPYWIIKNSWTTQWGEEGYIRIAKGSNQCLVKEEASSAVVG
;
_struct_ref.pdbx_db_isoform            ? 
# 
_struct_ref_seq.align_id                      1 
_struct_ref_seq.ref_id                        1 
_struct_ref_seq.pdbx_PDB_id_code              1EWO 
_struct_ref_seq.pdbx_strand_id                A 
_struct_ref_seq.seq_align_beg                 1 
_struct_ref_seq.pdbx_seq_align_beg_ins_code   ? 
_struct_ref_seq.seq_align_end                 215 
_struct_ref_seq.pdbx_seq_align_end_ins_code   ? 
_struct_ref_seq.pdbx_db_accession             P25779 
_struct_ref_seq.db_align_beg                  123 
_struct_ref_seq.pdbx_db_align_beg_ins_code    ? 
_struct_ref_seq.db_align_end                  337 
_struct_ref_seq.pdbx_db_align_end_ins_code    ? 
_struct_ref_seq.pdbx_auth_seq_align_beg       1 
_struct_ref_seq.pdbx_auth_seq_align_end       212 
# 
_pdbx_struct_assembly.id                   1 
_pdbx_struct_assembly.details              author_defined_assembly 
_pdbx_struct_assembly.method_details       ? 
_pdbx_struct_assembly.oligomeric_details   monomeric 
_pdbx_struct_assembly.oligomeric_count     1 
# 
_pdbx_struct_assembly_gen.assembly_id       1 
_pdbx_struct_assembly_gen.oper_expression   1 
_pdbx_struct_assembly_gen.asym_id_list      A,B,C 
# 
_pdbx_struct_oper_list.id                   1 
_pdbx_struct_oper_list.type                 'identity operation' 
_pdbx_struct_oper_list.name                 1_555 
_pdbx_struct_oper_list.symmetry_operation   x,y,z 
_pdbx_struct_oper_list.matrix[1][1]         1.0000000000 
_pdbx_struct_oper_list.matrix[1][2]         0.0000000000 
_pdbx_struct_oper_list.matrix[1][3]         0.0000000000 
_pdbx_struct_oper_list.vector[1]            0.0000000000 
_pdbx_struct_oper_list.matrix[2][1]         0.0000000000 
_pdbx_struct_oper_list.matrix[2][2]         1.0000000000 
_pdbx_struct_oper_list.matrix[2][3]         0.0000000000 
_pdbx_struct_oper_list.vector[2]            0.0000000000 
_pdbx_struct_oper_list.matrix[3][1]         0.0000000000 
_pdbx_struct_oper_list.matrix[3][2]         0.0000000000 
_pdbx_struct_oper_list.matrix[3][3]         1.0000000000 
_pdbx_struct_oper_list.vector[3]            0.0000000000 
# 
_struct_biol.id        1 
_struct_biol.details   ? 
# 
loop_
_struct_conf.conf_type_id 
_struct_conf.id 
_struct_conf.pdbx_PDB_helix_id 
_struct_conf.beg_label_comp_id 
_struct_conf.beg_label_asym_id 
_struct_conf.beg_label_seq_id 
_struct_conf.pdbx_beg_PDB_ins_code 
_struct_conf.end_label_comp_id 
_struct_conf.end_label_asym_id 
_struct_conf.end_label_seq_id 
_struct_conf.pdbx_end_PDB_ins_code 
_struct_conf.beg_auth_comp_id 
_struct_conf.beg_auth_asym_id 
_struct_conf.beg_auth_seq_id 
_struct_conf.end_auth_comp_id 
_struct_conf.end_auth_asym_id 
_struct_conf.end_auth_seq_id 
_struct_conf.pdbx_PDB_helix_class 
_struct_conf.details 
_struct_conf.pdbx_PDB_helix_length 
HELX_P HELX_P1 1 ARG A 8   ? GLY A 11  ? ARG A 8   GLY A 11  5 ? 4  
HELX_P HELX_P2 2 SER A 24  ? ALA A 41  ? SER A 24  ALA A 41  1 ? 18 
HELX_P HELX_P3 3 SER A 49  ? ASP A 57  ? SER A 49  ASP A 57  1 ? 9  
HELX_P HELX_P4 4 SER A 61  ? GLY A 65  ? SER A 61  GLY A 65  5 ? 5  
HELX_P HELX_P5 6 ASP A 121 ? GLY A 133 ? ASP A 116 GLY A 128 1 ? 13 
HELX_P HELX_P6 7 ALA A 141 ? TYR A 147 ? ALA A 136 TYR A 144 5 ? 7  
HELX_P HELX_P7 8 ASN A 201 ? VAL A 205 ? ASN A 198 VAL A 202 5 ? 5  
# 
_struct_conf_type.id          HELX_P 
_struct_conf_type.criteria    ? 
_struct_conf_type.reference   ? 
# 
loop_
_struct_conn.id 
_struct_conn.conn_type_id 
_struct_conn.pdbx_leaving_atom_flag 
_struct_conn.pdbx_PDB_id 
_struct_conn.ptnr1_label_asym_id 
_struct_conn.ptnr1_label_comp_id 
_struct_conn.ptnr1_label_seq_id 
_struct_conn.ptnr1_label_atom_id 
_struct_conn.pdbx_ptnr1_label_alt_id 
_struct_conn.pdbx_ptnr1_PDB_ins_code 
_struct_conn.pdbx_ptnr1_standard_comp_id 
_struct_conn.ptnr1_symmetry 
_struct_conn.ptnr2_label_asym_id 
_struct_conn.ptnr2_label_comp_id 
_struct_conn.ptnr2_label_seq_id 
_struct_conn.ptnr2_label_atom_id 
_struct_conn.pdbx_ptnr2_label_alt_id 
_struct_conn.pdbx_ptnr2_PDB_ins_code 
_struct_conn.ptnr1_auth_asym_id 
_struct_conn.ptnr1_auth_comp_id 
_struct_conn.ptnr1_auth_seq_id 
_struct_conn.ptnr2_auth_asym_id 
_struct_conn.ptnr2_auth_comp_id 
_struct_conn.ptnr2_auth_seq_id 
_struct_conn.ptnr2_symmetry 
_struct_conn.pdbx_ptnr3_label_atom_id 
_struct_conn.pdbx_ptnr3_label_seq_id 
_struct_conn.pdbx_ptnr3_label_comp_id 
_struct_conn.pdbx_ptnr3_label_asym_id 
_struct_conn.pdbx_ptnr3_label_alt_id 
_struct_conn.pdbx_ptnr3_PDB_ins_code 
_struct_conn.details 
_struct_conn.pdbx_dist_value 
_struct_conn.pdbx_value_order 
_struct_conn.pdbx_role 
disulf1 disulf ?    ? A CYS 22  SG ? ? ? 1_555 A CYS 63  SG  ? ? A CYS 22  A CYS 63  1_555 ? ? ? ? ? ? ? 2.029 ? ? 
disulf2 disulf ?    ? A CYS 56  SG ? ? ? 1_555 A CYS 101 SG  ? ? A CYS 56  A CYS 95  1_555 ? ? ? ? ? ? ? 2.028 ? ? 
disulf3 disulf ?    ? A CYS 155 SG ? ? ? 1_555 A CYS 203 SG  ? ? A CYS 153 A CYS 200 1_555 ? ? ? ? ? ? ? 2.029 ? ? 
covale1 covale none ? A CYS 25  SG ? ? ? 1_555 B VSC .   C32 ? ? A CYS 25  A VSC 280 1_555 ? ? ? ? ? ? ? 1.823 ? ? 
# 
loop_
_struct_conn_type.id 
_struct_conn_type.criteria 
_struct_conn_type.reference 
disulf ? ? 
covale ? ? 
# 
loop_
_pdbx_modification_feature.ordinal 
_pdbx_modification_feature.label_comp_id 
_pdbx_modification_feature.label_asym_id 
_pdbx_modification_feature.label_seq_id 
_pdbx_modification_feature.label_alt_id 
_pdbx_modification_feature.modified_residue_label_comp_id 
_pdbx_modification_feature.modified_residue_label_asym_id 
_pdbx_modification_feature.modified_residue_label_seq_id 
_pdbx_modification_feature.modified_residue_label_alt_id 
_pdbx_modification_feature.auth_comp_id 
_pdbx_modification_feature.auth_asym_id 
_pdbx_modification_feature.auth_seq_id 
_pdbx_modification_feature.PDB_ins_code 
_pdbx_modification_feature.symmetry 
_pdbx_modification_feature.modified_residue_auth_comp_id 
_pdbx_modification_feature.modified_residue_auth_asym_id 
_pdbx_modification_feature.modified_residue_auth_seq_id 
_pdbx_modification_feature.modified_residue_PDB_ins_code 
_pdbx_modification_feature.modified_residue_symmetry 
_pdbx_modification_feature.comp_id_linking_atom 
_pdbx_modification_feature.modified_residue_id_linking_atom 
_pdbx_modification_feature.modified_residue_id 
_pdbx_modification_feature.ref_pcm_id 
_pdbx_modification_feature.ref_comp_id 
_pdbx_modification_feature.type 
_pdbx_modification_feature.category 
1 VSC B .   ? CYS A 25  ? VSC A 280 ? 1_555 CYS A 25  ? 1_555 C32 SG CYS 1 VSC None 'Covalent chemical modification' 
2 CYS A 22  ? CYS A 63  ? CYS A 22  ? 1_555 CYS A 63  ? 1_555 SG  SG .   . .   None 'Disulfide bridge'               
3 CYS A 56  ? CYS A 101 ? CYS A 56  ? 1_555 CYS A 95  ? 1_555 SG  SG .   . .   None 'Disulfide bridge'               
4 CYS A 155 ? CYS A 203 ? CYS A 153 ? 1_555 CYS A 200 ? 1_555 SG  SG .   . .   None 'Disulfide bridge'               
# 
loop_
_struct_sheet.id 
_struct_sheet.type 
_struct_sheet.number_strands 
_struct_sheet.details 
A ? 5 ? 
B ? 7 ? 
C ? 2 ? 
# 
loop_
_struct_sheet_order.sheet_id 
_struct_sheet_order.range_id_1 
_struct_sheet_order.range_id_2 
_struct_sheet_order.offset 
_struct_sheet_order.sense 
A 1 2 ? anti-parallel 
A 2 3 ? anti-parallel 
A 3 4 ? anti-parallel 
A 4 5 ? anti-parallel 
B 1 2 ? anti-parallel 
B 2 3 ? anti-parallel 
B 3 4 ? anti-parallel 
B 4 5 ? anti-parallel 
B 5 6 ? anti-parallel 
B 6 7 ? parallel      
C 1 2 ? anti-parallel 
# 
loop_
_struct_sheet_range.sheet_id 
_struct_sheet_range.id 
_struct_sheet_range.beg_label_comp_id 
_struct_sheet_range.beg_label_asym_id 
_struct_sheet_range.beg_label_seq_id 
_struct_sheet_range.pdbx_beg_PDB_ins_code 
_struct_sheet_range.end_label_comp_id 
_struct_sheet_range.end_label_asym_id 
_struct_sheet_range.end_label_seq_id 
_struct_sheet_range.pdbx_end_PDB_ins_code 
_struct_sheet_range.beg_auth_comp_id 
_struct_sheet_range.beg_auth_asym_id 
_struct_sheet_range.beg_auth_seq_id 
_struct_sheet_range.end_auth_comp_id 
_struct_sheet_range.end_auth_asym_id 
_struct_sheet_range.end_auth_seq_id 
A 1 GLY A 114 ? GLU A 117 ? GLY A 109 GLU A 112 
A 2 ALA A 209 ? VAL A 213 ? ALA A 206 VAL A 210 
A 3 VAL A 135 ? VAL A 139 ? VAL A 130 VAL A 134 
A 4 HIS A 162 ? ASN A 170 ? HIS A 159 ASN A 167 
A 5 ALA A 4   ? ASP A 6   ? ALA A 4   ASP A 6   
B 1 GLY A 114 ? GLU A 117 ? GLY A 109 GLU A 112 
B 2 ALA A 209 ? VAL A 213 ? ALA A 206 VAL A 210 
B 3 VAL A 135 ? VAL A 139 ? VAL A 130 VAL A 134 
B 4 HIS A 162 ? ASN A 170 ? HIS A 159 ASN A 167 
B 5 TYR A 177 ? LYS A 181 ? TYR A 170 LYS A 174 
B 6 TYR A 193 ? ALA A 197 ? TYR A 186 ALA A 190 
B 7 VAL A 151 ? MET A 152 ? VAL A 148 MET A 149 
C 1 ALA A 82  ? TYR A 84  ? ALA A 79  TYR A 81  
C 2 VAL A 108 ? THR A 111 ? VAL A 102 THR A 106 
# 
loop_
_pdbx_struct_sheet_hbond.sheet_id 
_pdbx_struct_sheet_hbond.range_id_1 
_pdbx_struct_sheet_hbond.range_id_2 
_pdbx_struct_sheet_hbond.range_1_label_atom_id 
_pdbx_struct_sheet_hbond.range_1_label_comp_id 
_pdbx_struct_sheet_hbond.range_1_label_asym_id 
_pdbx_struct_sheet_hbond.range_1_label_seq_id 
_pdbx_struct_sheet_hbond.range_1_PDB_ins_code 
_pdbx_struct_sheet_hbond.range_1_auth_atom_id 
_pdbx_struct_sheet_hbond.range_1_auth_comp_id 
_pdbx_struct_sheet_hbond.range_1_auth_asym_id 
_pdbx_struct_sheet_hbond.range_1_auth_seq_id 
_pdbx_struct_sheet_hbond.range_2_label_atom_id 
_pdbx_struct_sheet_hbond.range_2_label_comp_id 
_pdbx_struct_sheet_hbond.range_2_label_asym_id 
_pdbx_struct_sheet_hbond.range_2_label_seq_id 
_pdbx_struct_sheet_hbond.range_2_PDB_ins_code 
_pdbx_struct_sheet_hbond.range_2_auth_atom_id 
_pdbx_struct_sheet_hbond.range_2_auth_comp_id 
_pdbx_struct_sheet_hbond.range_2_auth_asym_id 
_pdbx_struct_sheet_hbond.range_2_auth_seq_id 
A 1 2 N VAL A 116 ? N VAL A 111 O SER A 211 ? O SER A 208 
A 2 3 O SER A 210 ? O SER A 207 N ALA A 136 ? N ALA A 131 
A 3 4 N VAL A 139 ? N VAL A 134 O HIS A 162 ? O HIS A 159 
A 4 5 O TYR A 169 ? O TYR A 166 N VAL A 5   ? N VAL A 5   
B 1 2 N VAL A 116 ? N VAL A 111 O SER A 211 ? O SER A 208 
B 2 3 O SER A 210 ? O SER A 207 N ALA A 136 ? N ALA A 131 
B 3 4 N VAL A 139 ? N VAL A 134 O HIS A 162 ? O HIS A 159 
B 4 5 N ASN A 170 ? N ASN A 167 O TYR A 177 ? O TYR A 170 
B 5 6 N ILE A 180 ? N ILE A 173 O ILE A 194 ? O ILE A 187 
B 6 7 O ARG A 195 ? O ARG A 188 N MET A 152 ? N MET A 149 
C 1 2 O VAL A 83  ? O VAL A 80  N GLY A 109 ? N GLY A 103 
# 
_struct_site.id                   AC1 
_struct_site.pdbx_evidence_code   Software 
_struct_site.pdbx_auth_asym_id    A 
_struct_site.pdbx_auth_comp_id    VSC 
_struct_site.pdbx_auth_seq_id     280 
_struct_site.pdbx_auth_ins_code   ? 
_struct_site.pdbx_num_residues    12 
_struct_site.details              'BINDING SITE FOR RESIDUE VSC A 280' 
# 
loop_
_struct_site_gen.id 
_struct_site_gen.site_id 
_struct_site_gen.pdbx_num_res 
_struct_site_gen.label_comp_id 
_struct_site_gen.label_asym_id 
_struct_site_gen.label_seq_id 
_struct_site_gen.pdbx_auth_ins_code 
_struct_site_gen.auth_comp_id 
_struct_site_gen.auth_asym_id 
_struct_site_gen.auth_seq_id 
_struct_site_gen.label_atom_id 
_struct_site_gen.label_alt_id 
_struct_site_gen.symmetry 
_struct_site_gen.details 
1  AC1 12 GLN A 19  ? GLN A 19  . ? 1_555 ? 
2  AC1 12 GLY A 23  ? GLY A 23  . ? 1_555 ? 
3  AC1 12 CYS A 25  ? CYS A 25  . ? 1_555 ? 
4  AC1 12 TRP A 26  ? TRP A 26  . ? 1_555 ? 
5  AC1 12 SER A 61  ? SER A 61  . ? 1_555 ? 
6  AC1 12 CYS A 63  ? CYS A 63  . ? 1_555 ? 
7  AC1 12 GLY A 65  ? GLY A 65  . ? 1_555 ? 
8  AC1 12 GLY A 66  ? GLY A 66  . ? 1_555 ? 
9  AC1 12 ALA A 138 ? ALA A 133 . ? 1_555 ? 
10 AC1 12 ASP A 161 ? ASP A 158 . ? 1_555 ? 
11 AC1 12 HIS A 162 ? HIS A 159 . ? 1_555 ? 
12 AC1 12 TRP A 184 ? TRP A 177 . ? 1_555 ? 
# 
_pdbx_entry_details.entry_id                   1EWO 
_pdbx_entry_details.nonpolymer_details         
;VSC WAS N-[N'-BENZYLOXYCARBONYL-PHENYLALANINYL]-3-AMINO- 
5-PHENYL-PENT-1-ENE-1-SULFONIC ACID PHENYL ESTER BEFORE 
REACTION WITH THE PROTEASE.  AFTER REACTION, THE SG OF 
CYS 25 IS LINKED TO C32 OF THE VSC 280, 
N-[N'-BENZYLOXYCARBONYL-PHENYLALANINYL]-3-AMINO-5- 
PHENYL-PENTANE-1-SULFONIC ACID PHENYL ESTER.  THE 
PHENYL RING ATTACHED TO ONE OXYGEN OF THE SULFONIC 
ACID PORTION OF THE LIGAND IS MISSING IN THE DENSITY.
;
_pdbx_entry_details.sequence_details           'THERE IS A STOP CODON AFTER RESIDUE 212.' 
_pdbx_entry_details.compound_details           ? 
_pdbx_entry_details.source_details             ? 
_pdbx_entry_details.has_ligand_of_interest     ? 
_pdbx_entry_details.has_protein_modification   Y 
# 
loop_
_pdbx_validate_torsion.id 
_pdbx_validate_torsion.PDB_model_num 
_pdbx_validate_torsion.auth_comp_id 
_pdbx_validate_torsion.auth_asym_id 
_pdbx_validate_torsion.auth_seq_id 
_pdbx_validate_torsion.PDB_ins_code 
_pdbx_validate_torsion.label_alt_id 
_pdbx_validate_torsion.phi 
_pdbx_validate_torsion.psi 
1 1 ASP A 57  ? ? -68.81  94.96  
2 1 ALA A 89  ? ? -141.44 28.59  
3 1 SER A 155 ? ? -118.55 79.19  
4 1 GLU A 156 ? ? -121.31 -54.50 
5 1 ASP A 158 ? ? -150.55 7.77   
6 1 THR A 178 ? ? 74.63   162.15 
7 1 CYS A 200 ? ? 59.33   18.66  
# 
loop_
_chem_comp_atom.comp_id 
_chem_comp_atom.atom_id 
_chem_comp_atom.type_symbol 
_chem_comp_atom.pdbx_aromatic_flag 
_chem_comp_atom.pdbx_stereo_config 
_chem_comp_atom.pdbx_ordinal 
ALA N    N N N 1   
ALA CA   C N S 2   
ALA C    C N N 3   
ALA O    O N N 4   
ALA CB   C N N 5   
ALA OXT  O N N 6   
ALA H    H N N 7   
ALA H2   H N N 8   
ALA HA   H N N 9   
ALA HB1  H N N 10  
ALA HB2  H N N 11  
ALA HB3  H N N 12  
ALA HXT  H N N 13  
ARG N    N N N 14  
ARG CA   C N S 15  
ARG C    C N N 16  
ARG O    O N N 17  
ARG CB   C N N 18  
ARG CG   C N N 19  
ARG CD   C N N 20  
ARG NE   N N N 21  
ARG CZ   C N N 22  
ARG NH1  N N N 23  
ARG NH2  N N N 24  
ARG OXT  O N N 25  
ARG H    H N N 26  
ARG H2   H N N 27  
ARG HA   H N N 28  
ARG HB2  H N N 29  
ARG HB3  H N N 30  
ARG HG2  H N N 31  
ARG HG3  H N N 32  
ARG HD2  H N N 33  
ARG HD3  H N N 34  
ARG HE   H N N 35  
ARG HH11 H N N 36  
ARG HH12 H N N 37  
ARG HH21 H N N 38  
ARG HH22 H N N 39  
ARG HXT  H N N 40  
ASN N    N N N 41  
ASN CA   C N S 42  
ASN C    C N N 43  
ASN O    O N N 44  
ASN CB   C N N 45  
ASN CG   C N N 46  
ASN OD1  O N N 47  
ASN ND2  N N N 48  
ASN OXT  O N N 49  
ASN H    H N N 50  
ASN H2   H N N 51  
ASN HA   H N N 52  
ASN HB2  H N N 53  
ASN HB3  H N N 54  
ASN HD21 H N N 55  
ASN HD22 H N N 56  
ASN HXT  H N N 57  
ASP N    N N N 58  
ASP CA   C N S 59  
ASP C    C N N 60  
ASP O    O N N 61  
ASP CB   C N N 62  
ASP CG   C N N 63  
ASP OD1  O N N 64  
ASP OD2  O N N 65  
ASP OXT  O N N 66  
ASP H    H N N 67  
ASP H2   H N N 68  
ASP HA   H N N 69  
ASP HB2  H N N 70  
ASP HB3  H N N 71  
ASP HD2  H N N 72  
ASP HXT  H N N 73  
CYS N    N N N 74  
CYS CA   C N R 75  
CYS C    C N N 76  
CYS O    O N N 77  
CYS CB   C N N 78  
CYS SG   S N N 79  
CYS OXT  O N N 80  
CYS H    H N N 81  
CYS H2   H N N 82  
CYS HA   H N N 83  
CYS HB2  H N N 84  
CYS HB3  H N N 85  
CYS HG   H N N 86  
CYS HXT  H N N 87  
GLN N    N N N 88  
GLN CA   C N S 89  
GLN C    C N N 90  
GLN O    O N N 91  
GLN CB   C N N 92  
GLN CG   C N N 93  
GLN CD   C N N 94  
GLN OE1  O N N 95  
GLN NE2  N N N 96  
GLN OXT  O N N 97  
GLN H    H N N 98  
GLN H2   H N N 99  
GLN HA   H N N 100 
GLN HB2  H N N 101 
GLN HB3  H N N 102 
GLN HG2  H N N 103 
GLN HG3  H N N 104 
GLN HE21 H N N 105 
GLN HE22 H N N 106 
GLN HXT  H N N 107 
GLU N    N N N 108 
GLU CA   C N S 109 
GLU C    C N N 110 
GLU O    O N N 111 
GLU CB   C N N 112 
GLU CG   C N N 113 
GLU CD   C N N 114 
GLU OE1  O N N 115 
GLU OE2  O N N 116 
GLU OXT  O N N 117 
GLU H    H N N 118 
GLU H2   H N N 119 
GLU HA   H N N 120 
GLU HB2  H N N 121 
GLU HB3  H N N 122 
GLU HG2  H N N 123 
GLU HG3  H N N 124 
GLU HE2  H N N 125 
GLU HXT  H N N 126 
GLY N    N N N 127 
GLY CA   C N N 128 
GLY C    C N N 129 
GLY O    O N N 130 
GLY OXT  O N N 131 
GLY H    H N N 132 
GLY H2   H N N 133 
GLY HA2  H N N 134 
GLY HA3  H N N 135 
GLY HXT  H N N 136 
HIS N    N N N 137 
HIS CA   C N S 138 
HIS C    C N N 139 
HIS O    O N N 140 
HIS CB   C N N 141 
HIS CG   C Y N 142 
HIS ND1  N Y N 143 
HIS CD2  C Y N 144 
HIS CE1  C Y N 145 
HIS NE2  N Y N 146 
HIS OXT  O N N 147 
HIS H    H N N 148 
HIS H2   H N N 149 
HIS HA   H N N 150 
HIS HB2  H N N 151 
HIS HB3  H N N 152 
HIS HD1  H N N 153 
HIS HD2  H N N 154 
HIS HE1  H N N 155 
HIS HE2  H N N 156 
HIS HXT  H N N 157 
HOH O    O N N 158 
HOH H1   H N N 159 
HOH H2   H N N 160 
ILE N    N N N 161 
ILE CA   C N S 162 
ILE C    C N N 163 
ILE O    O N N 164 
ILE CB   C N S 165 
ILE CG1  C N N 166 
ILE CG2  C N N 167 
ILE CD1  C N N 168 
ILE OXT  O N N 169 
ILE H    H N N 170 
ILE H2   H N N 171 
ILE HA   H N N 172 
ILE HB   H N N 173 
ILE HG12 H N N 174 
ILE HG13 H N N 175 
ILE HG21 H N N 176 
ILE HG22 H N N 177 
ILE HG23 H N N 178 
ILE HD11 H N N 179 
ILE HD12 H N N 180 
ILE HD13 H N N 181 
ILE HXT  H N N 182 
LEU N    N N N 183 
LEU CA   C N S 184 
LEU C    C N N 185 
LEU O    O N N 186 
LEU CB   C N N 187 
LEU CG   C N N 188 
LEU CD1  C N N 189 
LEU CD2  C N N 190 
LEU OXT  O N N 191 
LEU H    H N N 192 
LEU H2   H N N 193 
LEU HA   H N N 194 
LEU HB2  H N N 195 
LEU HB3  H N N 196 
LEU HG   H N N 197 
LEU HD11 H N N 198 
LEU HD12 H N N 199 
LEU HD13 H N N 200 
LEU HD21 H N N 201 
LEU HD22 H N N 202 
LEU HD23 H N N 203 
LEU HXT  H N N 204 
LYS N    N N N 205 
LYS CA   C N S 206 
LYS C    C N N 207 
LYS O    O N N 208 
LYS CB   C N N 209 
LYS CG   C N N 210 
LYS CD   C N N 211 
LYS CE   C N N 212 
LYS NZ   N N N 213 
LYS OXT  O N N 214 
LYS H    H N N 215 
LYS H2   H N N 216 
LYS HA   H N N 217 
LYS HB2  H N N 218 
LYS HB3  H N N 219 
LYS HG2  H N N 220 
LYS HG3  H N N 221 
LYS HD2  H N N 222 
LYS HD3  H N N 223 
LYS HE2  H N N 224 
LYS HE3  H N N 225 
LYS HZ1  H N N 226 
LYS HZ2  H N N 227 
LYS HZ3  H N N 228 
LYS HXT  H N N 229 
MET N    N N N 230 
MET CA   C N S 231 
MET C    C N N 232 
MET O    O N N 233 
MET CB   C N N 234 
MET CG   C N N 235 
MET SD   S N N 236 
MET CE   C N N 237 
MET OXT  O N N 238 
MET H    H N N 239 
MET H2   H N N 240 
MET HA   H N N 241 
MET HB2  H N N 242 
MET HB3  H N N 243 
MET HG2  H N N 244 
MET HG3  H N N 245 
MET HE1  H N N 246 
MET HE2  H N N 247 
MET HE3  H N N 248 
MET HXT  H N N 249 
PHE N    N N N 250 
PHE CA   C N S 251 
PHE C    C N N 252 
PHE O    O N N 253 
PHE CB   C N N 254 
PHE CG   C Y N 255 
PHE CD1  C Y N 256 
PHE CD2  C Y N 257 
PHE CE1  C Y N 258 
PHE CE2  C Y N 259 
PHE CZ   C Y N 260 
PHE OXT  O N N 261 
PHE H    H N N 262 
PHE H2   H N N 263 
PHE HA   H N N 264 
PHE HB2  H N N 265 
PHE HB3  H N N 266 
PHE HD1  H N N 267 
PHE HD2  H N N 268 
PHE HE1  H N N 269 
PHE HE2  H N N 270 
PHE HZ   H N N 271 
PHE HXT  H N N 272 
PRO N    N N N 273 
PRO CA   C N S 274 
PRO C    C N N 275 
PRO O    O N N 276 
PRO CB   C N N 277 
PRO CG   C N N 278 
PRO CD   C N N 279 
PRO OXT  O N N 280 
PRO H    H N N 281 
PRO HA   H N N 282 
PRO HB2  H N N 283 
PRO HB3  H N N 284 
PRO HG2  H N N 285 
PRO HG3  H N N 286 
PRO HD2  H N N 287 
PRO HD3  H N N 288 
PRO HXT  H N N 289 
SER N    N N N 290 
SER CA   C N S 291 
SER C    C N N 292 
SER O    O N N 293 
SER CB   C N N 294 
SER OG   O N N 295 
SER OXT  O N N 296 
SER H    H N N 297 
SER H2   H N N 298 
SER HA   H N N 299 
SER HB2  H N N 300 
SER HB3  H N N 301 
SER HG   H N N 302 
SER HXT  H N N 303 
THR N    N N N 304 
THR CA   C N S 305 
THR C    C N N 306 
THR O    O N N 307 
THR CB   C N R 308 
THR OG1  O N N 309 
THR CG2  C N N 310 
THR OXT  O N N 311 
THR H    H N N 312 
THR H2   H N N 313 
THR HA   H N N 314 
THR HB   H N N 315 
THR HG1  H N N 316 
THR HG21 H N N 317 
THR HG22 H N N 318 
THR HG23 H N N 319 
THR HXT  H N N 320 
TRP N    N N N 321 
TRP CA   C N S 322 
TRP C    C N N 323 
TRP O    O N N 324 
TRP CB   C N N 325 
TRP CG   C Y N 326 
TRP CD1  C Y N 327 
TRP CD2  C Y N 328 
TRP NE1  N Y N 329 
TRP CE2  C Y N 330 
TRP CE3  C Y N 331 
TRP CZ2  C Y N 332 
TRP CZ3  C Y N 333 
TRP CH2  C Y N 334 
TRP OXT  O N N 335 
TRP H    H N N 336 
TRP H2   H N N 337 
TRP HA   H N N 338 
TRP HB2  H N N 339 
TRP HB3  H N N 340 
TRP HD1  H N N 341 
TRP HE1  H N N 342 
TRP HE3  H N N 343 
TRP HZ2  H N N 344 
TRP HZ3  H N N 345 
TRP HH2  H N N 346 
TRP HXT  H N N 347 
TYR N    N N N 348 
TYR CA   C N S 349 
TYR C    C N N 350 
TYR O    O N N 351 
TYR CB   C N N 352 
TYR CG   C Y N 353 
TYR CD1  C Y N 354 
TYR CD2  C Y N 355 
TYR CE1  C Y N 356 
TYR CE2  C Y N 357 
TYR CZ   C Y N 358 
TYR OH   O N N 359 
TYR OXT  O N N 360 
TYR H    H N N 361 
TYR H2   H N N 362 
TYR HA   H N N 363 
TYR HB2  H N N 364 
TYR HB3  H N N 365 
TYR HD1  H N N 366 
TYR HD2  H N N 367 
TYR HE1  H N N 368 
TYR HE2  H N N 369 
TYR HH   H N N 370 
TYR HXT  H N N 371 
VAL N    N N N 372 
VAL CA   C N S 373 
VAL C    C N N 374 
VAL O    O N N 375 
VAL CB   C N N 376 
VAL CG1  C N N 377 
VAL CG2  C N N 378 
VAL OXT  O N N 379 
VAL H    H N N 380 
VAL H2   H N N 381 
VAL HA   H N N 382 
VAL HB   H N N 383 
VAL HG11 H N N 384 
VAL HG12 H N N 385 
VAL HG13 H N N 386 
VAL HG21 H N N 387 
VAL HG22 H N N 388 
VAL HG23 H N N 389 
VAL HXT  H N N 390 
VSC C22  C N N 391 
VSC O23  O N N 392 
VSC O24  O N N 393 
VSC C25  C N N 394 
VSC C26  C Y N 395 
VSC C31  C Y N 396 
VSC C30  C Y N 397 
VSC C29  C Y N 398 
VSC C28  C Y N 399 
VSC C27  C Y N 400 
VSC N21  N N N 401 
VSC C13  C N S 402 
VSC C11  C N N 403 
VSC O12  O N N 404 
VSC C14  C N N 405 
VSC C15  C Y N 406 
VSC C16  C Y N 407 
VSC C20  C Y N 408 
VSC C17  C Y N 409 
VSC C19  C Y N 410 
VSC C18  C Y N 411 
VSC C1   C N N 412 
VSC C9   C N S 413 
VSC C32  C N N 414 
VSC C33  C N N 415 
VSC S34  S N N 416 
VSC O37  O N N 417 
VSC O36  O N N 418 
VSC O35  O N N 419 
VSC N10  N N N 420 
VSC C2   C N N 421 
VSC C3   C Y N 422 
VSC C4   C Y N 423 
VSC C5   C Y N 424 
VSC C6   C Y N 425 
VSC C7   C Y N 426 
VSC C8   C Y N 427 
VSC C36  C Y N 428 
VSC C37  C Y N 429 
VSC C38  C Y N 430 
VSC C39  C Y N 431 
VSC C40  C Y N 432 
VSC C41  C Y N 433 
VSC H251 H N N 434 
VSC H252 H N N 435 
VSC H311 H N N 436 
VSC H301 H N N 437 
VSC H291 H N N 438 
VSC H281 H N N 439 
VSC H271 H N N 440 
VSC H21  H N N 441 
VSC H131 H N N 442 
VSC H141 H N N 443 
VSC H142 H N N 444 
VSC H161 H N N 445 
VSC H201 H N N 446 
VSC H171 H N N 447 
VSC H191 H N N 448 
VSC H181 H N N 449 
VSC H11  H N N 450 
VSC H12  H N N 451 
VSC H91  H N N 452 
VSC H321 H N N 453 
VSC H322 H N N 454 
VSC H331 H N N 455 
VSC H332 H N N 456 
VSC H10  H N N 457 
VSC H21A H N N 458 
VSC H22  H N N 459 
VSC H41  H N N 460 
VSC H51  H N N 461 
VSC H61  H N N 462 
VSC H71  H N N 463 
VSC H81  H N N 464 
VSC H371 H N N 465 
VSC H381 H N N 466 
VSC H391 H N N 467 
VSC H401 H N N 468 
VSC H411 H N N 469 
# 
loop_
_chem_comp_bond.comp_id 
_chem_comp_bond.atom_id_1 
_chem_comp_bond.atom_id_2 
_chem_comp_bond.value_order 
_chem_comp_bond.pdbx_aromatic_flag 
_chem_comp_bond.pdbx_stereo_config 
_chem_comp_bond.pdbx_ordinal 
ALA N   CA   sing N N 1   
ALA N   H    sing N N 2   
ALA N   H2   sing N N 3   
ALA CA  C    sing N N 4   
ALA CA  CB   sing N N 5   
ALA CA  HA   sing N N 6   
ALA C   O    doub N N 7   
ALA C   OXT  sing N N 8   
ALA CB  HB1  sing N N 9   
ALA CB  HB2  sing N N 10  
ALA CB  HB3  sing N N 11  
ALA OXT HXT  sing N N 12  
ARG N   CA   sing N N 13  
ARG N   H    sing N N 14  
ARG N   H2   sing N N 15  
ARG CA  C    sing N N 16  
ARG CA  CB   sing N N 17  
ARG CA  HA   sing N N 18  
ARG C   O    doub N N 19  
ARG C   OXT  sing N N 20  
ARG CB  CG   sing N N 21  
ARG CB  HB2  sing N N 22  
ARG CB  HB3  sing N N 23  
ARG CG  CD   sing N N 24  
ARG CG  HG2  sing N N 25  
ARG CG  HG3  sing N N 26  
ARG CD  NE   sing N N 27  
ARG CD  HD2  sing N N 28  
ARG CD  HD3  sing N N 29  
ARG NE  CZ   sing N N 30  
ARG NE  HE   sing N N 31  
ARG CZ  NH1  sing N N 32  
ARG CZ  NH2  doub N N 33  
ARG NH1 HH11 sing N N 34  
ARG NH1 HH12 sing N N 35  
ARG NH2 HH21 sing N N 36  
ARG NH2 HH22 sing N N 37  
ARG OXT HXT  sing N N 38  
ASN N   CA   sing N N 39  
ASN N   H    sing N N 40  
ASN N   H2   sing N N 41  
ASN CA  C    sing N N 42  
ASN CA  CB   sing N N 43  
ASN CA  HA   sing N N 44  
ASN C   O    doub N N 45  
ASN C   OXT  sing N N 46  
ASN CB  CG   sing N N 47  
ASN CB  HB2  sing N N 48  
ASN CB  HB3  sing N N 49  
ASN CG  OD1  doub N N 50  
ASN CG  ND2  sing N N 51  
ASN ND2 HD21 sing N N 52  
ASN ND2 HD22 sing N N 53  
ASN OXT HXT  sing N N 54  
ASP N   CA   sing N N 55  
ASP N   H    sing N N 56  
ASP N   H2   sing N N 57  
ASP CA  C    sing N N 58  
ASP CA  CB   sing N N 59  
ASP CA  HA   sing N N 60  
ASP C   O    doub N N 61  
ASP C   OXT  sing N N 62  
ASP CB  CG   sing N N 63  
ASP CB  HB2  sing N N 64  
ASP CB  HB3  sing N N 65  
ASP CG  OD1  doub N N 66  
ASP CG  OD2  sing N N 67  
ASP OD2 HD2  sing N N 68  
ASP OXT HXT  sing N N 69  
CYS N   CA   sing N N 70  
CYS N   H    sing N N 71  
CYS N   H2   sing N N 72  
CYS CA  C    sing N N 73  
CYS CA  CB   sing N N 74  
CYS CA  HA   sing N N 75  
CYS C   O    doub N N 76  
CYS C   OXT  sing N N 77  
CYS CB  SG   sing N N 78  
CYS CB  HB2  sing N N 79  
CYS CB  HB3  sing N N 80  
CYS SG  HG   sing N N 81  
CYS OXT HXT  sing N N 82  
GLN N   CA   sing N N 83  
GLN N   H    sing N N 84  
GLN N   H2   sing N N 85  
GLN CA  C    sing N N 86  
GLN CA  CB   sing N N 87  
GLN CA  HA   sing N N 88  
GLN C   O    doub N N 89  
GLN C   OXT  sing N N 90  
GLN CB  CG   sing N N 91  
GLN CB  HB2  sing N N 92  
GLN CB  HB3  sing N N 93  
GLN CG  CD   sing N N 94  
GLN CG  HG2  sing N N 95  
GLN CG  HG3  sing N N 96  
GLN CD  OE1  doub N N 97  
GLN CD  NE2  sing N N 98  
GLN NE2 HE21 sing N N 99  
GLN NE2 HE22 sing N N 100 
GLN OXT HXT  sing N N 101 
GLU N   CA   sing N N 102 
GLU N   H    sing N N 103 
GLU N   H2   sing N N 104 
GLU CA  C    sing N N 105 
GLU CA  CB   sing N N 106 
GLU CA  HA   sing N N 107 
GLU C   O    doub N N 108 
GLU C   OXT  sing N N 109 
GLU CB  CG   sing N N 110 
GLU CB  HB2  sing N N 111 
GLU CB  HB3  sing N N 112 
GLU CG  CD   sing N N 113 
GLU CG  HG2  sing N N 114 
GLU CG  HG3  sing N N 115 
GLU CD  OE1  doub N N 116 
GLU CD  OE2  sing N N 117 
GLU OE2 HE2  sing N N 118 
GLU OXT HXT  sing N N 119 
GLY N   CA   sing N N 120 
GLY N   H    sing N N 121 
GLY N   H2   sing N N 122 
GLY CA  C    sing N N 123 
GLY CA  HA2  sing N N 124 
GLY CA  HA3  sing N N 125 
GLY C   O    doub N N 126 
GLY C   OXT  sing N N 127 
GLY OXT HXT  sing N N 128 
HIS N   CA   sing N N 129 
HIS N   H    sing N N 130 
HIS N   H2   sing N N 131 
HIS CA  C    sing N N 132 
HIS CA  CB   sing N N 133 
HIS CA  HA   sing N N 134 
HIS C   O    doub N N 135 
HIS C   OXT  sing N N 136 
HIS CB  CG   sing N N 137 
HIS CB  HB2  sing N N 138 
HIS CB  HB3  sing N N 139 
HIS CG  ND1  sing Y N 140 
HIS CG  CD2  doub Y N 141 
HIS ND1 CE1  doub Y N 142 
HIS ND1 HD1  sing N N 143 
HIS CD2 NE2  sing Y N 144 
HIS CD2 HD2  sing N N 145 
HIS CE1 NE2  sing Y N 146 
HIS CE1 HE1  sing N N 147 
HIS NE2 HE2  sing N N 148 
HIS OXT HXT  sing N N 149 
HOH O   H1   sing N N 150 
HOH O   H2   sing N N 151 
ILE N   CA   sing N N 152 
ILE N   H    sing N N 153 
ILE N   H2   sing N N 154 
ILE CA  C    sing N N 155 
ILE CA  CB   sing N N 156 
ILE CA  HA   sing N N 157 
ILE C   O    doub N N 158 
ILE C   OXT  sing N N 159 
ILE CB  CG1  sing N N 160 
ILE CB  CG2  sing N N 161 
ILE CB  HB   sing N N 162 
ILE CG1 CD1  sing N N 163 
ILE CG1 HG12 sing N N 164 
ILE CG1 HG13 sing N N 165 
ILE CG2 HG21 sing N N 166 
ILE CG2 HG22 sing N N 167 
ILE CG2 HG23 sing N N 168 
ILE CD1 HD11 sing N N 169 
ILE CD1 HD12 sing N N 170 
ILE CD1 HD13 sing N N 171 
ILE OXT HXT  sing N N 172 
LEU N   CA   sing N N 173 
LEU N   H    sing N N 174 
LEU N   H2   sing N N 175 
LEU CA  C    sing N N 176 
LEU CA  CB   sing N N 177 
LEU CA  HA   sing N N 178 
LEU C   O    doub N N 179 
LEU C   OXT  sing N N 180 
LEU CB  CG   sing N N 181 
LEU CB  HB2  sing N N 182 
LEU CB  HB3  sing N N 183 
LEU CG  CD1  sing N N 184 
LEU CG  CD2  sing N N 185 
LEU CG  HG   sing N N 186 
LEU CD1 HD11 sing N N 187 
LEU CD1 HD12 sing N N 188 
LEU CD1 HD13 sing N N 189 
LEU CD2 HD21 sing N N 190 
LEU CD2 HD22 sing N N 191 
LEU CD2 HD23 sing N N 192 
LEU OXT HXT  sing N N 193 
LYS N   CA   sing N N 194 
LYS N   H    sing N N 195 
LYS N   H2   sing N N 196 
LYS CA  C    sing N N 197 
LYS CA  CB   sing N N 198 
LYS CA  HA   sing N N 199 
LYS C   O    doub N N 200 
LYS C   OXT  sing N N 201 
LYS CB  CG   sing N N 202 
LYS CB  HB2  sing N N 203 
LYS CB  HB3  sing N N 204 
LYS CG  CD   sing N N 205 
LYS CG  HG2  sing N N 206 
LYS CG  HG3  sing N N 207 
LYS CD  CE   sing N N 208 
LYS CD  HD2  sing N N 209 
LYS CD  HD3  sing N N 210 
LYS CE  NZ   sing N N 211 
LYS CE  HE2  sing N N 212 
LYS CE  HE3  sing N N 213 
LYS NZ  HZ1  sing N N 214 
LYS NZ  HZ2  sing N N 215 
LYS NZ  HZ3  sing N N 216 
LYS OXT HXT  sing N N 217 
MET N   CA   sing N N 218 
MET N   H    sing N N 219 
MET N   H2   sing N N 220 
MET CA  C    sing N N 221 
MET CA  CB   sing N N 222 
MET CA  HA   sing N N 223 
MET C   O    doub N N 224 
MET C   OXT  sing N N 225 
MET CB  CG   sing N N 226 
MET CB  HB2  sing N N 227 
MET CB  HB3  sing N N 228 
MET CG  SD   sing N N 229 
MET CG  HG2  sing N N 230 
MET CG  HG3  sing N N 231 
MET SD  CE   sing N N 232 
MET CE  HE1  sing N N 233 
MET CE  HE2  sing N N 234 
MET CE  HE3  sing N N 235 
MET OXT HXT  sing N N 236 
PHE N   CA   sing N N 237 
PHE N   H    sing N N 238 
PHE N   H2   sing N N 239 
PHE CA  C    sing N N 240 
PHE CA  CB   sing N N 241 
PHE CA  HA   sing N N 242 
PHE C   O    doub N N 243 
PHE C   OXT  sing N N 244 
PHE CB  CG   sing N N 245 
PHE CB  HB2  sing N N 246 
PHE CB  HB3  sing N N 247 
PHE CG  CD1  doub Y N 248 
PHE CG  CD2  sing Y N 249 
PHE CD1 CE1  sing Y N 250 
PHE CD1 HD1  sing N N 251 
PHE CD2 CE2  doub Y N 252 
PHE CD2 HD2  sing N N 253 
PHE CE1 CZ   doub Y N 254 
PHE CE1 HE1  sing N N 255 
PHE CE2 CZ   sing Y N 256 
PHE CE2 HE2  sing N N 257 
PHE CZ  HZ   sing N N 258 
PHE OXT HXT  sing N N 259 
PRO N   CA   sing N N 260 
PRO N   CD   sing N N 261 
PRO N   H    sing N N 262 
PRO CA  C    sing N N 263 
PRO CA  CB   sing N N 264 
PRO CA  HA   sing N N 265 
PRO C   O    doub N N 266 
PRO C   OXT  sing N N 267 
PRO CB  CG   sing N N 268 
PRO CB  HB2  sing N N 269 
PRO CB  HB3  sing N N 270 
PRO CG  CD   sing N N 271 
PRO CG  HG2  sing N N 272 
PRO CG  HG3  sing N N 273 
PRO CD  HD2  sing N N 274 
PRO CD  HD3  sing N N 275 
PRO OXT HXT  sing N N 276 
SER N   CA   sing N N 277 
SER N   H    sing N N 278 
SER N   H2   sing N N 279 
SER CA  C    sing N N 280 
SER CA  CB   sing N N 281 
SER CA  HA   sing N N 282 
SER C   O    doub N N 283 
SER C   OXT  sing N N 284 
SER CB  OG   sing N N 285 
SER CB  HB2  sing N N 286 
SER CB  HB3  sing N N 287 
SER OG  HG   sing N N 288 
SER OXT HXT  sing N N 289 
THR N   CA   sing N N 290 
THR N   H    sing N N 291 
THR N   H2   sing N N 292 
THR CA  C    sing N N 293 
THR CA  CB   sing N N 294 
THR CA  HA   sing N N 295 
THR C   O    doub N N 296 
THR C   OXT  sing N N 297 
THR CB  OG1  sing N N 298 
THR CB  CG2  sing N N 299 
THR CB  HB   sing N N 300 
THR OG1 HG1  sing N N 301 
THR CG2 HG21 sing N N 302 
THR CG2 HG22 sing N N 303 
THR CG2 HG23 sing N N 304 
THR OXT HXT  sing N N 305 
TRP N   CA   sing N N 306 
TRP N   H    sing N N 307 
TRP N   H2   sing N N 308 
TRP CA  C    sing N N 309 
TRP CA  CB   sing N N 310 
TRP CA  HA   sing N N 311 
TRP C   O    doub N N 312 
TRP C   OXT  sing N N 313 
TRP CB  CG   sing N N 314 
TRP CB  HB2  sing N N 315 
TRP CB  HB3  sing N N 316 
TRP CG  CD1  doub Y N 317 
TRP CG  CD2  sing Y N 318 
TRP CD1 NE1  sing Y N 319 
TRP CD1 HD1  sing N N 320 
TRP CD2 CE2  doub Y N 321 
TRP CD2 CE3  sing Y N 322 
TRP NE1 CE2  sing Y N 323 
TRP NE1 HE1  sing N N 324 
TRP CE2 CZ2  sing Y N 325 
TRP CE3 CZ3  doub Y N 326 
TRP CE3 HE3  sing N N 327 
TRP CZ2 CH2  doub Y N 328 
TRP CZ2 HZ2  sing N N 329 
TRP CZ3 CH2  sing Y N 330 
TRP CZ3 HZ3  sing N N 331 
TRP CH2 HH2  sing N N 332 
TRP OXT HXT  sing N N 333 
TYR N   CA   sing N N 334 
TYR N   H    sing N N 335 
TYR N   H2   sing N N 336 
TYR CA  C    sing N N 337 
TYR CA  CB   sing N N 338 
TYR CA  HA   sing N N 339 
TYR C   O    doub N N 340 
TYR C   OXT  sing N N 341 
TYR CB  CG   sing N N 342 
TYR CB  HB2  sing N N 343 
TYR CB  HB3  sing N N 344 
TYR CG  CD1  doub Y N 345 
TYR CG  CD2  sing Y N 346 
TYR CD1 CE1  sing Y N 347 
TYR CD1 HD1  sing N N 348 
TYR CD2 CE2  doub Y N 349 
TYR CD2 HD2  sing N N 350 
TYR CE1 CZ   doub Y N 351 
TYR CE1 HE1  sing N N 352 
TYR CE2 CZ   sing Y N 353 
TYR CE2 HE2  sing N N 354 
TYR CZ  OH   sing N N 355 
TYR OH  HH   sing N N 356 
TYR OXT HXT  sing N N 357 
VAL N   CA   sing N N 358 
VAL N   H    sing N N 359 
VAL N   H2   sing N N 360 
VAL CA  C    sing N N 361 
VAL CA  CB   sing N N 362 
VAL CA  HA   sing N N 363 
VAL C   O    doub N N 364 
VAL C   OXT  sing N N 365 
VAL CB  CG1  sing N N 366 
VAL CB  CG2  sing N N 367 
VAL CB  HB   sing N N 368 
VAL CG1 HG11 sing N N 369 
VAL CG1 HG12 sing N N 370 
VAL CG1 HG13 sing N N 371 
VAL CG2 HG21 sing N N 372 
VAL CG2 HG22 sing N N 373 
VAL CG2 HG23 sing N N 374 
VAL OXT HXT  sing N N 375 
VSC C1  C9   sing N N 376 
VSC C1  C2   sing N N 377 
VSC C1  H11  sing N N 378 
VSC C1  H12  sing N N 379 
VSC C9  C32  sing N N 380 
VSC C9  N10  sing N N 381 
VSC C9  H91  sing N N 382 
VSC C32 C33  sing N N 383 
VSC C32 H321 sing N N 384 
VSC C32 H322 sing N N 385 
VSC C33 S34  sing N N 386 
VSC C33 H331 sing N N 387 
VSC C33 H332 sing N N 388 
VSC S34 O37  doub N N 389 
VSC S34 O36  doub N N 390 
VSC S34 O35  sing N N 391 
VSC O35 C36  sing N N 392 
VSC N10 C11  sing N N 393 
VSC N10 H10  sing N N 394 
VSC C11 O12  doub N N 395 
VSC C11 C13  sing N N 396 
VSC C13 N21  sing N N 397 
VSC C13 C14  sing N N 398 
VSC C13 H131 sing N N 399 
VSC N21 C22  sing N N 400 
VSC N21 H21  sing N N 401 
VSC C22 O24  sing N N 402 
VSC C22 O23  doub N N 403 
VSC O24 C25  sing N N 404 
VSC C25 C26  sing N N 405 
VSC C25 H251 sing N N 406 
VSC C25 H252 sing N N 407 
VSC C26 C27  doub Y N 408 
VSC C26 C31  sing Y N 409 
VSC C27 C28  sing Y N 410 
VSC C27 H271 sing N N 411 
VSC C28 C29  doub Y N 412 
VSC C28 H281 sing N N 413 
VSC C29 C30  sing Y N 414 
VSC C29 H291 sing N N 415 
VSC C30 C31  doub Y N 416 
VSC C30 H301 sing N N 417 
VSC C31 H311 sing N N 418 
VSC C14 C15  sing N N 419 
VSC C14 H141 sing N N 420 
VSC C14 H142 sing N N 421 
VSC C15 C16  doub Y N 422 
VSC C15 C20  sing Y N 423 
VSC C16 C17  sing Y N 424 
VSC C16 H161 sing N N 425 
VSC C17 C18  doub Y N 426 
VSC C17 H171 sing N N 427 
VSC C18 C19  sing Y N 428 
VSC C18 H181 sing N N 429 
VSC C19 C20  doub Y N 430 
VSC C19 H191 sing N N 431 
VSC C20 H201 sing N N 432 
VSC C2  C3   sing N N 433 
VSC C2  H21A sing N N 434 
VSC C2  H22  sing N N 435 
VSC C3  C4   doub Y N 436 
VSC C3  C8   sing Y N 437 
VSC C4  C5   sing Y N 438 
VSC C4  H41  sing N N 439 
VSC C5  C6   doub Y N 440 
VSC C5  H51  sing N N 441 
VSC C6  C7   sing Y N 442 
VSC C6  H61  sing N N 443 
VSC C7  C8   doub Y N 444 
VSC C7  H71  sing N N 445 
VSC C8  H81  sing N N 446 
VSC C36 C37  doub Y N 447 
VSC C36 C41  sing Y N 448 
VSC C37 C38  sing Y N 449 
VSC C37 H371 sing N N 450 
VSC C38 C39  doub Y N 451 
VSC C38 H381 sing N N 452 
VSC C39 C40  sing Y N 453 
VSC C39 H391 sing N N 454 
VSC C40 C41  doub Y N 455 
VSC C40 H401 sing N N 456 
VSC C41 H411 sing N N 457 
# 
_atom_sites.entry_id                    1EWO 
_atom_sites.fract_transf_matrix[1][1]   -0.00831108 
_atom_sites.fract_transf_matrix[1][2]   -0.02306601 
_atom_sites.fract_transf_matrix[1][3]   -0.00244296 
_atom_sites.fract_transf_matrix[2][1]   -0.01271870 
_atom_sites.fract_transf_matrix[2][2]   0.00306591 
_atom_sites.fract_transf_matrix[2][3]   0.01432191 
_atom_sites.fract_transf_matrix[3][1]   -0.01847855 
_atom_sites.fract_transf_matrix[3][2]   -0.00318953 
_atom_sites.fract_transf_matrix[3][3]   -0.01572726 
_atom_sites.fract_transf_vector[1]      0.212916 
_atom_sites.fract_transf_vector[2]      0.003365 
_atom_sites.fract_transf_vector[3]      0.246323 
# 
loop_
_atom_type.symbol 
C 
N 
O 
S 
# 
loop_
_atom_site.group_PDB 
_atom_site.id 
_atom_site.type_symbol 
_atom_site.label_atom_id 
_atom_site.label_alt_id 
_atom_site.label_comp_id 
_atom_site.label_asym_id 
_atom_site.label_entity_id 
_atom_site.label_seq_id 
_atom_site.pdbx_PDB_ins_code 
_atom_site.Cartn_x 
_atom_site.Cartn_y 
_atom_site.Cartn_z 
_atom_site.occupancy 
_atom_site.B_iso_or_equiv 
_atom_site.pdbx_formal_charge 
_atom_site.auth_seq_id 
_atom_site.auth_comp_id 
_atom_site.auth_asym_id 
_atom_site.auth_atom_id 
_atom_site.pdbx_PDB_model_num 
ATOM   1    N N   . ALA A 1 1   ? -6.380  -5.431  20.741  1.00 42.16 ? 1   ALA A N   1 
ATOM   2    C CA  . ALA A 1 1   ? -6.138  -6.305  19.565  1.00 39.75 ? 1   ALA A CA  1 
ATOM   3    C C   . ALA A 1 1   ? -7.266  -7.321  19.419  1.00 37.99 ? 1   ALA A C   1 
ATOM   4    O O   . ALA A 1 1   ? -7.368  -8.262  20.207  1.00 37.29 ? 1   ALA A O   1 
ATOM   5    C CB  . ALA A 1 1   ? -4.798  -7.019  19.711  1.00 38.54 ? 1   ALA A CB  1 
ATOM   6    N N   . PRO A 1 2   ? -8.194  -7.071  18.479  1.00 35.16 ? 2   PRO A N   1 
ATOM   7    C CA  . PRO A 1 2   ? -9.329  -7.964  18.223  1.00 31.45 ? 2   PRO A CA  1 
ATOM   8    C C   . PRO A 1 2   ? -8.826  -9.273  17.617  1.00 27.22 ? 2   PRO A C   1 
ATOM   9    O O   . PRO A 1 2   ? -7.682  -9.350  17.168  1.00 25.46 ? 2   PRO A O   1 
ATOM   10   C CB  . PRO A 1 2   ? -10.153 -7.178  17.197  1.00 29.78 ? 2   PRO A CB  1 
ATOM   11   C CG  . PRO A 1 2   ? -9.819  -5.754  17.504  1.00 31.60 ? 2   PRO A CG  1 
ATOM   12   C CD  . PRO A 1 2   ? -8.334  -5.823  17.710  1.00 29.90 ? 2   PRO A CD  1 
ATOM   13   N N   . ALA A 1 3   ? -9.686  -10.286 17.587  1.00 23.81 ? 3   ALA A N   1 
ATOM   14   C CA  . ALA A 1 3   ? -9.326  -11.583 17.023  1.00 21.19 ? 3   ALA A CA  1 
ATOM   15   C C   . ALA A 1 3   ? -9.070  -11.460 15.525  1.00 21.91 ? 3   ALA A C   1 
ATOM   16   O O   . ALA A 1 3   ? -8.147  -12.071 14.989  1.00 17.91 ? 3   ALA A O   1 
ATOM   17   C CB  . ALA A 1 3   ? -10.434 -12.591 17.280  1.00 19.26 ? 3   ALA A CB  1 
ATOM   18   N N   . ALA A 1 4   ? -9.894  -10.658 14.858  1.00 18.60 ? 4   ALA A N   1 
ATOM   19   C CA  . ALA A 1 4   ? -9.774  -10.450 13.424  1.00 20.29 ? 4   ALA A CA  1 
ATOM   20   C C   . ALA A 1 4   ? -10.274 -9.059  13.070  1.00 22.14 ? 4   ALA A C   1 
ATOM   21   O O   . ALA A 1 4   ? -11.108 -8.492  13.779  1.00 20.97 ? 4   ALA A O   1 
ATOM   22   C CB  . ALA A 1 4   ? -10.585 -11.496 12.673  1.00 13.18 ? 4   ALA A CB  1 
ATOM   23   N N   . VAL A 1 5   ? -9.739  -8.502  11.992  1.00 24.30 ? 5   VAL A N   1 
ATOM   24   C CA  . VAL A 1 5   ? -10.141 -7.183  11.524  1.00 20.76 ? 5   VAL A CA  1 
ATOM   25   C C   . VAL A 1 5   ? -9.903  -7.101  10.031  1.00 20.33 ? 5   VAL A C   1 
ATOM   26   O O   . VAL A 1 5   ? -8.858  -7.524  9.528   1.00 21.03 ? 5   VAL A O   1 
ATOM   27   C CB  . VAL A 1 5   ? -9.389  -6.038  12.257  1.00 20.95 ? 5   VAL A CB  1 
ATOM   28   C CG1 . VAL A 1 5   ? -7.900  -6.167  12.062  1.00 23.25 ? 5   VAL A CG1 1 
ATOM   29   C CG2 . VAL A 1 5   ? -9.867  -4.681  11.750  1.00 22.28 ? 5   VAL A CG2 1 
ATOM   30   N N   . ASP A 1 6   ? -10.912 -6.622  9.319   1.00 20.26 ? 6   ASP A N   1 
ATOM   31   C CA  . ASP A 1 6   ? -10.837 -6.479  7.878   1.00 21.02 ? 6   ASP A CA  1 
ATOM   32   C C   . ASP A 1 6   ? -11.345 -5.078  7.563   1.00 22.49 ? 6   ASP A C   1 
ATOM   33   O O   . ASP A 1 6   ? -12.551 -4.826  7.608   1.00 17.95 ? 6   ASP A O   1 
ATOM   34   C CB  . ASP A 1 6   ? -11.722 -7.537  7.202   1.00 16.70 ? 6   ASP A CB  1 
ATOM   35   C CG  . ASP A 1 6   ? -11.528 -7.602  5.693   1.00 25.00 ? 6   ASP A CG  1 
ATOM   36   O OD1 . ASP A 1 6   ? -10.809 -6.746  5.131   1.00 21.02 ? 6   ASP A OD1 1 
ATOM   37   O OD2 . ASP A 1 6   ? -12.099 -8.518  5.064   1.00 27.72 ? 6   ASP A OD2 1 
ATOM   38   N N   . TRP A 1 7   ? -10.429 -4.167  7.247   1.00 21.06 ? 7   TRP A N   1 
ATOM   39   C CA  . TRP A 1 7   ? -10.814 -2.793  6.942   1.00 20.28 ? 7   TRP A CA  1 
ATOM   40   C C   . TRP A 1 7   ? -11.744 -2.651  5.744   1.00 20.84 ? 7   TRP A C   1 
ATOM   41   O O   . TRP A 1 7   ? -12.448 -1.648  5.622   1.00 22.84 ? 7   TRP A O   1 
ATOM   42   C CB  . TRP A 1 7   ? -9.580  -1.895  6.807   1.00 12.16 ? 7   TRP A CB  1 
ATOM   43   C CG  . TRP A 1 7   ? -8.987  -1.580  8.141   1.00 11.34 ? 7   TRP A CG  1 
ATOM   44   C CD1 . TRP A 1 7   ? -7.828  -2.078  8.660   1.00 7.28  ? 7   TRP A CD1 1 
ATOM   45   C CD2 . TRP A 1 7   ? -9.567  -0.761  9.166   1.00 10.46 ? 7   TRP A CD2 1 
ATOM   46   N NE1 . TRP A 1 7   ? -7.658  -1.631  9.949   1.00 7.67  ? 7   TRP A NE1 1 
ATOM   47   C CE2 . TRP A 1 7   ? -8.709  -0.822  10.285  1.00 8.31  ? 7   TRP A CE2 1 
ATOM   48   C CE3 . TRP A 1 7   ? -10.729 0.017   9.247   1.00 14.24 ? 7   TRP A CE3 1 
ATOM   49   C CZ2 . TRP A 1 7   ? -8.976  -0.137  11.473  1.00 11.07 ? 7   TRP A CZ2 1 
ATOM   50   C CZ3 . TRP A 1 7   ? -10.995 0.699   10.429  1.00 11.38 ? 7   TRP A CZ3 1 
ATOM   51   C CH2 . TRP A 1 7   ? -10.120 0.617   11.527  1.00 8.43  ? 7   TRP A CH2 1 
ATOM   52   N N   . ARG A 1 8   ? -11.772 -3.662  4.880   1.00 23.02 ? 8   ARG A N   1 
ATOM   53   C CA  . ARG A 1 8   ? -12.653 -3.645  3.713   1.00 27.15 ? 8   ARG A CA  1 
ATOM   54   C C   . ARG A 1 8   ? -14.106 -3.691  4.173   1.00 27.48 ? 8   ARG A C   1 
ATOM   55   O O   . ARG A 1 8   ? -14.984 -3.123  3.531   1.00 32.15 ? 8   ARG A O   1 
ATOM   56   C CB  . ARG A 1 8   ? -12.381 -4.843  2.801   1.00 24.85 ? 8   ARG A CB  1 
ATOM   57   C CG  . ARG A 1 8   ? -11.012 -4.854  2.155   1.00 25.15 ? 8   ARG A CG  1 
ATOM   58   C CD  . ARG A 1 8   ? -10.817 -6.121  1.346   1.00 28.18 ? 8   ARG A CD  1 
ATOM   59   N NE  . ARG A 1 8   ? -10.862 -7.315  2.187   1.00 26.88 ? 8   ARG A NE  1 
ATOM   60   C CZ  . ARG A 1 8   ? -10.695 -8.558  1.744   1.00 26.80 ? 8   ARG A CZ  1 
ATOM   61   N NH1 . ARG A 1 8   ? -10.461 -8.791  0.460   1.00 26.61 ? 8   ARG A NH1 1 
ATOM   62   N NH2 . ARG A 1 8   ? -10.756 -9.572  2.594   1.00 24.10 ? 8   ARG A NH2 1 
ATOM   63   N N   . ALA A 1 9   ? -14.350 -4.356  5.299   1.00 28.86 ? 9   ALA A N   1 
ATOM   64   C CA  . ALA A 1 9   ? -15.696 -4.477  5.847   1.00 30.27 ? 9   ALA A CA  1 
ATOM   65   C C   . ALA A 1 9   ? -16.250 -3.122  6.274   1.00 31.78 ? 9   ALA A C   1 
ATOM   66   O O   . ALA A 1 9   ? -17.465 -2.941  6.372   1.00 31.76 ? 9   ALA A O   1 
ATOM   67   C CB  . ALA A 1 9   ? -15.697 -5.439  7.027   1.00 31.53 ? 9   ALA A CB  1 
ATOM   68   N N   . ARG A 1 10  ? -15.356 -2.182  6.554   1.00 33.95 ? 10  ARG A N   1 
ATOM   69   C CA  . ARG A 1 10  ? -15.763 -0.847  6.973   1.00 34.10 ? 10  ARG A CA  1 
ATOM   70   C C   . ARG A 1 10  ? -15.711 0.150   5.816   1.00 34.51 ? 10  ARG A C   1 
ATOM   71   O O   . ARG A 1 10  ? -15.825 1.358   6.023   1.00 36.97 ? 10  ARG A O   1 
ATOM   72   C CB  . ARG A 1 10  ? -14.890 -0.368  8.133   1.00 36.12 ? 10  ARG A CB  1 
ATOM   73   C CG  . ARG A 1 10  ? -14.958 -1.256  9.364   1.00 37.67 ? 10  ARG A CG  1 
ATOM   74   C CD  . ARG A 1 10  ? -14.189 -0.632  10.509  1.00 38.67 ? 10  ARG A CD  1 
ATOM   75   N NE  . ARG A 1 10  ? -14.107 -1.489  11.693  1.00 45.03 ? 10  ARG A NE  1 
ATOM   76   C CZ  . ARG A 1 10  ? -13.332 -2.565  11.796  1.00 46.63 ? 10  ARG A CZ  1 
ATOM   77   N NH1 . ARG A 1 10  ? -12.586 -2.962  10.772  1.00 47.86 ? 10  ARG A NH1 1 
ATOM   78   N NH2 . ARG A 1 10  ? -13.324 -3.267  12.923  1.00 45.73 ? 10  ARG A NH2 1 
ATOM   79   N N   . GLY A 1 11  ? -15.534 -0.364  4.601   1.00 32.05 ? 11  GLY A N   1 
ATOM   80   C CA  . GLY A 1 11  ? -15.467 0.482   3.424   1.00 30.77 ? 11  GLY A CA  1 
ATOM   81   C C   . GLY A 1 11  ? -14.321 1.477   3.439   1.00 31.39 ? 11  GLY A C   1 
ATOM   82   O O   . GLY A 1 11  ? -14.419 2.553   2.844   1.00 28.58 ? 11  GLY A O   1 
ATOM   83   N N   . ALA A 1 12  ? -13.222 1.108   4.092   1.00 23.33 ? 12  ALA A N   1 
ATOM   84   C CA  . ALA A 1 12  ? -12.058 1.978   4.186   1.00 15.91 ? 12  ALA A CA  1 
ATOM   85   C C   . ALA A 1 12  ? -11.007 1.695   3.120   1.00 17.12 ? 12  ALA A C   1 
ATOM   86   O O   . ALA A 1 12  ? -9.944  2.316   3.114   1.00 17.78 ? 12  ALA A O   1 
ATOM   87   C CB  . ALA A 1 12  ? -11.439 1.867   5.575   1.00 18.17 ? 12  ALA A CB  1 
ATOM   88   N N   . VAL A 1 13  ? -11.307 0.780   2.204   1.00 13.47 ? 13  VAL A N   1 
ATOM   89   C CA  . VAL A 1 13  ? -10.355 0.419   1.158   1.00 12.79 ? 13  VAL A CA  1 
ATOM   90   C C   . VAL A 1 13  ? -10.951 0.623   -0.230  1.00 13.84 ? 13  VAL A C   1 
ATOM   91   O O   . VAL A 1 13  ? -12.126 0.333   -0.450  1.00 16.84 ? 13  VAL A O   1 
ATOM   92   C CB  . VAL A 1 13  ? -9.896  -1.060  1.317   1.00 13.99 ? 13  VAL A CB  1 
ATOM   93   C CG1 . VAL A 1 13  ? -8.832  -1.415  0.284   1.00 9.66  ? 13  VAL A CG1 1 
ATOM   94   C CG2 . VAL A 1 13  ? -9.362  -1.293  2.721   1.00 14.09 ? 13  VAL A CG2 1 
ATOM   95   N N   . THR A 1 14  ? -10.145 1.134   -1.157  1.00 15.88 ? 14  THR A N   1 
ATOM   96   C CA  . THR A 1 14  ? -10.593 1.366   -2.528  1.00 16.24 ? 14  THR A CA  1 
ATOM   97   C C   . THR A 1 14  ? -10.393 0.103   -3.359  1.00 19.75 ? 14  THR A C   1 
ATOM   98   O O   . THR A 1 14  ? -9.699  -0.824  -2.933  1.00 23.54 ? 14  THR A O   1 
ATOM   99   C CB  . THR A 1 14  ? -9.800  2.512   -3.203  1.00 16.94 ? 14  THR A CB  1 
ATOM   100  O OG1 . THR A 1 14  ? -8.398  2.211   -3.172  1.00 11.57 ? 14  THR A OG1 1 
ATOM   101  C CG2 . THR A 1 14  ? -10.051 3.837   -2.498  1.00 12.15 ? 14  THR A CG2 1 
ATOM   102  N N   . ALA A 1 15  ? -10.965 0.090   -4.560  1.00 15.32 ? 15  ALA A N   1 
ATOM   103  C CA  . ALA A 1 15  ? -10.850 -1.052  -5.460  1.00 14.79 ? 15  ALA A CA  1 
ATOM   104  C C   . ALA A 1 15  ? -9.403  -1.316  -5.867  1.00 20.10 ? 15  ALA A C   1 
ATOM   105  O O   . ALA A 1 15  ? -8.561  -0.415  -5.830  1.00 18.73 ? 15  ALA A O   1 
ATOM   106  C CB  . ALA A 1 15  ? -11.712 -0.833  -6.695  1.00 17.94 ? 15  ALA A CB  1 
ATOM   107  N N   . VAL A 1 16  ? -9.127  -2.561  -6.244  1.00 20.62 ? 16  VAL A N   1 
ATOM   108  C CA  . VAL A 1 16  ? -7.796  -2.986  -6.668  1.00 19.56 ? 16  VAL A CA  1 
ATOM   109  C C   . VAL A 1 16  ? -7.426  -2.289  -7.973  1.00 20.59 ? 16  VAL A C   1 
ATOM   110  O O   . VAL A 1 16  ? -8.247  -2.186  -8.888  1.00 21.67 ? 16  VAL A O   1 
ATOM   111  C CB  . VAL A 1 16  ? -7.741  -4.523  -6.867  1.00 16.12 ? 16  VAL A CB  1 
ATOM   112  C CG1 . VAL A 1 16  ? -6.368  -4.952  -7.365  1.00 14.26 ? 16  VAL A CG1 1 
ATOM   113  C CG2 . VAL A 1 16  ? -8.076  -5.225  -5.563  1.00 18.66 ? 16  VAL A CG2 1 
ATOM   114  N N   . LYS A 1 17  ? -6.179  -1.842  -8.062  1.00 21.41 ? 17  LYS A N   1 
ATOM   115  C CA  . LYS A 1 17  ? -5.693  -1.139  -9.239  1.00 19.30 ? 17  LYS A CA  1 
ATOM   116  C C   . LYS A 1 17  ? -4.674  -1.950  -10.025 1.00 22.18 ? 17  LYS A C   1 
ATOM   117  O O   . LYS A 1 17  ? -4.219  -3.007  -9.580  1.00 20.33 ? 17  LYS A O   1 
ATOM   118  C CB  . LYS A 1 17  ? -5.098  0.208   -8.825  1.00 17.77 ? 17  LYS A CB  1 
ATOM   119  C CG  . LYS A 1 17  ? -6.081  1.090   -8.079  1.00 16.78 ? 17  LYS A CG  1 
ATOM   120  C CD  . LYS A 1 17  ? -5.442  2.382   -7.623  1.00 20.63 ? 17  LYS A CD  1 
ATOM   121  C CE  . LYS A 1 17  ? -6.425  3.196   -6.809  1.00 19.80 ? 17  LYS A CE  1 
ATOM   122  N NZ  . LYS A 1 17  ? -5.842  4.492   -6.386  1.00 23.04 ? 17  LYS A NZ  1 
ATOM   123  N N   . ASP A 1 18  ? -4.300  -1.434  -11.190 1.00 16.72 ? 18  ASP A N   1 
ATOM   124  C CA  . ASP A 1 18  ? -3.346  -2.098  -12.066 1.00 20.59 ? 18  ASP A CA  1 
ATOM   125  C C   . ASP A 1 18  ? -2.135  -1.195  -12.290 1.00 20.88 ? 18  ASP A C   1 
ATOM   126  O O   . ASP A 1 18  ? -2.275  -0.071  -12.775 1.00 24.45 ? 18  ASP A O   1 
ATOM   127  C CB  . ASP A 1 18  ? -4.038  -2.418  -13.402 1.00 19.69 ? 18  ASP A CB  1 
ATOM   128  C CG  . ASP A 1 18  ? -3.157  -3.204  -14.371 1.00 14.58 ? 18  ASP A CG  1 
ATOM   129  O OD1 . ASP A 1 18  ? -2.024  -3.591  -14.020 1.00 21.77 ? 18  ASP A OD1 1 
ATOM   130  O OD2 . ASP A 1 18  ? -3.621  -3.445  -15.504 1.00 17.38 ? 18  ASP A OD2 1 
ATOM   131  N N   . GLN A 1 19  ? -0.951  -1.678  -11.921 1.00 19.76 ? 19  GLN A N   1 
ATOM   132  C CA  . GLN A 1 19  ? 0.270   -0.898  -12.109 1.00 19.72 ? 19  GLN A CA  1 
ATOM   133  C C   . GLN A 1 19  ? 0.890   -1.116  -13.488 1.00 23.17 ? 19  GLN A C   1 
ATOM   134  O O   . GLN A 1 19  ? 1.773   -0.368  -13.909 1.00 25.38 ? 19  GLN A O   1 
ATOM   135  C CB  . GLN A 1 19  ? 1.291   -1.191  -11.002 1.00 22.38 ? 19  GLN A CB  1 
ATOM   136  C CG  . GLN A 1 19  ? 1.872   -2.591  -10.993 1.00 22.25 ? 19  GLN A CG  1 
ATOM   137  C CD  . GLN A 1 19  ? 2.802   -2.810  -9.816  1.00 19.67 ? 19  GLN A CD  1 
ATOM   138  O OE1 . GLN A 1 19  ? 4.022   -2.865  -9.967  1.00 18.25 ? 19  GLN A OE1 1 
ATOM   139  N NE2 . GLN A 1 19  ? 2.228   -2.912  -8.629  1.00 14.06 ? 19  GLN A NE2 1 
ATOM   140  N N   . GLY A 1 20  ? 0.423   -2.141  -14.193 1.00 26.27 ? 20  GLY A N   1 
ATOM   141  C CA  . GLY A 1 20  ? 0.937   -2.426  -15.520 1.00 23.54 ? 20  GLY A CA  1 
ATOM   142  C C   . GLY A 1 20  ? 2.381   -2.879  -15.505 1.00 26.48 ? 20  GLY A C   1 
ATOM   143  O O   . GLY A 1 20  ? 2.841   -3.463  -14.521 1.00 31.31 ? 20  GLY A O   1 
ATOM   144  N N   . GLN A 1 21  ? 3.100   -2.577  -16.580 1.00 24.96 ? 21  GLN A N   1 
ATOM   145  C CA  . GLN A 1 21  ? 4.504   -2.959  -16.723 1.00 31.21 ? 21  GLN A CA  1 
ATOM   146  C C   . GLN A 1 21  ? 5.460   -1.967  -16.063 1.00 28.20 ? 21  GLN A C   1 
ATOM   147  O O   . GLN A 1 21  ? 6.635   -1.896  -16.425 1.00 32.84 ? 21  GLN A O   1 
ATOM   148  C CB  . GLN A 1 21  ? 4.869   -3.099  -18.206 1.00 43.76 ? 21  GLN A CB  1 
ATOM   149  C CG  . GLN A 1 21  ? 3.826   -3.809  -19.069 1.00 61.03 ? 21  GLN A CG  1 
ATOM   150  C CD  . GLN A 1 21  ? 3.363   -5.131  -18.479 1.00 71.35 ? 21  GLN A CD  1 
ATOM   151  O OE1 . GLN A 1 21  ? 2.165   -5.412  -18.432 1.00 76.24 ? 21  GLN A OE1 1 
ATOM   152  N NE2 . GLN A 1 21  ? 4.307   -5.948  -18.029 1.00 76.19 ? 21  GLN A NE2 1 
ATOM   153  N N   . CYS A 1 22  ? 4.961   -1.209  -15.096 1.00 25.69 ? 22  CYS A N   1 
ATOM   154  C CA  . CYS A 1 22  ? 5.776   -0.224  -14.396 1.00 23.18 ? 22  CYS A CA  1 
ATOM   155  C C   . CYS A 1 22  ? 6.043   -0.705  -12.974 1.00 18.73 ? 22  CYS A C   1 
ATOM   156  O O   . CYS A 1 22  ? 5.124   -1.138  -12.284 1.00 19.68 ? 22  CYS A O   1 
ATOM   157  C CB  . CYS A 1 22  ? 5.052   1.130   -14.381 1.00 23.28 ? 22  CYS A CB  1 
ATOM   158  S SG  . CYS A 1 22  ? 5.836   2.459   -13.406 1.00 22.73 ? 22  CYS A SG  1 
ATOM   159  N N   . GLY A 1 23  ? 7.302   -0.649  -12.546 1.00 14.59 ? 23  GLY A N   1 
ATOM   160  C CA  . GLY A 1 23  ? 7.650   -1.075  -11.200 1.00 14.74 ? 23  GLY A CA  1 
ATOM   161  C C   . GLY A 1 23  ? 7.309   -0.023  -10.159 1.00 15.98 ? 23  GLY A C   1 
ATOM   162  O O   . GLY A 1 23  ? 8.122   0.291   -9.288  1.00 20.54 ? 23  GLY A O   1 
ATOM   163  N N   . SER A 1 24  ? 6.080   0.479   -10.219 1.00 13.49 ? 24  SER A N   1 
ATOM   164  C CA  . SER A 1 24  ? 5.603   1.517   -9.316  1.00 16.20 ? 24  SER A CA  1 
ATOM   165  C C   . SER A 1 24  ? 4.868   0.971   -8.092  1.00 14.11 ? 24  SER A C   1 
ATOM   166  O O   . SER A 1 24  ? 4.022   1.660   -7.511  1.00 15.85 ? 24  SER A O   1 
ATOM   167  C CB  . SER A 1 24  ? 4.678   2.450   -10.094 1.00 18.69 ? 24  SER A CB  1 
ATOM   168  O OG  . SER A 1 24  ? 3.701   1.692   -10.789 1.00 14.48 ? 24  SER A OG  1 
ATOM   169  N N   . CYS A 1 25  ? 5.221   -0.236  -7.665  1.00 10.95 ? 25  CYS A N   1 
ATOM   170  C CA  . CYS A 1 25  ? 4.563   -0.856  -6.518  1.00 9.42  ? 25  CYS A CA  1 
ATOM   171  C C   . CYS A 1 25  ? 4.593   0.030   -5.280  1.00 2.00  ? 25  CYS A C   1 
ATOM   172  O O   . CYS A 1 25  ? 3.597   0.150   -4.568  1.00 4.25  ? 25  CYS A O   1 
ATOM   173  C CB  . CYS A 1 25  ? 5.191   -2.218  -6.209  1.00 4.27  ? 25  CYS A CB  1 
ATOM   174  S SG  . CYS A 1 25  ? 6.963   -2.164  -5.797  1.00 10.97 ? 25  CYS A SG  1 
ATOM   175  N N   . TRP A 1 26  ? 5.740   0.653   -5.041  1.00 3.70  ? 26  TRP A N   1 
ATOM   176  C CA  . TRP A 1 26  ? 5.930   1.541   -3.899  1.00 9.12  ? 26  TRP A CA  1 
ATOM   177  C C   . TRP A 1 26  ? 4.891   2.659   -3.875  1.00 8.91  ? 26  TRP A C   1 
ATOM   178  O O   . TRP A 1 26  ? 4.394   3.035   -2.812  1.00 10.97 ? 26  TRP A O   1 
ATOM   179  C CB  . TRP A 1 26  ? 7.334   2.147   -3.944  1.00 11.54 ? 26  TRP A CB  1 
ATOM   180  C CG  . TRP A 1 26  ? 7.601   2.935   -5.199  1.00 18.38 ? 26  TRP A CG  1 
ATOM   181  C CD1 . TRP A 1 26  ? 7.975   2.440   -6.414  1.00 18.66 ? 26  TRP A CD1 1 
ATOM   182  C CD2 . TRP A 1 26  ? 7.504   4.357   -5.358  1.00 18.61 ? 26  TRP A CD2 1 
ATOM   183  N NE1 . TRP A 1 26  ? 8.118   3.462   -7.318  1.00 20.26 ? 26  TRP A NE1 1 
ATOM   184  C CE2 . TRP A 1 26  ? 7.834   4.651   -6.699  1.00 20.95 ? 26  TRP A CE2 1 
ATOM   185  C CE3 . TRP A 1 26  ? 7.171   5.413   -4.496  1.00 15.39 ? 26  TRP A CE3 1 
ATOM   186  C CZ2 . TRP A 1 26  ? 7.840   5.958   -7.204  1.00 16.39 ? 26  TRP A CZ2 1 
ATOM   187  C CZ3 . TRP A 1 26  ? 7.177   6.714   -4.998  1.00 16.26 ? 26  TRP A CZ3 1 
ATOM   188  C CH2 . TRP A 1 26  ? 7.510   6.972   -6.340  1.00 13.34 ? 26  TRP A CH2 1 
ATOM   189  N N   . ALA A 1 27  ? 4.568   3.179   -5.054  1.00 11.64 ? 27  ALA A N   1 
ATOM   190  C CA  . ALA A 1 27  ? 3.601   4.260   -5.192  1.00 8.72  ? 27  ALA A CA  1 
ATOM   191  C C   . ALA A 1 27  ? 2.214   3.771   -4.812  1.00 6.25  ? 27  ALA A C   1 
ATOM   192  O O   . ALA A 1 27  ? 1.508   4.422   -4.043  1.00 10.49 ? 27  ALA A O   1 
ATOM   193  C CB  . ALA A 1 27  ? 3.610   4.786   -6.623  1.00 10.88 ? 27  ALA A CB  1 
ATOM   194  N N   . PHE A 1 28  ? 1.826   2.616   -5.345  1.00 9.15  ? 28  PHE A N   1 
ATOM   195  C CA  . PHE A 1 28  ? 0.517   2.052   -5.033  1.00 6.76  ? 28  PHE A CA  1 
ATOM   196  C C   . PHE A 1 28  ? 0.381   1.724   -3.549  1.00 8.55  ? 28  PHE A C   1 
ATOM   197  O O   . PHE A 1 28  ? -0.701  1.853   -2.977  1.00 9.94  ? 28  PHE A O   1 
ATOM   198  C CB  . PHE A 1 28  ? 0.234   0.824   -5.896  1.00 9.97  ? 28  PHE A CB  1 
ATOM   199  C CG  . PHE A 1 28  ? -0.077  1.156   -7.327  1.00 9.79  ? 28  PHE A CG  1 
ATOM   200  C CD1 . PHE A 1 28  ? 0.937   1.516   -8.206  1.00 13.15 ? 28  PHE A CD1 1 
ATOM   201  C CD2 . PHE A 1 28  ? -1.385  1.130   -7.790  1.00 8.97  ? 28  PHE A CD2 1 
ATOM   202  C CE1 . PHE A 1 28  ? 0.653   1.850   -9.528  1.00 12.06 ? 28  PHE A CE1 1 
ATOM   203  C CE2 . PHE A 1 28  ? -1.682  1.461   -9.110  1.00 6.00  ? 28  PHE A CE2 1 
ATOM   204  C CZ  . PHE A 1 28  ? -0.659  1.822   -9.979  1.00 10.16 ? 28  PHE A CZ  1 
ATOM   205  N N   . SER A 1 29  ? 1.483   1.325   -2.922  1.00 9.77  ? 29  SER A N   1 
ATOM   206  C CA  . SER A 1 29  ? 1.478   1.010   -1.498  1.00 12.64 ? 29  SER A CA  1 
ATOM   207  C C   . SER A 1 29  ? 1.264   2.295   -0.700  1.00 9.39  ? 29  SER A C   1 
ATOM   208  O O   . SER A 1 29  ? 0.367   2.372   0.143   1.00 11.47 ? 29  SER A O   1 
ATOM   209  C CB  . SER A 1 29  ? 2.805   0.355   -1.096  1.00 13.10 ? 29  SER A CB  1 
ATOM   210  O OG  . SER A 1 29  ? 2.869   0.100   0.296   1.00 15.90 ? 29  SER A OG  1 
ATOM   211  N N   . ALA A 1 30  ? 2.090   3.300   -0.973  1.00 5.82  ? 30  ALA A N   1 
ATOM   212  C CA  . ALA A 1 30  ? 2.003   4.587   -0.289  1.00 8.85  ? 30  ALA A CA  1 
ATOM   213  C C   . ALA A 1 30  ? 0.626   5.232   -0.448  1.00 5.82  ? 30  ALA A C   1 
ATOM   214  O O   . ALA A 1 30  ? 0.014   5.668   0.528   1.00 5.56  ? 30  ALA A O   1 
ATOM   215  C CB  . ALA A 1 30  ? 3.093   5.532   -0.803  1.00 6.52  ? 30  ALA A CB  1 
ATOM   216  N N   . ILE A 1 31  ? 0.136   5.279   -1.683  1.00 10.00 ? 31  ILE A N   1 
ATOM   217  C CA  . ILE A 1 31  ? -1.163  5.877   -1.966  1.00 10.79 ? 31  ILE A CA  1 
ATOM   218  C C   . ILE A 1 31  ? -2.305  5.083   -1.351  1.00 11.02 ? 31  ILE A C   1 
ATOM   219  O O   . ILE A 1 31  ? -3.220  5.663   -0.757  1.00 12.53 ? 31  ILE A O   1 
ATOM   220  C CB  . ILE A 1 31  ? -1.384  6.048   -3.483  1.00 9.55  ? 31  ILE A CB  1 
ATOM   221  C CG1 . ILE A 1 31  ? -0.353  7.033   -4.051  1.00 10.26 ? 31  ILE A CG1 1 
ATOM   222  C CG2 . ILE A 1 31  ? -2.799  6.535   -3.765  1.00 6.75  ? 31  ILE A CG2 1 
ATOM   223  C CD1 . ILE A 1 31  ? -0.347  8.398   -3.364  1.00 13.58 ? 31  ILE A CD1 1 
ATOM   224  N N   . GLY A 1 32  ? -2.254  3.758   -1.482  1.00 11.11 ? 32  GLY A N   1 
ATOM   225  C CA  . GLY A 1 32  ? -3.290  2.917   -0.908  1.00 2.24  ? 32  GLY A CA  1 
ATOM   226  C C   . GLY A 1 32  ? -3.416  3.197   0.578   1.00 2.28  ? 32  GLY A C   1 
ATOM   227  O O   . GLY A 1 32  ? -4.514  3.222   1.133   1.00 7.05  ? 32  GLY A O   1 
ATOM   228  N N   . ASN A 1 33  ? -2.280  3.450   1.214   1.00 5.48  ? 33  ASN A N   1 
ATOM   229  C CA  . ASN A 1 33  ? -2.245  3.758   2.638   1.00 8.26  ? 33  ASN A CA  1 
ATOM   230  C C   . ASN A 1 33  ? -2.894  5.118   2.904   1.00 9.88  ? 33  ASN A C   1 
ATOM   231  O O   . ASN A 1 33  ? -3.762  5.236   3.773   1.00 14.99 ? 33  ASN A O   1 
ATOM   232  C CB  . ASN A 1 33  ? -0.799  3.748   3.141   1.00 3.54  ? 33  ASN A CB  1 
ATOM   233  C CG  . ASN A 1 33  ? -0.665  4.262   4.562   1.00 11.48 ? 33  ASN A CG  1 
ATOM   234  O OD1 . ASN A 1 33  ? -0.030  5.284   4.799   1.00 10.09 ? 33  ASN A OD1 1 
ATOM   235  N ND2 . ASN A 1 33  ? -1.249  3.548   5.515   1.00 16.81 ? 33  ASN A ND2 1 
ATOM   236  N N   . VAL A 1 34  ? -2.497  6.134   2.140   1.00 13.91 ? 34  VAL A N   1 
ATOM   237  C CA  . VAL A 1 34  ? -3.054  7.478   2.304   1.00 9.36  ? 34  VAL A CA  1 
ATOM   238  C C   . VAL A 1 34  ? -4.571  7.482   2.116   1.00 7.86  ? 34  VAL A C   1 
ATOM   239  O O   . VAL A 1 34  ? -5.295  8.076   2.914   1.00 11.78 ? 34  VAL A O   1 
ATOM   240  C CB  . VAL A 1 34  ? -2.391  8.509   1.349   1.00 8.96  ? 34  VAL A CB  1 
ATOM   241  C CG1 . VAL A 1 34  ? -3.017  9.889   1.547   1.00 6.40  ? 34  VAL A CG1 1 
ATOM   242  C CG2 . VAL A 1 34  ? -0.887  8.590   1.620   1.00 6.18  ? 34  VAL A CG2 1 
ATOM   243  N N   . GLU A 1 35  ? -5.050  6.782   1.091   1.00 11.15 ? 35  GLU A N   1 
ATOM   244  C CA  . GLU A 1 35  ? -6.482  6.692   0.814   1.00 7.30  ? 35  GLU A CA  1 
ATOM   245  C C   . GLU A 1 35  ? -7.236  6.192   2.034   1.00 13.26 ? 35  GLU A C   1 
ATOM   246  O O   . GLU A 1 35  ? -8.273  6.748   2.404   1.00 13.88 ? 35  GLU A O   1 
ATOM   247  C CB  . GLU A 1 35  ? -6.744  5.738   -0.351  1.00 10.65 ? 35  GLU A CB  1 
ATOM   248  C CG  . GLU A 1 35  ? -6.241  6.231   -1.689  1.00 12.14 ? 35  GLU A CG  1 
ATOM   249  C CD  . GLU A 1 35  ? -6.407  5.209   -2.794  1.00 16.43 ? 35  GLU A CD  1 
ATOM   250  O OE1 . GLU A 1 35  ? -6.569  4.010   -2.485  1.00 23.56 ? 35  GLU A OE1 1 
ATOM   251  O OE2 . GLU A 1 35  ? -6.360  5.599   -3.977  1.00 13.99 ? 35  GLU A OE2 1 
ATOM   252  N N   . CYS A 1 36  ? -6.718  5.131   2.649   1.00 16.87 ? 36  CYS A N   1 
ATOM   253  C CA  . CYS A 1 36  ? -7.344  4.556   3.832   1.00 11.08 ? 36  CYS A CA  1 
ATOM   254  C C   . CYS A 1 36  ? -7.242  5.483   5.035   1.00 8.69  ? 36  CYS A C   1 
ATOM   255  O O   . CYS A 1 36  ? -8.216  5.666   5.763   1.00 12.21 ? 36  CYS A O   1 
ATOM   256  C CB  . CYS A 1 36  ? -6.726  3.195   4.159   1.00 14.68 ? 36  CYS A CB  1 
ATOM   257  S SG  . CYS A 1 36  ? -6.957  1.946   2.873   1.00 10.69 ? 36  CYS A SG  1 
ATOM   258  N N   . GLN A 1 37  ? -6.074  6.081   5.248   1.00 7.10  ? 37  GLN A N   1 
ATOM   259  C CA  . GLN A 1 37  ? -5.898  6.988   6.376   1.00 10.19 ? 37  GLN A CA  1 
ATOM   260  C C   . GLN A 1 37  ? -6.805  8.214   6.242   1.00 13.51 ? 37  GLN A C   1 
ATOM   261  O O   . GLN A 1 37  ? -7.352  8.708   7.232   1.00 9.11  ? 37  GLN A O   1 
ATOM   262  C CB  . GLN A 1 37  ? -4.436  7.415   6.496   1.00 10.39 ? 37  GLN A CB  1 
ATOM   263  C CG  . GLN A 1 37  ? -3.512  6.301   6.959   1.00 12.98 ? 37  GLN A CG  1 
ATOM   264  C CD  . GLN A 1 37  ? -3.984  5.655   8.249   1.00 13.81 ? 37  GLN A CD  1 
ATOM   265  O OE1 . GLN A 1 37  ? -4.247  4.452   8.290   1.00 8.66  ? 37  GLN A OE1 1 
ATOM   266  N NE2 . GLN A 1 37  ? -4.103  6.448   9.304   1.00 16.97 ? 37  GLN A NE2 1 
ATOM   267  N N   . TRP A 1 38  ? -6.982  8.673   5.006   1.00 13.39 ? 38  TRP A N   1 
ATOM   268  C CA  . TRP A 1 38  ? -7.825  9.829   4.714   1.00 15.66 ? 38  TRP A CA  1 
ATOM   269  C C   . TRP A 1 38  ? -9.254  9.508   5.124   1.00 16.86 ? 38  TRP A C   1 
ATOM   270  O O   . TRP A 1 38  ? -9.891  10.276  5.853   1.00 16.95 ? 38  TRP A O   1 
ATOM   271  C CB  . TRP A 1 38  ? -7.782  10.147  3.221   1.00 16.32 ? 38  TRP A CB  1 
ATOM   272  C CG  . TRP A 1 38  ? -8.448  11.437  2.862   1.00 20.30 ? 38  TRP A CG  1 
ATOM   273  C CD1 . TRP A 1 38  ? -9.461  11.616  1.962   1.00 17.94 ? 38  TRP A CD1 1 
ATOM   274  C CD2 . TRP A 1 38  ? -8.125  12.738  3.368   1.00 18.79 ? 38  TRP A CD2 1 
ATOM   275  N NE1 . TRP A 1 38  ? -9.781  12.947  1.873   1.00 16.30 ? 38  TRP A NE1 1 
ATOM   276  C CE2 . TRP A 1 38  ? -8.979  13.660  2.725   1.00 19.81 ? 38  TRP A CE2 1 
ATOM   277  C CE3 . TRP A 1 38  ? -7.191  13.215  4.298   1.00 16.21 ? 38  TRP A CE3 1 
ATOM   278  C CZ2 . TRP A 1 38  ? -8.929  15.035  2.983   1.00 16.74 ? 38  TRP A CZ2 1 
ATOM   279  C CZ3 . TRP A 1 38  ? -7.142  14.584  4.556   1.00 18.49 ? 38  TRP A CZ3 1 
ATOM   280  C CH2 . TRP A 1 38  ? -8.006  15.476  3.900   1.00 10.14 ? 38  TRP A CH2 1 
ATOM   281  N N   . PHE A 1 39  ? -9.750  8.367   4.654   1.00 15.04 ? 39  PHE A N   1 
ATOM   282  C CA  . PHE A 1 39  ? -11.101 7.926   4.975   1.00 13.70 ? 39  PHE A CA  1 
ATOM   283  C C   . PHE A 1 39  ? -11.270 7.863   6.487   1.00 15.80 ? 39  PHE A C   1 
ATOM   284  O O   . PHE A 1 39  ? -12.211 8.441   7.044   1.00 15.74 ? 39  PHE A O   1 
ATOM   285  C CB  . PHE A 1 39  ? -11.383 6.551   4.361   1.00 15.76 ? 39  PHE A CB  1 
ATOM   286  C CG  . PHE A 1 39  ? -12.706 5.964   4.770   1.00 20.94 ? 39  PHE A CG  1 
ATOM   287  C CD1 . PHE A 1 39  ? -13.868 6.286   4.079   1.00 21.95 ? 39  PHE A CD1 1 
ATOM   288  C CD2 . PHE A 1 39  ? -12.795 5.118   5.873   1.00 19.24 ? 39  PHE A CD2 1 
ATOM   289  C CE1 . PHE A 1 39  ? -15.101 5.772   4.475   1.00 21.25 ? 39  PHE A CE1 1 
ATOM   290  C CE2 . PHE A 1 39  ? -14.020 4.599   6.278   1.00 21.68 ? 39  PHE A CE2 1 
ATOM   291  C CZ  . PHE A 1 39  ? -15.178 4.931   5.578   1.00 23.39 ? 39  PHE A CZ  1 
ATOM   292  N N   . LEU A 1 40  ? -10.333 7.189   7.147   1.00 14.05 ? 40  LEU A N   1 
ATOM   293  C CA  . LEU A 1 40  ? -10.374 7.036   8.595   1.00 18.59 ? 40  LEU A CA  1 
ATOM   294  C C   . LEU A 1 40  ? -10.315 8.365   9.339   1.00 21.27 ? 40  LEU A C   1 
ATOM   295  O O   . LEU A 1 40  ? -10.717 8.447   10.500  1.00 21.09 ? 40  LEU A O   1 
ATOM   296  C CB  . LEU A 1 40  ? -9.263  6.096   9.068   1.00 20.83 ? 40  LEU A CB  1 
ATOM   297  C CG  . LEU A 1 40  ? -9.406  4.663   8.546   1.00 22.15 ? 40  LEU A CG  1 
ATOM   298  C CD1 . LEU A 1 40  ? -8.270  3.802   9.054   1.00 23.22 ? 40  LEU A CD1 1 
ATOM   299  C CD2 . LEU A 1 40  ? -10.745 4.091   8.973   1.00 24.22 ? 40  LEU A CD2 1 
ATOM   300  N N   . ALA A 1 41  ? -9.831  9.405   8.666   1.00 21.09 ? 41  ALA A N   1 
ATOM   301  C CA  . ALA A 1 41  ? -9.753  10.732  9.268   1.00 23.25 ? 41  ALA A CA  1 
ATOM   302  C C   . ALA A 1 41  ? -11.095 11.464  9.142   1.00 22.78 ? 41  ALA A C   1 
ATOM   303  O O   . ALA A 1 41  ? -11.165 12.683  9.296   1.00 30.05 ? 41  ALA A O   1 
ATOM   304  C CB  . ALA A 1 41  ? -8.636  11.542  8.626   1.00 18.21 ? 41  ALA A CB  1 
ATOM   305  N N   . GLY A 1 42  ? -12.146 10.714  8.815   1.00 23.91 ? 42  GLY A N   1 
ATOM   306  C CA  . GLY A 1 42  ? -13.479 11.279  8.690   1.00 24.68 ? 42  GLY A CA  1 
ATOM   307  C C   . GLY A 1 42  ? -13.800 11.908  7.351   1.00 23.42 ? 42  GLY A C   1 
ATOM   308  O O   . GLY A 1 42  ? -14.631 12.810  7.274   1.00 28.32 ? 42  GLY A O   1 
ATOM   309  N N   . HIS A 1 43  ? -13.167 11.422  6.289   1.00 23.56 ? 43  HIS A N   1 
ATOM   310  C CA  . HIS A 1 43  ? -13.393 11.962  4.952   1.00 26.40 ? 43  HIS A CA  1 
ATOM   311  C C   . HIS A 1 43  ? -13.871 10.857  4.017   1.00 32.00 ? 43  HIS A C   1 
ATOM   312  O O   . HIS A 1 43  ? -13.591 9.680   4.243   1.00 32.91 ? 43  HIS A O   1 
ATOM   313  C CB  . HIS A 1 43  ? -12.103 12.582  4.401   1.00 27.66 ? 43  HIS A CB  1 
ATOM   314  C CG  . HIS A 1 43  ? -11.446 13.551  5.335   1.00 27.23 ? 43  HIS A CG  1 
ATOM   315  N ND1 . HIS A 1 43  ? -11.762 14.892  5.368   1.00 28.89 ? 43  HIS A ND1 1 
ATOM   316  C CD2 . HIS A 1 43  ? -10.495 13.367  6.283   1.00 26.38 ? 43  HIS A CD2 1 
ATOM   317  C CE1 . HIS A 1 43  ? -11.038 15.492  6.297   1.00 30.22 ? 43  HIS A CE1 1 
ATOM   318  N NE2 . HIS A 1 43  ? -10.262 14.588  6.866   1.00 28.98 ? 43  HIS A NE2 1 
ATOM   319  N N   . PRO A 1 44  ? -14.634 11.219  2.972   1.00 34.17 ? 44  PRO A N   1 
ATOM   320  C CA  . PRO A 1 44  ? -15.137 10.223  2.019   1.00 34.71 ? 44  PRO A CA  1 
ATOM   321  C C   . PRO A 1 44  ? -13.995 9.458   1.360   1.00 32.59 ? 44  PRO A C   1 
ATOM   322  O O   . PRO A 1 44  ? -12.915 10.013  1.128   1.00 27.61 ? 44  PRO A O   1 
ATOM   323  C CB  . PRO A 1 44  ? -15.882 11.081  0.996   1.00 34.54 ? 44  PRO A CB  1 
ATOM   324  C CG  . PRO A 1 44  ? -16.389 12.216  1.823   1.00 35.88 ? 44  PRO A CG  1 
ATOM   325  C CD  . PRO A 1 44  ? -15.180 12.553  2.667   1.00 36.93 ? 44  PRO A CD  1 
ATOM   326  N N   . LEU A 1 45  ? -14.237 8.183   1.067   1.00 28.18 ? 45  LEU A N   1 
ATOM   327  C CA  . LEU A 1 45  ? -13.238 7.341   0.428   1.00 26.94 ? 45  LEU A CA  1 
ATOM   328  C C   . LEU A 1 45  ? -12.973 7.913   -0.958  1.00 25.92 ? 45  LEU A C   1 
ATOM   329  O O   . LEU A 1 45  ? -13.863 7.940   -1.810  1.00 24.24 ? 45  LEU A O   1 
ATOM   330  C CB  . LEU A 1 45  ? -13.747 5.903   0.322   1.00 25.07 ? 45  LEU A CB  1 
ATOM   331  C CG  . LEU A 1 45  ? -12.749 4.873   -0.211  1.00 22.67 ? 45  LEU A CG  1 
ATOM   332  C CD1 . LEU A 1 45  ? -11.535 4.795   0.706   1.00 24.61 ? 45  LEU A CD1 1 
ATOM   333  C CD2 . LEU A 1 45  ? -13.429 3.526   -0.322  1.00 24.33 ? 45  LEU A CD2 1 
ATOM   334  N N   . THR A 1 46  ? -11.744 8.363   -1.178  1.00 25.63 ? 46  THR A N   1 
ATOM   335  C CA  . THR A 1 46  ? -11.376 8.968   -2.447  1.00 25.23 ? 46  THR A CA  1 
ATOM   336  C C   . THR A 1 46  ? -10.166 8.306   -3.092  1.00 23.28 ? 46  THR A C   1 
ATOM   337  O O   . THR A 1 46  ? -9.172  8.022   -2.424  1.00 24.20 ? 46  THR A O   1 
ATOM   338  C CB  . THR A 1 46  ? -11.055 10.469  -2.250  1.00 23.60 ? 46  THR A CB  1 
ATOM   339  O OG1 . THR A 1 46  ? -12.077 11.075  -1.446  1.00 28.75 ? 46  THR A OG1 1 
ATOM   340  C CG2 . THR A 1 46  ? -10.985 11.187  -3.590  1.00 23.26 ? 46  THR A CG2 1 
ATOM   341  N N   . ASN A 1 47  ? -10.262 8.053   -4.394  1.00 20.77 ? 47  ASN A N   1 
ATOM   342  C CA  . ASN A 1 47  ? -9.156  7.468   -5.140  1.00 20.37 ? 47  ASN A CA  1 
ATOM   343  C C   . ASN A 1 47  ? -8.113  8.559   -5.328  1.00 20.84 ? 47  ASN A C   1 
ATOM   344  O O   . ASN A 1 47  ? -8.416  9.632   -5.852  1.00 21.38 ? 47  ASN A O   1 
ATOM   345  C CB  . ASN A 1 47  ? -9.618  6.985   -6.515  1.00 23.63 ? 47  ASN A CB  1 
ATOM   346  C CG  . ASN A 1 47  ? -10.316 5.647   -6.465  1.00 27.50 ? 47  ASN A CG  1 
ATOM   347  O OD1 . ASN A 1 47  ? -11.266 5.454   -5.707  1.00 25.77 ? 47  ASN A OD1 1 
ATOM   348  N ND2 . ASN A 1 47  ? -9.856  4.713   -7.283  1.00 29.03 ? 47  ASN A ND2 1 
ATOM   349  N N   . LEU A 1 48  ? -6.896  8.302   -4.869  1.00 20.85 ? 48  LEU A N   1 
ATOM   350  C CA  . LEU A 1 48  ? -5.817  9.268   -5.001  1.00 15.35 ? 48  LEU A CA  1 
ATOM   351  C C   . LEU A 1 48  ? -4.896  8.890   -6.158  1.00 15.83 ? 48  LEU A C   1 
ATOM   352  O O   . LEU A 1 48  ? -5.047  7.820   -6.755  1.00 18.77 ? 48  LEU A O   1 
ATOM   353  C CB  . LEU A 1 48  ? -5.065  9.409   -3.677  1.00 12.98 ? 48  LEU A CB  1 
ATOM   354  C CG  . LEU A 1 48  ? -6.001  9.815   -2.533  1.00 10.20 ? 48  LEU A CG  1 
ATOM   355  C CD1 . LEU A 1 48  ? -5.230  9.959   -1.242  1.00 10.88 ? 48  LEU A CD1 1 
ATOM   356  C CD2 . LEU A 1 48  ? -6.722  11.114  -2.875  1.00 14.28 ? 48  LEU A CD2 1 
ATOM   357  N N   . SER A 1 49  ? -3.950  9.765   -6.478  1.00 12.99 ? 49  SER A N   1 
ATOM   358  C CA  . SER A 1 49  ? -3.055  9.544   -7.604  1.00 12.06 ? 49  SER A CA  1 
ATOM   359  C C   . SER A 1 49  ? -1.694  8.926   -7.319  1.00 13.04 ? 49  SER A C   1 
ATOM   360  O O   . SER A 1 49  ? -0.898  9.471   -6.549  1.00 10.79 ? 49  SER A O   1 
ATOM   361  C CB  . SER A 1 49  ? -2.855  10.861  -8.358  1.00 12.40 ? 49  SER A CB  1 
ATOM   362  O OG  . SER A 1 49  ? -1.963  10.709  -9.450  1.00 15.81 ? 49  SER A OG  1 
ATOM   363  N N   . GLU A 1 50  ? -1.411  7.815   -7.995  1.00 9.85  ? 50  GLU A N   1 
ATOM   364  C CA  . GLU A 1 50  ? -0.119  7.148   -7.864  1.00 14.84 ? 50  GLU A CA  1 
ATOM   365  C C   . GLU A 1 50  ? 0.804   7.819   -8.869  1.00 13.49 ? 50  GLU A C   1 
ATOM   366  O O   . GLU A 1 50  ? 2.014   7.926   -8.657  1.00 15.80 ? 50  GLU A O   1 
ATOM   367  C CB  . GLU A 1 50  ? -0.222  5.655   -8.199  1.00 17.19 ? 50  GLU A CB  1 
ATOM   368  C CG  . GLU A 1 50  ? -0.931  4.802   -7.150  1.00 17.07 ? 50  GLU A CG  1 
ATOM   369  C CD  . GLU A 1 50  ? -2.444  4.810   -7.281  1.00 18.00 ? 50  GLU A CD  1 
ATOM   370  O OE1 . GLU A 1 50  ? -2.960  5.140   -8.371  1.00 20.21 ? 50  GLU A OE1 1 
ATOM   371  O OE2 . GLU A 1 50  ? -3.121  4.465   -6.292  1.00 18.20 ? 50  GLU A OE2 1 
ATOM   372  N N   . GLN A 1 51  ? 0.209   8.289   -9.961  1.00 13.98 ? 51  GLN A N   1 
ATOM   373  C CA  . GLN A 1 51  ? 0.945   8.956   -11.023 1.00 14.64 ? 51  GLN A CA  1 
ATOM   374  C C   . GLN A 1 51  ? 1.661   10.196  -10.491 1.00 8.97  ? 51  GLN A C   1 
ATOM   375  O O   . GLN A 1 51  ? 2.786   10.484  -10.898 1.00 11.27 ? 51  GLN A O   1 
ATOM   376  C CB  . GLN A 1 51  ? 0.003   9.317   -12.171 1.00 14.08 ? 51  GLN A CB  1 
ATOM   377  C CG  . GLN A 1 51  ? 0.719   9.631   -13.472 1.00 15.50 ? 51  GLN A CG  1 
ATOM   378  C CD  . GLN A 1 51  ? 1.569   8.478   -13.958 1.00 15.56 ? 51  GLN A CD  1 
ATOM   379  O OE1 . GLN A 1 51  ? 1.065   7.386   -14.215 1.00 15.43 ? 51  GLN A OE1 1 
ATOM   380  N NE2 . GLN A 1 51  ? 2.866   8.713   -14.089 1.00 12.47 ? 51  GLN A NE2 1 
ATOM   381  N N   . MET A 1 52  ? 1.028   10.903  -9.560  1.00 10.28 ? 52  MET A N   1 
ATOM   382  C CA  . MET A 1 52  ? 1.633   12.087  -8.952  1.00 11.19 ? 52  MET A CA  1 
ATOM   383  C C   . MET A 1 52  ? 3.015   11.707  -8.424  1.00 14.16 ? 52  MET A C   1 
ATOM   384  O O   . MET A 1 52  ? 4.008   12.395  -8.674  1.00 12.22 ? 52  MET A O   1 
ATOM   385  C CB  . MET A 1 52  ? 0.768   12.593  -7.792  1.00 10.29 ? 52  MET A CB  1 
ATOM   386  C CG  . MET A 1 52  ? 1.413   13.705  -6.974  1.00 5.00  ? 52  MET A CG  1 
ATOM   387  S SD  . MET A 1 52  ? 0.543   14.054  -5.443  1.00 13.07 ? 52  MET A SD  1 
ATOM   388  C CE  . MET A 1 52  ? 1.140   12.708  -4.403  1.00 21.21 ? 52  MET A CE  1 
ATOM   389  N N   . LEU A 1 53  ? 3.067   10.586  -7.712  1.00 14.19 ? 53  LEU A N   1 
ATOM   390  C CA  . LEU A 1 53  ? 4.305   10.081  -7.138  1.00 14.05 ? 53  LEU A CA  1 
ATOM   391  C C   . LEU A 1 53  ? 5.270   9.611   -8.224  1.00 9.56  ? 53  LEU A C   1 
ATOM   392  O O   . LEU A 1 53  ? 6.413   10.053  -8.276  1.00 17.51 ? 53  LEU A O   1 
ATOM   393  C CB  . LEU A 1 53  ? 3.995   8.932   -6.172  1.00 14.72 ? 53  LEU A CB  1 
ATOM   394  C CG  . LEU A 1 53  ? 4.225   9.117   -4.668  1.00 12.02 ? 53  LEU A CG  1 
ATOM   395  C CD1 . LEU A 1 53  ? 4.199   10.569  -4.242  1.00 10.35 ? 53  LEU A CD1 1 
ATOM   396  C CD2 . LEU A 1 53  ? 3.180   8.322   -3.918  1.00 8.89  ? 53  LEU A CD2 1 
ATOM   397  N N   . VAL A 1 54  ? 4.791   8.756   -9.120  1.00 9.13  ? 54  VAL A N   1 
ATOM   398  C CA  . VAL A 1 54  ? 5.626   8.230   -10.195 1.00 7.53  ? 54  VAL A CA  1 
ATOM   399  C C   . VAL A 1 54  ? 6.275   9.337   -11.033 1.00 8.80  ? 54  VAL A C   1 
ATOM   400  O O   . VAL A 1 54  ? 7.477   9.302   -11.314 1.00 10.53 ? 54  VAL A O   1 
ATOM   401  C CB  . VAL A 1 54  ? 4.817   7.280   -11.118 1.00 6.76  ? 54  VAL A CB  1 
ATOM   402  C CG1 . VAL A 1 54  ? 5.709   6.685   -12.183 1.00 8.35  ? 54  VAL A CG1 1 
ATOM   403  C CG2 . VAL A 1 54  ? 4.181   6.166   -10.298 1.00 12.39 ? 54  VAL A CG2 1 
ATOM   404  N N   . SER A 1 55  ? 5.487   10.334  -11.406 1.00 13.87 ? 55  SER A N   1 
ATOM   405  C CA  . SER A 1 55  ? 5.993   11.432  -12.218 1.00 17.58 ? 55  SER A CA  1 
ATOM   406  C C   . SER A 1 55  ? 6.736   12.528  -11.457 1.00 11.99 ? 55  SER A C   1 
ATOM   407  O O   . SER A 1 55  ? 7.807   12.962  -11.881 1.00 21.14 ? 55  SER A O   1 
ATOM   408  C CB  . SER A 1 55  ? 4.850   12.060  -13.019 1.00 11.42 ? 55  SER A CB  1 
ATOM   409  O OG  . SER A 1 55  ? 4.316   11.150  -13.965 1.00 20.05 ? 55  SER A OG  1 
ATOM   410  N N   . CYS A 1 56  ? 6.189   12.951  -10.322 1.00 16.30 ? 56  CYS A N   1 
ATOM   411  C CA  . CYS A 1 56  ? 6.773   14.047  -9.554  1.00 13.36 ? 56  CYS A CA  1 
ATOM   412  C C   . CYS A 1 56  ? 7.731   13.747  -8.407  1.00 15.69 ? 56  CYS A C   1 
ATOM   413  O O   . CYS A 1 56  ? 8.592   14.573  -8.090  1.00 13.06 ? 56  CYS A O   1 
ATOM   414  C CB  . CYS A 1 56  ? 5.654   14.967  -9.070  1.00 14.07 ? 56  CYS A CB  1 
ATOM   415  S SG  . CYS A 1 56  ? 4.521   15.463  -10.406 1.00 23.49 ? 56  CYS A SG  1 
ATOM   416  N N   . ASP A 1 57  ? 7.576   12.595  -7.765  1.00 17.83 ? 57  ASP A N   1 
ATOM   417  C CA  . ASP A 1 57  ? 8.451   12.223  -6.656  1.00 8.56  ? 57  ASP A CA  1 
ATOM   418  C C   . ASP A 1 57  ? 9.855   11.948  -7.191  1.00 12.61 ? 57  ASP A C   1 
ATOM   419  O O   . ASP A 1 57  ? 10.166  10.833  -7.608  1.00 18.94 ? 57  ASP A O   1 
ATOM   420  C CB  . ASP A 1 57  ? 7.897   10.983  -5.945  1.00 12.94 ? 57  ASP A CB  1 
ATOM   421  C CG  . ASP A 1 57  ? 8.662   10.626  -4.681  1.00 9.14  ? 57  ASP A CG  1 
ATOM   422  O OD1 . ASP A 1 57  ? 9.757   11.175  -4.433  1.00 9.96  ? 57  ASP A OD1 1 
ATOM   423  O OD2 . ASP A 1 57  ? 8.148   9.780   -3.925  1.00 12.62 ? 57  ASP A OD2 1 
ATOM   424  N N   . LYS A 1 58  ? 10.708  12.964  -7.142  1.00 12.40 ? 58  LYS A N   1 
ATOM   425  C CA  . LYS A 1 58  ? 12.073  12.840  -7.632  1.00 9.69  ? 58  LYS A CA  1 
ATOM   426  C C   . LYS A 1 58  ? 13.077  12.240  -6.649  1.00 11.67 ? 58  LYS A C   1 
ATOM   427  O O   . LYS A 1 58  ? 14.264  12.146  -6.962  1.00 10.56 ? 58  LYS A O   1 
ATOM   428  C CB  . LYS A 1 58  ? 12.573  14.187  -8.164  1.00 18.25 ? 58  LYS A CB  1 
ATOM   429  C CG  . LYS A 1 58  ? 11.722  14.742  -9.299  1.00 25.79 ? 58  LYS A CG  1 
ATOM   430  C CD  . LYS A 1 58  ? 11.521  13.700  -10.394 1.00 29.21 ? 58  LYS A CD  1 
ATOM   431  C CE  . LYS A 1 58  ? 10.657  14.235  -11.522 1.00 33.46 ? 58  LYS A CE  1 
ATOM   432  N NZ  . LYS A 1 58  ? 10.469  13.211  -12.585 1.00 38.46 ? 58  LYS A NZ  1 
ATOM   433  N N   . THR A 1 59  ? 12.611  11.861  -5.459  1.00 11.92 ? 59  THR A N   1 
ATOM   434  C CA  . THR A 1 59  ? 13.487  11.235  -4.464  1.00 13.29 ? 59  THR A CA  1 
ATOM   435  C C   . THR A 1 59  ? 13.398  9.716   -4.640  1.00 14.78 ? 59  THR A C   1 
ATOM   436  O O   . THR A 1 59  ? 14.053  8.950   -3.932  1.00 12.90 ? 59  THR A O   1 
ATOM   437  C CB  . THR A 1 59  ? 13.106  11.614  -3.021  1.00 8.00  ? 59  THR A CB  1 
ATOM   438  O OG1 . THR A 1 59  ? 11.782  11.154  -2.731  1.00 18.53 ? 59  THR A OG1 1 
ATOM   439  C CG2 . THR A 1 59  ? 13.160  13.120  -2.840  1.00 18.83 ? 59  THR A CG2 1 
ATOM   440  N N   . ASP A 1 60  ? 12.534  9.300   -5.562  1.00 14.16 ? 60  ASP A N   1 
ATOM   441  C CA  . ASP A 1 60  ? 12.339  7.899   -5.896  1.00 16.53 ? 60  ASP A CA  1 
ATOM   442  C C   . ASP A 1 60  ? 12.587  7.765   -7.394  1.00 16.78 ? 60  ASP A C   1 
ATOM   443  O O   . ASP A 1 60  ? 12.862  8.766   -8.057  1.00 16.03 ? 60  ASP A O   1 
ATOM   444  C CB  . ASP A 1 60  ? 10.939  7.436   -5.491  1.00 12.06 ? 60  ASP A CB  1 
ATOM   445  C CG  . ASP A 1 60  ? 10.813  7.240   -3.989  1.00 11.96 ? 60  ASP A CG  1 
ATOM   446  O OD1 . ASP A 1 60  ? 11.713  6.620   -3.392  1.00 16.10 ? 60  ASP A OD1 1 
ATOM   447  O OD2 . ASP A 1 60  ? 9.834   7.721   -3.394  1.00 18.08 ? 60  ASP A OD2 1 
ATOM   448  N N   . SER A 1 61  ? 12.492  6.557   -7.937  1.00 15.47 ? 61  SER A N   1 
ATOM   449  C CA  . SER A 1 61  ? 12.773  6.370   -9.355  1.00 13.55 ? 61  SER A CA  1 
ATOM   450  C C   . SER A 1 61  ? 11.627  5.867   -10.228 1.00 15.40 ? 61  SER A C   1 
ATOM   451  O O   . SER A 1 61  ? 11.839  5.095   -11.165 1.00 18.15 ? 61  SER A O   1 
ATOM   452  C CB  . SER A 1 61  ? 14.002  5.473   -9.509  1.00 16.73 ? 61  SER A CB  1 
ATOM   453  O OG  . SER A 1 61  ? 15.065  5.948   -8.694  1.00 15.39 ? 61  SER A OG  1 
ATOM   454  N N   . GLY A 1 62  ? 10.415  6.318   -9.930  1.00 16.15 ? 62  GLY A N   1 
ATOM   455  C CA  . GLY A 1 62  ? 9.254   5.926   -10.712 1.00 17.35 ? 62  GLY A CA  1 
ATOM   456  C C   . GLY A 1 62  ? 9.106   4.446   -11.014 1.00 19.22 ? 62  GLY A C   1 
ATOM   457  O O   . GLY A 1 62  ? 8.911   3.633   -10.107 1.00 21.08 ? 62  GLY A O   1 
ATOM   458  N N   . CYS A 1 63  ? 9.201   4.094   -12.292 1.00 15.28 ? 63  CYS A N   1 
ATOM   459  C CA  . CYS A 1 63  ? 9.059   2.707   -12.721 1.00 19.69 ? 63  CYS A CA  1 
ATOM   460  C C   . CYS A 1 63  ? 10.238  1.807   -12.370 1.00 16.96 ? 63  CYS A C   1 
ATOM   461  O O   . CYS A 1 63  ? 10.143  0.588   -12.496 1.00 20.39 ? 63  CYS A O   1 
ATOM   462  C CB  . CYS A 1 63  ? 8.764   2.632   -14.223 1.00 13.87 ? 63  CYS A CB  1 
ATOM   463  S SG  . CYS A 1 63  ? 7.146   3.331   -14.687 1.00 17.61 ? 63  CYS A SG  1 
ATOM   464  N N   . SER A 1 64  ? 11.348  2.407   -11.951 1.00 15.59 ? 64  SER A N   1 
ATOM   465  C CA  . SER A 1 64  ? 12.533  1.648   -11.571 1.00 18.83 ? 64  SER A CA  1 
ATOM   466  C C   . SER A 1 64  ? 12.574  1.397   -10.062 1.00 16.66 ? 64  SER A C   1 
ATOM   467  O O   . SER A 1 64  ? 13.601  0.985   -9.522  1.00 22.72 ? 64  SER A O   1 
ATOM   468  C CB  . SER A 1 64  ? 13.802  2.381   -12.018 1.00 21.61 ? 64  SER A CB  1 
ATOM   469  O OG  . SER A 1 64  ? 13.823  2.543   -13.426 1.00 27.52 ? 64  SER A OG  1 
ATOM   470  N N   . GLY A 1 65  ? 11.463  1.667   -9.382  1.00 13.20 ? 65  GLY A N   1 
ATOM   471  C CA  . GLY A 1 65  ? 11.403  1.445   -7.951  1.00 15.79 ? 65  GLY A CA  1 
ATOM   472  C C   . GLY A 1 65  ? 11.446  2.690   -7.086  1.00 18.58 ? 65  GLY A C   1 
ATOM   473  O O   . GLY A 1 65  ? 11.687  3.798   -7.570  1.00 16.34 ? 65  GLY A O   1 
ATOM   474  N N   . GLY A 1 66  ? 11.206  2.491   -5.794  1.00 15.75 ? 66  GLY A N   1 
ATOM   475  C CA  . GLY A 1 66  ? 11.211  3.578   -4.837  1.00 12.83 ? 66  GLY A CA  1 
ATOM   476  C C   . GLY A 1 66  ? 10.832  3.059   -3.464  1.00 14.55 ? 66  GLY A C   1 
ATOM   477  O O   . GLY A 1 66  ? 10.496  1.885   -3.315  1.00 14.82 ? 66  GLY A O   1 
ATOM   478  N N   . LEU A 1 67  ? 10.856  3.936   -2.468  1.00 11.10 ? 67  LEU A N   1 
ATOM   479  C CA  . LEU A 1 67  ? 10.530  3.566   -1.097  1.00 9.80  ? 67  LEU A CA  1 
ATOM   480  C C   . LEU A 1 67  ? 9.300   4.318   -0.604  1.00 15.58 ? 67  LEU A C   1 
ATOM   481  O O   . LEU A 1 67  ? 9.218   5.539   -0.755  1.00 13.94 ? 67  LEU A O   1 
ATOM   482  C CB  . LEU A 1 67  ? 11.712  3.888   -0.182  1.00 10.34 ? 67  LEU A CB  1 
ATOM   483  C CG  . LEU A 1 67  ? 13.061  3.255   -0.538  1.00 15.18 ? 67  LEU A CG  1 
ATOM   484  C CD1 . LEU A 1 67  ? 14.161  3.834   0.335   1.00 12.87 ? 67  LEU A CD1 1 
ATOM   485  C CD2 . LEU A 1 67  ? 12.981  1.743   -0.373  1.00 17.93 ? 67  LEU A CD2 1 
ATOM   486  N N   . MET A 1 68  ? 8.365   3.601   0.015   1.00 15.74 ? 68  MET A N   1 
ATOM   487  C CA  . MET A 1 68  ? 7.154   4.225   0.542   1.00 12.04 ? 68  MET A CA  1 
ATOM   488  C C   . MET A 1 68  ? 7.499   5.367   1.499   1.00 15.98 ? 68  MET A C   1 
ATOM   489  O O   . MET A 1 68  ? 6.851   6.413   1.488   1.00 14.95 ? 68  MET A O   1 
ATOM   490  C CB  . MET A 1 68  ? 6.272   3.206   1.271   1.00 11.72 ? 68  MET A CB  1 
ATOM   491  C CG  . MET A 1 68  ? 5.556   2.215   0.364   1.00 16.83 ? 68  MET A CG  1 
ATOM   492  S SD  . MET A 1 68  ? 6.574   0.826   -0.164  1.00 21.28 ? 68  MET A SD  1 
ATOM   493  C CE  . MET A 1 68  ? 6.492   -0.189  1.294   1.00 19.10 ? 68  MET A CE  1 
ATOM   494  N N   . ASN A 1 69  ? 8.538   5.169   2.306   1.00 11.26 ? 69  ASN A N   1 
ATOM   495  C CA  . ASN A 1 69  ? 8.974   6.182   3.265   1.00 15.66 ? 69  ASN A CA  1 
ATOM   496  C C   . ASN A 1 69  ? 9.466   7.473   2.613   1.00 14.05 ? 69  ASN A C   1 
ATOM   497  O O   . ASN A 1 69  ? 9.279   8.564   3.164   1.00 9.83  ? 69  ASN A O   1 
ATOM   498  C CB  . ASN A 1 69  ? 10.043  5.615   4.204   1.00 14.33 ? 69  ASN A CB  1 
ATOM   499  C CG  . ASN A 1 69  ? 9.461   4.667   5.241   1.00 18.68 ? 69  ASN A CG  1 
ATOM   500  O OD1 . ASN A 1 69  ? 8.276   4.736   5.570   1.00 17.01 ? 69  ASN A OD1 1 
ATOM   501  N ND2 . ASN A 1 69  ? 10.296  3.783   5.767   1.00 16.37 ? 69  ASN A ND2 1 
ATOM   502  N N   . ASN A 1 70  ? 10.122  7.347   1.461   1.00 10.93 ? 70  ASN A N   1 
ATOM   503  C CA  . ASN A 1 70  ? 10.612  8.515   0.729   1.00 10.92 ? 70  ASN A CA  1 
ATOM   504  C C   . ASN A 1 70  ? 9.396   9.238   0.158   1.00 12.31 ? 70  ASN A C   1 
ATOM   505  O O   . ASN A 1 70  ? 9.303   10.466  0.206   1.00 11.76 ? 70  ASN A O   1 
ATOM   506  C CB  . ASN A 1 70  ? 11.537  8.100   -0.419  1.00 3.79  ? 70  ASN A CB  1 
ATOM   507  C CG  . ASN A 1 70  ? 12.942  7.754   0.047   1.00 2.00  ? 70  ASN A CG  1 
ATOM   508  O OD1 . ASN A 1 70  ? 13.225  7.694   1.243   1.00 8.25  ? 70  ASN A OD1 1 
ATOM   509  N ND2 . ASN A 1 70  ? 13.831  7.526   -0.905  1.00 3.08  ? 70  ASN A ND2 1 
ATOM   510  N N   . ALA A 1 71  ? 8.450   8.455   -0.352  1.00 9.86  ? 71  ALA A N   1 
ATOM   511  C CA  . ALA A 1 71  ? 7.221   8.980   -0.931  1.00 9.79  ? 71  ALA A CA  1 
ATOM   512  C C   . ALA A 1 71  ? 6.465   9.830   0.083   1.00 14.84 ? 71  ALA A C   1 
ATOM   513  O O   . ALA A 1 71  ? 6.014   10.930  -0.238  1.00 11.47 ? 71  ALA A O   1 
ATOM   514  C CB  . ALA A 1 71  ? 6.343   7.838   -1.428  1.00 10.49 ? 71  ALA A CB  1 
ATOM   515  N N   . PHE A 1 72  ? 6.346   9.323   1.307   1.00 9.34  ? 72  PHE A N   1 
ATOM   516  C CA  . PHE A 1 72  ? 5.655   10.040  2.375   1.00 12.58 ? 72  PHE A CA  1 
ATOM   517  C C   . PHE A 1 72  ? 6.335   11.370  2.674   1.00 12.81 ? 72  PHE A C   1 
ATOM   518  O O   . PHE A 1 72  ? 5.671   12.405  2.773   1.00 19.84 ? 72  PHE A O   1 
ATOM   519  C CB  . PHE A 1 72  ? 5.603   9.197   3.655   1.00 16.06 ? 72  PHE A CB  1 
ATOM   520  C CG  . PHE A 1 72  ? 4.701   7.997   3.562   1.00 16.43 ? 72  PHE A CG  1 
ATOM   521  C CD1 . PHE A 1 72  ? 3.485   8.069   2.884   1.00 18.37 ? 72  PHE A CD1 1 
ATOM   522  C CD2 . PHE A 1 72  ? 5.059   6.796   4.166   1.00 17.20 ? 72  PHE A CD2 1 
ATOM   523  C CE1 . PHE A 1 72  ? 2.645   6.966   2.806   1.00 13.00 ? 72  PHE A CE1 1 
ATOM   524  C CE2 . PHE A 1 72  ? 4.223   5.685   4.093   1.00 11.95 ? 72  PHE A CE2 1 
ATOM   525  C CZ  . PHE A 1 72  ? 3.013   5.771   3.413   1.00 14.80 ? 72  PHE A CZ  1 
ATOM   526  N N   . GLU A 1 73  ? 7.656   11.341  2.810   1.00 11.16 ? 73  GLU A N   1 
ATOM   527  C CA  . GLU A 1 73  ? 8.417   12.552  3.103   1.00 16.44 ? 73  GLU A CA  1 
ATOM   528  C C   . GLU A 1 73  ? 8.375   13.561  1.961   1.00 12.22 ? 73  GLU A C   1 
ATOM   529  O O   . GLU A 1 73  ? 8.421   14.765  2.198   1.00 18.10 ? 73  GLU A O   1 
ATOM   530  C CB  . GLU A 1 73  ? 9.867   12.210  3.451   1.00 20.07 ? 73  GLU A CB  1 
ATOM   531  C CG  . GLU A 1 73  ? 10.022  11.506  4.789   1.00 29.44 ? 73  GLU A CG  1 
ATOM   532  C CD  . GLU A 1 73  ? 11.467  11.194  5.133   1.00 36.94 ? 73  GLU A CD  1 
ATOM   533  O OE1 . GLU A 1 73  ? 12.234  10.795  4.227   1.00 37.01 ? 73  GLU A OE1 1 
ATOM   534  O OE2 . GLU A 1 73  ? 11.834  11.341  6.319   1.00 42.22 ? 73  GLU A OE2 1 
ATOM   535  N N   . TRP A 1 74  ? 8.292   13.071  0.728   1.00 12.04 ? 74  TRP A N   1 
ATOM   536  C CA  . TRP A 1 74  ? 8.237   13.951  -0.433  1.00 13.95 ? 74  TRP A CA  1 
ATOM   537  C C   . TRP A 1 74  ? 6.917   14.720  -0.429  1.00 15.41 ? 74  TRP A C   1 
ATOM   538  O O   . TRP A 1 74  ? 6.894   15.938  -0.623  1.00 14.26 ? 74  TRP A O   1 
ATOM   539  C CB  . TRP A 1 74  ? 8.378   13.155  -1.734  1.00 12.28 ? 74  TRP A CB  1 
ATOM   540  C CG  . TRP A 1 74  ? 8.243   14.008  -2.966  1.00 13.60 ? 74  TRP A CG  1 
ATOM   541  C CD1 . TRP A 1 74  ? 9.233   14.715  -3.589  1.00 12.50 ? 74  TRP A CD1 1 
ATOM   542  C CD2 . TRP A 1 74  ? 7.036   14.287  -3.688  1.00 11.66 ? 74  TRP A CD2 1 
ATOM   543  N NE1 . TRP A 1 74  ? 8.714   15.421  -4.646  1.00 13.29 ? 74  TRP A NE1 1 
ATOM   544  C CE2 . TRP A 1 74  ? 7.370   15.177  -4.730  1.00 11.74 ? 74  TRP A CE2 1 
ATOM   545  C CE3 . TRP A 1 74  ? 5.705   13.875  -3.551  1.00 15.85 ? 74  TRP A CE3 1 
ATOM   546  C CZ2 . TRP A 1 74  ? 6.419   15.664  -5.631  1.00 10.47 ? 74  TRP A CZ2 1 
ATOM   547  C CZ3 . TRP A 1 74  ? 4.760   14.359  -4.447  1.00 17.49 ? 74  TRP A CZ3 1 
ATOM   548  C CH2 . TRP A 1 74  ? 5.123   15.244  -5.473  1.00 12.00 ? 74  TRP A CH2 1 
ATOM   549  N N   . ILE A 1 75  ? 5.821   14.007  -0.205  1.00 10.10 ? 75  ILE A N   1 
ATOM   550  C CA  . ILE A 1 75  ? 4.507   14.625  -0.171  1.00 11.57 ? 75  ILE A CA  1 
ATOM   551  C C   . ILE A 1 75  ? 4.512   15.794  0.812   1.00 18.34 ? 75  ILE A C   1 
ATOM   552  O O   . ILE A 1 75  ? 4.163   16.919  0.451   1.00 21.41 ? 75  ILE A O   1 
ATOM   553  C CB  . ILE A 1 75  ? 3.420   13.601  0.226   1.00 9.80  ? 75  ILE A CB  1 
ATOM   554  C CG1 . ILE A 1 75  ? 3.283   12.534  -0.866  1.00 9.39  ? 75  ILE A CG1 1 
ATOM   555  C CG2 . ILE A 1 75  ? 2.092   14.295  0.451   1.00 10.86 ? 75  ILE A CG2 1 
ATOM   556  C CD1 . ILE A 1 75  ? 2.404   11.351  -0.484  1.00 10.96 ? 75  ILE A CD1 1 
ATOM   557  N N   . VAL A 1 76  ? 4.993   15.539  2.023   1.00 14.44 ? 76  VAL A N   1 
ATOM   558  C CA  . VAL A 1 76  ? 5.042   16.553  3.068   1.00 17.68 ? 76  VAL A CA  1 
ATOM   559  C C   . VAL A 1 76  ? 6.030   17.701  2.822   1.00 19.78 ? 76  VAL A C   1 
ATOM   560  O O   . VAL A 1 76  ? 5.657   18.870  2.907   1.00 21.48 ? 76  VAL A O   1 
ATOM   561  C CB  . VAL A 1 76  ? 5.333   15.905  4.451   1.00 16.09 ? 76  VAL A CB  1 
ATOM   562  C CG1 . VAL A 1 76  ? 5.500   16.977  5.533   1.00 12.04 ? 76  VAL A CG1 1 
ATOM   563  C CG2 . VAL A 1 76  ? 4.200   14.956  4.824   1.00 14.39 ? 76  VAL A CG2 1 
ATOM   564  N N   . GLN A 1 77  ? 7.270   17.370  2.482   1.00 17.18 ? 77  GLN A N   1 
ATOM   565  C CA  . GLN A 1 77  ? 8.301   18.381  2.278   1.00 20.81 ? 77  GLN A CA  1 
ATOM   566  C C   . GLN A 1 77  ? 8.425   19.035  0.907   1.00 21.75 ? 77  GLN A C   1 
ATOM   567  O O   . GLN A 1 77  ? 8.978   20.132  0.799   1.00 22.83 ? 77  GLN A O   1 
ATOM   568  C CB  . GLN A 1 77  ? 9.657   17.821  2.691   1.00 22.09 ? 77  GLN A CB  1 
ATOM   569  C CG  . GLN A 1 77  ? 9.732   17.454  4.155   1.00 32.44 ? 77  GLN A CG  1 
ATOM   570  C CD  . GLN A 1 77  ? 11.078  16.890  4.530   1.00 42.15 ? 77  GLN A CD  1 
ATOM   571  O OE1 . GLN A 1 77  ? 11.847  17.519  5.257   1.00 42.35 ? 77  GLN A OE1 1 
ATOM   572  N NE2 . GLN A 1 77  ? 11.380  15.698  4.032   1.00 49.13 ? 77  GLN A NE2 1 
ATOM   573  N N   . GLU A 1 78  ? 7.908   18.390  -0.130  1.00 20.34 ? 78  GLU A N   1 
ATOM   574  C CA  . GLU A 1 78  ? 8.013   18.933  -1.480  1.00 21.48 ? 78  GLU A CA  1 
ATOM   575  C C   . GLU A 1 78  ? 6.687   19.323  -2.122  1.00 20.30 ? 78  GLU A C   1 
ATOM   576  O O   . GLU A 1 78  ? 6.653   20.170  -3.015  1.00 28.37 ? 78  GLU A O   1 
ATOM   577  C CB  . GLU A 1 78  ? 8.735   17.930  -2.380  1.00 27.70 ? 78  GLU A CB  1 
ATOM   578  C CG  . GLU A 1 78  ? 9.834   18.531  -3.243  1.00 35.91 ? 78  GLU A CG  1 
ATOM   579  C CD  . GLU A 1 78  ? 11.003  19.073  -2.432  1.00 41.33 ? 78  GLU A CD  1 
ATOM   580  O OE1 . GLU A 1 78  ? 11.331  18.489  -1.377  1.00 47.39 ? 78  GLU A OE1 1 
ATOM   581  O OE2 . GLU A 1 78  ? 11.599  20.083  -2.859  1.00 39.58 ? 78  GLU A OE2 1 
ATOM   582  N N   . ASN A 1 79  A 5.598   18.705  -1.686  1.00 17.39 ? 78  ASN A N   1 
ATOM   583  C CA  . ASN A 1 79  A 4.293   19.000  -2.262  1.00 12.19 ? 78  ASN A CA  1 
ATOM   584  C C   . ASN A 1 79  A 3.318   19.595  -1.250  1.00 8.77  ? 78  ASN A C   1 
ATOM   585  O O   . ASN A 1 79  A 2.104   19.472  -1.401  1.00 12.55 ? 78  ASN A O   1 
ATOM   586  C CB  . ASN A 1 79  A 3.700   17.737  -2.895  1.00 14.68 ? 78  ASN A CB  1 
ATOM   587  C CG  . ASN A 1 79  A 2.834   18.040  -4.104  1.00 16.91 ? 78  ASN A CG  1 
ATOM   588  O OD1 . ASN A 1 79  A 1.716   17.541  -4.224  1.00 14.37 ? 78  ASN A OD1 1 
ATOM   589  N ND2 . ASN A 1 79  A 3.361   18.841  -5.024  1.00 14.96 ? 78  ASN A ND2 1 
ATOM   590  N N   . ASN A 1 80  B 3.851   20.238  -0.217  1.00 14.28 ? 78  ASN A N   1 
ATOM   591  C CA  . ASN A 1 80  B 3.027   20.870  0.813   1.00 17.98 ? 78  ASN A CA  1 
ATOM   592  C C   . ASN A 1 80  B 1.987   19.928  1.413   1.00 16.81 ? 78  ASN A C   1 
ATOM   593  O O   . ASN A 1 80  B 0.869   20.340  1.728   1.00 14.19 ? 78  ASN A O   1 
ATOM   594  C CB  . ASN A 1 80  B 2.343   22.127  0.251   1.00 20.93 ? 78  ASN A CB  1 
ATOM   595  C CG  . ASN A 1 80  B 3.328   23.241  -0.055  1.00 22.80 ? 78  ASN A CG  1 
ATOM   596  O OD1 . ASN A 1 80  B 3.675   24.034  0.818   1.00 27.68 ? 78  ASN A OD1 1 
ATOM   597  N ND2 . ASN A 1 80  B 3.784   23.304  -1.298  1.00 19.59 ? 78  ASN A ND2 1 
ATOM   598  N N   . GLY A 1 81  C 2.362   18.660  1.545   1.00 18.95 ? 78  GLY A N   1 
ATOM   599  C CA  . GLY A 1 81  C 1.478   17.655  2.116   1.00 12.86 ? 78  GLY A CA  1 
ATOM   600  C C   . GLY A 1 81  C 0.251   17.293  1.305   1.00 13.19 ? 78  GLY A C   1 
ATOM   601  O O   . GLY A 1 81  C -0.637  16.608  1.813   1.00 17.44 ? 78  GLY A O   1 
ATOM   602  N N   . ALA A 1 82  ? 0.228   17.672  0.031   1.00 15.33 ? 79  ALA A N   1 
ATOM   603  C CA  . ALA A 1 82  ? -0.923  17.402  -0.822  1.00 15.50 ? 79  ALA A CA  1 
ATOM   604  C C   . ALA A 1 82  ? -0.797  16.163  -1.696  1.00 15.61 ? 79  ALA A C   1 
ATOM   605  O O   . ALA A 1 82  ? 0.284   15.835  -2.187  1.00 16.43 ? 79  ALA A O   1 
ATOM   606  C CB  . ALA A 1 82  ? -1.223  18.616  -1.690  1.00 16.77 ? 79  ALA A CB  1 
ATOM   607  N N   . VAL A 1 83  ? -1.928  15.491  -1.890  1.00 14.45 ? 80  VAL A N   1 
ATOM   608  C CA  . VAL A 1 83  ? -2.009  14.295  -2.720  1.00 11.80 ? 80  VAL A CA  1 
ATOM   609  C C   . VAL A 1 83  ? -3.196  14.522  -3.646  1.00 9.32  ? 80  VAL A C   1 
ATOM   610  O O   . VAL A 1 83  ? -4.315  14.731  -3.183  1.00 12.70 ? 80  VAL A O   1 
ATOM   611  C CB  . VAL A 1 83  ? -2.265  13.027  -1.867  1.00 17.64 ? 80  VAL A CB  1 
ATOM   612  C CG1 . VAL A 1 83  ? -2.276  11.792  -2.754  1.00 11.83 ? 80  VAL A CG1 1 
ATOM   613  C CG2 . VAL A 1 83  ? -1.205  12.894  -0.776  1.00 11.94 ? 80  VAL A CG2 1 
ATOM   614  N N   . TYR A 1 84  ? -2.951  14.511  -4.950  1.00 15.49 ? 81  TYR A N   1 
ATOM   615  C CA  . TYR A 1 84  ? -4.012  14.741  -5.927  1.00 15.02 ? 81  TYR A CA  1 
ATOM   616  C C   . TYR A 1 84  ? -4.941  13.542  -6.065  1.00 20.31 ? 81  TYR A C   1 
ATOM   617  O O   . TYR A 1 84  ? -4.574  12.418  -5.716  1.00 18.09 ? 81  TYR A O   1 
ATOM   618  C CB  . TYR A 1 84  ? -3.417  15.062  -7.302  1.00 14.41 ? 81  TYR A CB  1 
ATOM   619  C CG  . TYR A 1 84  ? -2.323  16.106  -7.298  1.00 18.72 ? 81  TYR A CG  1 
ATOM   620  C CD1 . TYR A 1 84  ? -2.393  17.227  -6.469  1.00 20.17 ? 81  TYR A CD1 1 
ATOM   621  C CD2 . TYR A 1 84  ? -1.207  15.962  -8.120  1.00 18.47 ? 81  TYR A CD2 1 
ATOM   622  C CE1 . TYR A 1 84  ? -1.369  18.177  -6.461  1.00 21.29 ? 81  TYR A CE1 1 
ATOM   623  C CE2 . TYR A 1 84  ? -0.185  16.903  -8.122  1.00 23.65 ? 81  TYR A CE2 1 
ATOM   624  C CZ  . TYR A 1 84  ? -0.271  18.004  -7.291  1.00 20.11 ? 81  TYR A CZ  1 
ATOM   625  O OH  . TYR A 1 84  ? 0.748   18.924  -7.296  1.00 28.79 ? 81  TYR A OH  1 
ATOM   626  N N   . THR A 1 85  ? -6.150  13.787  -6.560  1.00 18.45 ? 82  THR A N   1 
ATOM   627  C CA  . THR A 1 85  ? -7.107  12.710  -6.772  1.00 20.02 ? 82  THR A CA  1 
ATOM   628  C C   . THR A 1 85  ? -6.658  11.996  -8.044  1.00 20.41 ? 82  THR A C   1 
ATOM   629  O O   . THR A 1 85  ? -5.953  12.579  -8.874  1.00 19.12 ? 82  THR A O   1 
ATOM   630  C CB  . THR A 1 85  ? -8.555  13.234  -6.973  1.00 20.58 ? 82  THR A CB  1 
ATOM   631  O OG1 . THR A 1 85  ? -8.651  13.957  -8.207  1.00 23.72 ? 82  THR A OG1 1 
ATOM   632  C CG2 . THR A 1 85  ? -8.964  14.144  -5.831  1.00 20.20 ? 82  THR A CG2 1 
ATOM   633  N N   . GLU A 1 86  ? -7.064  10.741  -8.201  1.00 21.91 ? 83  GLU A N   1 
ATOM   634  C CA  . GLU A 1 86  ? -6.694  9.966   -9.375  1.00 21.11 ? 83  GLU A CA  1 
ATOM   635  C C   . GLU A 1 86  ? -7.403  10.504  -10.616 1.00 20.36 ? 83  GLU A C   1 
ATOM   636  O O   . GLU A 1 86  ? -6.891  10.387  -11.730 1.00 20.47 ? 83  GLU A O   1 
ATOM   637  C CB  . GLU A 1 86  ? -7.022  8.485   -9.163  1.00 21.51 ? 83  GLU A CB  1 
ATOM   638  C CG  . GLU A 1 86  ? -6.465  7.564   -10.241 1.00 22.09 ? 83  GLU A CG  1 
ATOM   639  C CD  . GLU A 1 86  ? -6.593  6.091   -9.890  1.00 29.28 ? 83  GLU A CD  1 
ATOM   640  O OE1 . GLU A 1 86  ? -7.644  5.687   -9.348  1.00 32.08 ? 83  GLU A OE1 1 
ATOM   641  O OE2 . GLU A 1 86  ? -5.634  5.336   -10.160 1.00 28.25 ? 83  GLU A OE2 1 
ATOM   642  N N   . ASP A 1 87  ? -8.573  11.106  -10.415 1.00 30.48 ? 84  ASP A N   1 
ATOM   643  C CA  . ASP A 1 87  ? -9.346  11.684  -11.514 1.00 32.85 ? 84  ASP A CA  1 
ATOM   644  C C   . ASP A 1 87  ? -8.563  12.831  -12.137 1.00 28.60 ? 84  ASP A C   1 
ATOM   645  O O   . ASP A 1 87  ? -8.509  12.970  -13.357 1.00 32.10 ? 84  ASP A O   1 
ATOM   646  C CB  . ASP A 1 87  ? -10.693 12.213  -11.010 1.00 38.26 ? 84  ASP A CB  1 
ATOM   647  C CG  . ASP A 1 87  ? -11.594 11.114  -10.475 1.00 50.10 ? 84  ASP A CG  1 
ATOM   648  O OD1 . ASP A 1 87  ? -11.823 10.116  -11.193 1.00 55.63 ? 84  ASP A OD1 1 
ATOM   649  O OD2 . ASP A 1 87  ? -12.078 11.252  -9.332  1.00 53.40 ? 84  ASP A OD2 1 
ATOM   650  N N   . SER A 1 88  ? -7.962  13.650  -11.279 1.00 27.53 ? 85  SER A N   1 
ATOM   651  C CA  . SER A 1 88  ? -7.175  14.804  -11.705 1.00 23.56 ? 85  SER A CA  1 
ATOM   652  C C   . SER A 1 88  ? -5.818  14.419  -12.277 1.00 23.62 ? 85  SER A C   1 
ATOM   653  O O   . SER A 1 88  ? -5.214  15.193  -13.021 1.00 26.30 ? 85  SER A O   1 
ATOM   654  C CB  . SER A 1 88  ? -6.935  15.731  -10.516 1.00 28.01 ? 85  SER A CB  1 
ATOM   655  O OG  . SER A 1 88  ? -8.122  15.949  -9.776  1.00 25.25 ? 85  SER A OG  1 
ATOM   656  N N   . TYR A 1 89  ? -5.304  13.263  -11.867 1.00 23.23 ? 86  TYR A N   1 
ATOM   657  C CA  . TYR A 1 89  ? -4.000  12.808  -12.334 1.00 16.79 ? 86  TYR A CA  1 
ATOM   658  C C   . TYR A 1 89  ? -4.066  11.298  -12.564 1.00 26.95 ? 86  TYR A C   1 
ATOM   659  O O   . TYR A 1 89  ? -3.556  10.509  -11.761 1.00 21.40 ? 86  TYR A O   1 
ATOM   660  C CB  . TYR A 1 89  ? -2.935  13.160  -11.285 1.00 11.74 ? 86  TYR A CB  1 
ATOM   661  C CG  . TYR A 1 89  ? -1.545  13.436  -11.834 1.00 11.02 ? 86  TYR A CG  1 
ATOM   662  C CD1 . TYR A 1 89  ? -1.097  12.835  -13.010 1.00 10.54 ? 86  TYR A CD1 1 
ATOM   663  C CD2 . TYR A 1 89  ? -0.682  14.308  -11.174 1.00 9.61  ? 86  TYR A CD2 1 
ATOM   664  C CE1 . TYR A 1 89  ? 0.180   13.098  -13.515 1.00 12.09 ? 86  TYR A CE1 1 
ATOM   665  C CE2 . TYR A 1 89  ? 0.595   14.578  -11.667 1.00 8.60  ? 86  TYR A CE2 1 
ATOM   666  C CZ  . TYR A 1 89  ? 1.018   13.974  -12.838 1.00 9.81  ? 86  TYR A CZ  1 
ATOM   667  O OH  . TYR A 1 89  ? 2.270   14.264  -13.338 1.00 11.68 ? 86  TYR A OH  1 
ATOM   668  N N   . PRO A 1 90  ? -4.725  10.879  -13.658 1.00 30.83 ? 87  PRO A N   1 
ATOM   669  C CA  . PRO A 1 90  ? -4.882  9.469   -14.023 1.00 27.38 ? 87  PRO A CA  1 
ATOM   670  C C   . PRO A 1 90  ? -3.550  8.750   -14.192 1.00 28.60 ? 87  PRO A C   1 
ATOM   671  O O   . PRO A 1 90  ? -2.524  9.369   -14.497 1.00 23.65 ? 87  PRO A O   1 
ATOM   672  C CB  . PRO A 1 90  ? -5.634  9.545   -15.351 1.00 29.59 ? 87  PRO A CB  1 
ATOM   673  C CG  . PRO A 1 90  ? -6.429  10.802  -15.218 1.00 32.94 ? 87  PRO A CG  1 
ATOM   674  C CD  . PRO A 1 90  ? -5.409  11.741  -14.638 1.00 30.02 ? 87  PRO A CD  1 
ATOM   675  N N   . TYR A 1 91  ? -3.575  7.438   -13.984 1.00 23.28 ? 88  TYR A N   1 
ATOM   676  C CA  . TYR A 1 91  ? -2.382  6.620   -14.125 1.00 21.08 ? 88  TYR A CA  1 
ATOM   677  C C   . TYR A 1 91  ? -2.127  6.417   -15.615 1.00 20.41 ? 88  TYR A C   1 
ATOM   678  O O   . TYR A 1 91  ? -3.037  6.062   -16.365 1.00 23.43 ? 88  TYR A O   1 
ATOM   679  C CB  . TYR A 1 91  ? -2.580  5.269   -13.425 1.00 19.03 ? 88  TYR A CB  1 
ATOM   680  C CG  . TYR A 1 91  ? -1.319  4.444   -13.318 1.00 19.28 ? 88  TYR A CG  1 
ATOM   681  C CD1 . TYR A 1 91  ? -0.229  4.898   -12.575 1.00 18.72 ? 88  TYR A CD1 1 
ATOM   682  C CD2 . TYR A 1 91  ? -1.211  3.210   -13.962 1.00 21.12 ? 88  TYR A CD2 1 
ATOM   683  C CE1 . TYR A 1 91  ? 0.937   4.150   -12.477 1.00 20.37 ? 88  TYR A CE1 1 
ATOM   684  C CE2 . TYR A 1 91  ? -0.044  2.451   -13.870 1.00 19.33 ? 88  TYR A CE2 1 
ATOM   685  C CZ  . TYR A 1 91  ? 1.024   2.930   -13.126 1.00 21.75 ? 88  TYR A CZ  1 
ATOM   686  O OH  . TYR A 1 91  ? 2.187   2.203   -13.034 1.00 23.97 ? 88  TYR A OH  1 
ATOM   687  N N   . ALA A 1 92  ? -0.895  6.659   -16.046 1.00 19.66 ? 89  ALA A N   1 
ATOM   688  C CA  . ALA A 1 92  ? -0.532  6.506   -17.446 1.00 20.30 ? 89  ALA A CA  1 
ATOM   689  C C   . ALA A 1 92  ? 0.864   5.913   -17.603 1.00 24.92 ? 89  ALA A C   1 
ATOM   690  O O   . ALA A 1 92  ? 1.549   6.164   -18.594 1.00 23.52 ? 89  ALA A O   1 
ATOM   691  C CB  . ALA A 1 92  ? -0.623  7.853   -18.159 1.00 27.13 ? 89  ALA A CB  1 
ATOM   692  N N   . SER A 1 93  A 1.282   5.116   -16.623 1.00 25.25 ? 89  SER A N   1 
ATOM   693  C CA  . SER A 1 93  A 2.596   4.483   -16.667 1.00 21.61 ? 89  SER A CA  1 
ATOM   694  C C   . SER A 1 93  A 2.466   2.984   -16.944 1.00 27.34 ? 89  SER A C   1 
ATOM   695  O O   . SER A 1 93  A 3.438   2.235   -16.830 1.00 29.50 ? 89  SER A O   1 
ATOM   696  C CB  . SER A 1 93  A 3.340   4.718   -15.353 1.00 20.92 ? 89  SER A CB  1 
ATOM   697  O OG  . SER A 1 93  A 3.419   6.102   -15.055 1.00 21.50 ? 89  SER A OG  1 
ATOM   698  N N   . GLY A 1 94  B 1.268   2.563   -17.344 1.00 31.04 ? 89  GLY A N   1 
ATOM   699  C CA  . GLY A 1 94  B 1.010   1.160   -17.628 1.00 31.86 ? 89  GLY A CA  1 
ATOM   700  C C   . GLY A 1 94  B 1.976   0.514   -18.606 1.00 35.42 ? 89  GLY A C   1 
ATOM   701  O O   . GLY A 1 94  B 2.359   -0.641  -18.423 1.00 36.45 ? 89  GLY A O   1 
ATOM   702  N N   . GLU A 1 95  C 2.386   1.257   -19.630 1.00 34.48 ? 89  GLU A N   1 
ATOM   703  C CA  . GLU A 1 95  C 3.314   0.748   -20.641 1.00 35.89 ? 89  GLU A CA  1 
ATOM   704  C C   . GLU A 1 95  C 4.761   0.705   -20.158 1.00 34.49 ? 89  GLU A C   1 
ATOM   705  O O   . GLU A 1 95  C 5.652   0.281   -20.895 1.00 36.25 ? 89  GLU A O   1 
ATOM   706  C CB  . GLU A 1 95  C 3.227   1.589   -21.920 1.00 40.04 ? 89  GLU A CB  1 
ATOM   707  C CG  . GLU A 1 95  C 1.976   1.349   -22.762 1.00 45.66 ? 89  GLU A CG  1 
ATOM   708  C CD  . GLU A 1 95  C 2.004   0.023   -23.512 1.00 43.50 ? 89  GLU A CD  1 
ATOM   709  O OE1 . GLU A 1 95  C 3.062   -0.328  -24.081 1.00 42.64 ? 89  GLU A OE1 1 
ATOM   710  O OE2 . GLU A 1 95  C 0.959   -0.662  -23.544 1.00 41.73 ? 89  GLU A OE2 1 
ATOM   711  N N   . GLY A 1 96  ? 4.998   1.166   -18.934 1.00 34.97 ? 90  GLY A N   1 
ATOM   712  C CA  . GLY A 1 96  ? 6.344   1.157   -18.391 1.00 36.71 ? 90  GLY A CA  1 
ATOM   713  C C   . GLY A 1 96  ? 7.074   2.482   -18.515 1.00 38.79 ? 90  GLY A C   1 
ATOM   714  O O   . GLY A 1 96  ? 8.222   2.601   -18.085 1.00 38.71 ? 90  GLY A O   1 
ATOM   715  N N   . ILE A 1 97  ? 6.428   3.473   -19.123 1.00 40.41 ? 91  ILE A N   1 
ATOM   716  C CA  . ILE A 1 97  ? 7.035   4.793   -19.280 1.00 40.07 ? 91  ILE A CA  1 
ATOM   717  C C   . ILE A 1 97  ? 6.229   5.814   -18.491 1.00 38.61 ? 91  ILE A C   1 
ATOM   718  O O   . ILE A 1 97  ? 4.998   5.842   -18.570 1.00 39.49 ? 91  ILE A O   1 
ATOM   719  C CB  . ILE A 1 97  ? 7.094   5.249   -20.756 1.00 40.45 ? 91  ILE A CB  1 
ATOM   720  C CG1 . ILE A 1 97  ? 5.691   5.250   -21.370 1.00 45.00 ? 91  ILE A CG1 1 
ATOM   721  C CG2 . ILE A 1 97  ? 8.045   4.358   -21.546 1.00 42.18 ? 91  ILE A CG2 1 
ATOM   722  C CD1 . ILE A 1 97  ? 5.538   6.184   -22.544 1.00 43.10 ? 91  ILE A CD1 1 
ATOM   723  N N   . SER A 1 98  ? 6.925   6.636   -17.715 1.00 38.99 ? 92  SER A N   1 
ATOM   724  C CA  . SER A 1 98  ? 6.272   7.656   -16.909 1.00 38.44 ? 92  SER A CA  1 
ATOM   725  C C   . SER A 1 98  ? 6.340   9.020   -17.583 1.00 36.69 ? 92  SER A C   1 
ATOM   726  O O   . SER A 1 98  ? 7.423   9.481   -17.954 1.00 34.06 ? 92  SER A O   1 
ATOM   727  C CB  . SER A 1 98  ? 6.941   7.748   -15.536 1.00 39.43 ? 92  SER A CB  1 
ATOM   728  O OG  . SER A 1 98  ? 7.079   6.467   -14.946 1.00 47.13 ? 92  SER A OG  1 
ATOM   729  N N   . PRO A 1 99  ? 5.180   9.654   -17.815 1.00 33.52 ? 93  PRO A N   1 
ATOM   730  C CA  . PRO A 1 99  ? 5.188   10.976  -18.449 1.00 36.38 ? 93  PRO A CA  1 
ATOM   731  C C   . PRO A 1 99  ? 5.753   11.983  -17.444 1.00 38.63 ? 93  PRO A C   1 
ATOM   732  O O   . PRO A 1 99  ? 5.720   11.744  -16.232 1.00 40.73 ? 93  PRO A O   1 
ATOM   733  C CB  . PRO A 1 99  ? 3.704   11.226  -18.735 1.00 32.96 ? 93  PRO A CB  1 
ATOM   734  C CG  . PRO A 1 99  ? 3.015   10.473  -17.640 1.00 35.66 ? 93  PRO A CG  1 
ATOM   735  C CD  . PRO A 1 99  ? 3.802   9.183   -17.597 1.00 30.70 ? 93  PRO A CD  1 
ATOM   736  N N   . PRO A 1 100 ? 6.339   13.091  -17.932 1.00 40.04 ? 94  PRO A N   1 
ATOM   737  C CA  . PRO A 1 100 ? 6.907   14.109  -17.043 1.00 34.88 ? 94  PRO A CA  1 
ATOM   738  C C   . PRO A 1 100 ? 5.905   14.651  -16.025 1.00 31.49 ? 94  PRO A C   1 
ATOM   739  O O   . PRO A 1 100 ? 4.689   14.526  -16.197 1.00 31.43 ? 94  PRO A O   1 
ATOM   740  C CB  . PRO A 1 100 ? 7.358   15.191  -18.022 1.00 36.83 ? 94  PRO A CB  1 
ATOM   741  C CG  . PRO A 1 100 ? 7.771   14.389  -19.218 1.00 38.17 ? 94  PRO A CG  1 
ATOM   742  C CD  . PRO A 1 100 ? 6.625   13.411  -19.342 1.00 38.00 ? 94  PRO A CD  1 
ATOM   743  N N   . CYS A 1 101 ? 6.426   15.235  -14.953 1.00 29.74 ? 95  CYS A N   1 
ATOM   744  C CA  . CYS A 1 101 ? 5.591   15.796  -13.902 1.00 28.59 ? 95  CYS A CA  1 
ATOM   745  C C   . CYS A 1 101 ? 4.880   17.072  -14.352 1.00 31.93 ? 95  CYS A C   1 
ATOM   746  O O   . CYS A 1 101 ? 5.500   17.975  -14.921 1.00 28.32 ? 95  CYS A O   1 
ATOM   747  C CB  . CYS A 1 101 ? 6.442   16.089  -12.667 1.00 21.68 ? 95  CYS A CB  1 
ATOM   748  S SG  . CYS A 1 101 ? 5.546   16.945  -11.337 1.00 20.65 ? 95  CYS A SG  1 
ATOM   749  N N   . THR A 1 102 ? 3.575   17.132  -14.108 1.00 32.84 ? 96  THR A N   1 
ATOM   750  C CA  . THR A 1 102 ? 2.781   18.301  -14.466 1.00 37.71 ? 96  THR A CA  1 
ATOM   751  C C   . THR A 1 102 ? 2.406   19.035  -13.178 1.00 40.48 ? 96  THR A C   1 
ATOM   752  O O   . THR A 1 102 ? 1.634   18.524  -12.365 1.00 40.43 ? 96  THR A O   1 
ATOM   753  C CB  . THR A 1 102 ? 1.508   17.907  -15.255 1.00 38.86 ? 96  THR A CB  1 
ATOM   754  O OG1 . THR A 1 102 ? 0.803   16.869  -14.558 1.00 39.68 ? 96  THR A OG1 1 
ATOM   755  C CG2 . THR A 1 102 ? 1.876   17.415  -16.648 1.00 37.12 ? 96  THR A CG2 1 
ATOM   756  N N   . THR A 1 103 ? 2.955   20.233  -13.006 1.00 42.17 ? 97  THR A N   1 
ATOM   757  C CA  . THR A 1 103 ? 2.724   21.044  -11.814 1.00 43.54 ? 97  THR A CA  1 
ATOM   758  C C   . THR A 1 103 ? 1.323   21.619  -11.595 1.00 41.10 ? 97  THR A C   1 
ATOM   759  O O   . THR A 1 103 ? 0.997   22.041  -10.483 1.00 39.96 ? 97  THR A O   1 
ATOM   760  C CB  . THR A 1 103 ? 3.745   22.198  -11.735 1.00 47.48 ? 97  THR A CB  1 
ATOM   761  O OG1 . THR A 1 103 ? 3.889   22.804  -13.028 1.00 49.39 ? 97  THR A OG1 1 
ATOM   762  C CG2 . THR A 1 103 ? 5.096   21.679  -11.262 1.00 52.38 ? 97  THR A CG2 1 
ATOM   763  N N   . SER A 1 104 ? 0.496   21.653  -12.636 1.00 38.46 ? 98  SER A N   1 
ATOM   764  C CA  . SER A 1 104 ? -0.846  22.204  -12.479 1.00 35.01 ? 98  SER A CA  1 
ATOM   765  C C   . SER A 1 104 ? -1.923  21.393  -13.186 1.00 32.92 ? 98  SER A C   1 
ATOM   766  O O   . SER A 1 104 ? -1.632  20.401  -13.860 1.00 32.45 ? 98  SER A O   1 
ATOM   767  C CB  . SER A 1 104 ? -0.888  23.668  -12.945 1.00 33.03 ? 98  SER A CB  1 
ATOM   768  O OG  . SER A 1 104 ? -0.738  23.788  -14.351 1.00 25.90 ? 98  SER A OG  1 
ATOM   769  N N   . GLY A 1 105 ? -3.171  21.814  -13.000 1.00 32.12 ? 99  GLY A N   1 
ATOM   770  C CA  . GLY A 1 105 ? -4.298  21.139  -13.610 1.00 31.35 ? 99  GLY A CA  1 
ATOM   771  C C   . GLY A 1 105 ? -4.734  19.931  -12.807 1.00 30.00 ? 99  GLY A C   1 
ATOM   772  O O   . GLY A 1 105 ? -5.258  18.969  -13.364 1.00 28.51 ? 99  GLY A O   1 
ATOM   773  N N   . HIS A 1 106 ? -4.519  19.978  -11.495 1.00 28.54 ? 100 HIS A N   1 
ATOM   774  C CA  . HIS A 1 106 ? -4.886  18.868  -10.620 1.00 26.00 ? 100 HIS A CA  1 
ATOM   775  C C   . HIS A 1 106 ? -5.623  19.380  -9.391  1.00 27.57 ? 100 HIS A C   1 
ATOM   776  O O   . HIS A 1 106 ? -5.502  20.552  -9.028  1.00 32.78 ? 100 HIS A O   1 
ATOM   777  C CB  . HIS A 1 106 ? -3.636  18.102  -10.166 1.00 20.47 ? 100 HIS A CB  1 
ATOM   778  C CG  . HIS A 1 106 ? -2.709  17.728  -11.282 1.00 15.42 ? 100 HIS A CG  1 
ATOM   779  N ND1 . HIS A 1 106 ? -3.119  17.017  -12.392 1.00 15.75 ? 100 HIS A ND1 1 
ATOM   780  C CD2 . HIS A 1 106 ? -1.393  17.987  -11.466 1.00 15.59 ? 100 HIS A CD2 1 
ATOM   781  C CE1 . HIS A 1 106 ? -2.094  16.857  -13.212 1.00 13.36 ? 100 HIS A CE1 1 
ATOM   782  N NE2 . HIS A 1 106 ? -1.037  17.436  -12.673 1.00 15.36 ? 100 HIS A NE2 1 
ATOM   783  N N   . THR A 1 107 ? -6.382  18.493  -8.756  1.00 22.39 ? 101 THR A N   1 
ATOM   784  C CA  . THR A 1 107 ? -7.135  18.823  -7.553  1.00 23.60 ? 101 THR A CA  1 
ATOM   785  C C   . THR A 1 107 ? -6.594  17.974  -6.402  1.00 25.99 ? 101 THR A C   1 
ATOM   786  O O   . THR A 1 107 ? -6.295  16.791  -6.588  1.00 25.17 ? 101 THR A O   1 
ATOM   787  C CB  . THR A 1 107 ? -8.628  18.500  -7.736  1.00 23.26 ? 101 THR A CB  1 
ATOM   788  O OG1 . THR A 1 107 ? -9.091  19.052  -8.976  1.00 35.00 ? 101 THR A OG1 1 
ATOM   789  C CG2 . THR A 1 107 ? -9.437  19.086  -6.594  1.00 20.83 ? 101 THR A CG2 1 
ATOM   790  N N   . VAL A 1 108 ? -6.442  18.582  -5.231  1.00 25.06 ? 102 VAL A N   1 
ATOM   791  C CA  . VAL A 1 108 ? -5.942  17.870  -4.063  1.00 22.60 ? 102 VAL A CA  1 
ATOM   792  C C   . VAL A 1 108 ? -7.059  17.033  -3.444  1.00 23.97 ? 102 VAL A C   1 
ATOM   793  O O   . VAL A 1 108 ? -8.149  17.538  -3.172  1.00 23.72 ? 102 VAL A O   1 
ATOM   794  C CB  . VAL A 1 108 ? -5.348  18.841  -3.004  1.00 23.02 ? 102 VAL A CB  1 
ATOM   795  C CG1 . VAL A 1 108 ? -4.212  19.650  -3.612  1.00 28.43 ? 102 VAL A CG1 1 
ATOM   796  C CG2 . VAL A 1 108 ? -6.417  19.771  -2.462  1.00 25.55 ? 102 VAL A CG2 1 
ATOM   797  N N   . GLY A 1 109 ? -6.806  15.738  -3.293  1.00 25.92 ? 103 GLY A N   1 
ATOM   798  C CA  . GLY A 1 109 ? -7.795  14.845  -2.715  1.00 23.00 ? 103 GLY A CA  1 
ATOM   799  C C   . GLY A 1 109 ? -7.555  14.555  -1.246  1.00 22.29 ? 103 GLY A C   1 
ATOM   800  O O   . GLY A 1 109 ? -8.494  14.243  -0.514  1.00 22.85 ? 103 GLY A O   1 
ATOM   801  N N   . ALA A 1 110 ? -6.303  14.656  -0.812  1.00 18.34 ? 105 ALA A N   1 
ATOM   802  C CA  . ALA A 1 110 ? -5.958  14.393  0.579   1.00 15.71 ? 105 ALA A CA  1 
ATOM   803  C C   . ALA A 1 110 ? -4.676  15.110  0.972   1.00 9.80  ? 105 ALA A C   1 
ATOM   804  O O   . ALA A 1 110 ? -3.918  15.559  0.112   1.00 16.08 ? 105 ALA A O   1 
ATOM   805  C CB  . ALA A 1 110 ? -5.805  12.887  0.804   1.00 16.88 ? 105 ALA A CB  1 
ATOM   806  N N   . THR A 1 111 ? -4.448  15.224  2.277   1.00 11.86 ? 106 THR A N   1 
ATOM   807  C CA  . THR A 1 111 ? -3.259  15.871  2.810   1.00 11.90 ? 106 THR A CA  1 
ATOM   808  C C   . THR A 1 111 ? -2.768  15.071  4.010   1.00 12.59 ? 106 THR A C   1 
ATOM   809  O O   . THR A 1 111 ? -3.575  14.523  4.765   1.00 11.18 ? 106 THR A O   1 
ATOM   810  C CB  . THR A 1 111 ? -3.556  17.310  3.292   1.00 14.12 ? 106 THR A CB  1 
ATOM   811  O OG1 . THR A 1 111 ? -4.645  17.286  4.225   1.00 14.73 ? 106 THR A OG1 1 
ATOM   812  C CG2 . THR A 1 111 ? -3.910  18.219  2.114   1.00 13.36 ? 106 THR A CG2 1 
ATOM   813  N N   . ILE A 1 112 ? -1.452  15.007  4.180   1.00 12.79 ? 107 ILE A N   1 
ATOM   814  C CA  . ILE A 1 112 ? -0.850  14.290  5.298   1.00 14.79 ? 107 ILE A CA  1 
ATOM   815  C C   . ILE A 1 112 ? 0.208   15.176  5.944   1.00 13.21 ? 107 ILE A C   1 
ATOM   816  O O   . ILE A 1 112 ? 0.835   15.997  5.274   1.00 17.13 ? 107 ILE A O   1 
ATOM   817  C CB  . ILE A 1 112 ? -0.214  12.943  4.855   1.00 13.23 ? 107 ILE A CB  1 
ATOM   818  C CG1 . ILE A 1 112 ? 0.895   13.180  3.830   1.00 15.55 ? 107 ILE A CG1 1 
ATOM   819  C CG2 . ILE A 1 112 ? -1.279  12.012  4.292   1.00 14.13 ? 107 ILE A CG2 1 
ATOM   820  C CD1 . ILE A 1 112 ? 1.695   11.933  3.496   1.00 23.25 ? 107 ILE A CD1 1 
ATOM   821  N N   . THR A 1 113 ? 0.391   15.019  7.248   1.00 9.41  ? 108 THR A N   1 
ATOM   822  C CA  . THR A 1 113 ? 1.363   15.812  7.984   1.00 16.96 ? 108 THR A CA  1 
ATOM   823  C C   . THR A 1 113 ? 2.688   15.094  8.233   1.00 16.51 ? 108 THR A C   1 
ATOM   824  O O   . THR A 1 113 ? 3.657   15.704  8.681   1.00 12.70 ? 108 THR A O   1 
ATOM   825  C CB  . THR A 1 113 ? 0.767   16.297  9.324   1.00 24.42 ? 108 THR A CB  1 
ATOM   826  O OG1 . THR A 1 113 ? 0.075   15.220  9.969   1.00 31.25 ? 108 THR A OG1 1 
ATOM   827  C CG2 . THR A 1 113 ? -0.209  17.436  9.084   1.00 28.19 ? 108 THR A CG2 1 
ATOM   828  N N   . GLY A 1 114 ? 2.731   13.800  7.933   1.00 17.71 ? 109 GLY A N   1 
ATOM   829  C CA  . GLY A 1 114 ? 3.952   13.040  8.139   1.00 11.34 ? 109 GLY A CA  1 
ATOM   830  C C   . GLY A 1 114 ? 3.704   11.545  8.085   1.00 12.00 ? 109 GLY A C   1 
ATOM   831  O O   . GLY A 1 114 ? 2.747   11.093  7.454   1.00 6.59  ? 109 GLY A O   1 
ATOM   832  N N   . HIS A 1 115 ? 4.558   10.767  8.744   1.00 11.26 ? 110 HIS A N   1 
ATOM   833  C CA  . HIS A 1 115 ? 4.407   9.315   8.757   1.00 12.11 ? 110 HIS A CA  1 
ATOM   834  C C   . HIS A 1 115 ? 5.181   8.695   9.909   1.00 12.06 ? 110 HIS A C   1 
ATOM   835  O O   . HIS A 1 115 ? 6.131   9.288   10.427  1.00 11.46 ? 110 HIS A O   1 
ATOM   836  C CB  . HIS A 1 115 ? 4.885   8.707   7.430   1.00 9.42  ? 110 HIS A CB  1 
ATOM   837  C CG  . HIS A 1 115 ? 6.374   8.600   7.312   1.00 15.79 ? 110 HIS A CG  1 
ATOM   838  N ND1 . HIS A 1 115 ? 7.185   9.689   7.084   1.00 18.33 ? 110 HIS A ND1 1 
ATOM   839  C CD2 . HIS A 1 115 ? 7.201   7.530   7.409   1.00 17.79 ? 110 HIS A CD2 1 
ATOM   840  C CE1 . HIS A 1 115 ? 8.447   9.300   7.045   1.00 17.24 ? 110 HIS A CE1 1 
ATOM   841  N NE2 . HIS A 1 115 ? 8.484   7.994   7.240   1.00 18.87 ? 110 HIS A NE2 1 
ATOM   842  N N   . VAL A 1 116 ? 4.771   7.493   10.297  1.00 13.32 ? 111 VAL A N   1 
ATOM   843  C CA  . VAL A 1 116 ? 5.422   6.756   11.370  1.00 15.40 ? 111 VAL A CA  1 
ATOM   844  C C   . VAL A 1 116 ? 5.877   5.393   10.851  1.00 15.75 ? 111 VAL A C   1 
ATOM   845  O O   . VAL A 1 116 ? 5.240   4.804   9.964   1.00 11.94 ? 111 VAL A O   1 
ATOM   846  C CB  . VAL A 1 116 ? 4.479   6.544   12.588  1.00 14.79 ? 111 VAL A CB  1 
ATOM   847  C CG1 . VAL A 1 116 ? 4.142   7.874   13.232  1.00 19.08 ? 111 VAL A CG1 1 
ATOM   848  C CG2 . VAL A 1 116 ? 3.209   5.814   12.166  1.00 10.89 ? 111 VAL A CG2 1 
ATOM   849  N N   . GLU A 1 117 ? 7.013   4.931   11.360  1.00 15.65 ? 112 GLU A N   1 
ATOM   850  C CA  . GLU A 1 117 ? 7.558   3.636   10.984  1.00 15.77 ? 112 GLU A CA  1 
ATOM   851  C C   . GLU A 1 117 ? 7.199   2.671   12.103  1.00 14.96 ? 112 GLU A C   1 
ATOM   852  O O   . GLU A 1 117 ? 7.472   2.939   13.274  1.00 14.48 ? 112 GLU A O   1 
ATOM   853  C CB  . GLU A 1 117 ? 9.073   3.725   10.808  1.00 20.52 ? 112 GLU A CB  1 
ATOM   854  C CG  . GLU A 1 117 ? 9.493   4.609   9.640   1.00 28.36 ? 112 GLU A CG  1 
ATOM   855  C CD  . GLU A 1 117 ? 11.001  4.725   9.480   1.00 35.03 ? 112 GLU A CD  1 
ATOM   856  O OE1 . GLU A 1 117 ? 11.744  3.926   10.093  1.00 40.27 ? 112 GLU A OE1 1 
ATOM   857  O OE2 . GLU A 1 117 ? 11.439  5.623   8.730   1.00 37.35 ? 112 GLU A OE2 1 
ATOM   858  N N   . LEU A 1 118 ? 6.528   1.583   11.749  1.00 11.34 ? 113 LEU A N   1 
ATOM   859  C CA  . LEU A 1 118 ? 6.108   0.599   12.737  1.00 12.97 ? 113 LEU A CA  1 
ATOM   860  C C   . LEU A 1 118 ? 7.222   -0.374  13.115  1.00 13.71 ? 113 LEU A C   1 
ATOM   861  O O   . LEU A 1 118 ? 8.096   -0.676  12.300  1.00 10.08 ? 113 LEU A O   1 
ATOM   862  C CB  . LEU A 1 118 ? 4.873   -0.164  12.242  1.00 18.17 ? 113 LEU A CB  1 
ATOM   863  C CG  . LEU A 1 118 ? 3.540   0.592   12.245  1.00 17.30 ? 113 LEU A CG  1 
ATOM   864  C CD1 . LEU A 1 118 ? 3.364   1.276   13.587  1.00 17.87 ? 113 LEU A CD1 1 
ATOM   865  C CD2 . LEU A 1 118 ? 3.496   1.627   11.140  1.00 14.92 ? 113 LEU A CD2 1 
ATOM   866  N N   . PRO A 1 119 ? 7.224   -0.847  14.374  1.00 15.86 ? 114 PRO A N   1 
ATOM   867  C CA  . PRO A 1 119 ? 8.247   -1.788  14.837  1.00 15.70 ? 114 PRO A CA  1 
ATOM   868  C C   . PRO A 1 119 ? 8.224   -3.088  14.035  1.00 13.60 ? 114 PRO A C   1 
ATOM   869  O O   . PRO A 1 119 ? 7.190   -3.488  13.493  1.00 9.62  ? 114 PRO A O   1 
ATOM   870  C CB  . PRO A 1 119 ? 7.877   -2.003  16.309  1.00 14.95 ? 114 PRO A CB  1 
ATOM   871  C CG  . PRO A 1 119 ? 6.413   -1.731  16.345  1.00 18.01 ? 114 PRO A CG  1 
ATOM   872  C CD  . PRO A 1 119 ? 6.283   -0.529  15.460  1.00 17.49 ? 114 PRO A CD  1 
ATOM   873  N N   . GLN A 1 120 ? 9.385   -3.719  13.925  1.00 17.10 ? 115 GLN A N   1 
ATOM   874  C CA  . GLN A 1 120 ? 9.519   -4.958  13.176  1.00 18.80 ? 115 GLN A CA  1 
ATOM   875  C C   . GLN A 1 120 ? 9.027   -6.140  14.007  1.00 19.61 ? 115 GLN A C   1 
ATOM   876  O O   . GLN A 1 120 ? 9.807   -7.004  14.413  1.00 21.59 ? 115 GLN A O   1 
ATOM   877  C CB  . GLN A 1 120 ? 10.976  -5.140  12.758  1.00 16.35 ? 115 GLN A CB  1 
ATOM   878  C CG  . GLN A 1 120 ? 11.476  -4.019  11.867  1.00 21.94 ? 115 GLN A CG  1 
ATOM   879  C CD  . GLN A 1 120 ? 12.975  -4.048  11.685  1.00 23.08 ? 115 GLN A CD  1 
ATOM   880  O OE1 . GLN A 1 120 ? 13.728  -4.039  12.660  1.00 30.26 ? 115 GLN A OE1 1 
ATOM   881  N NE2 . GLN A 1 120 ? 13.420  -4.069  10.437  1.00 18.72 ? 115 GLN A NE2 1 
ATOM   882  N N   . ASP A 1 121 ? 7.719   -6.172  14.241  1.00 16.01 ? 116 ASP A N   1 
ATOM   883  C CA  . ASP A 1 121 ? 7.091   -7.216  15.030  1.00 16.33 ? 116 ASP A CA  1 
ATOM   884  C C   . ASP A 1 121 ? 5.636   -7.332  14.603  1.00 17.24 ? 116 ASP A C   1 
ATOM   885  O O   . ASP A 1 121 ? 4.842   -6.420  14.837  1.00 17.31 ? 116 ASP A O   1 
ATOM   886  C CB  . ASP A 1 121 ? 7.180   -6.862  16.517  1.00 19.82 ? 116 ASP A CB  1 
ATOM   887  C CG  . ASP A 1 121 ? 6.602   -7.937  17.411  1.00 23.04 ? 116 ASP A CG  1 
ATOM   888  O OD1 . ASP A 1 121 ? 5.377   -7.927  17.640  1.00 35.16 ? 116 ASP A OD1 1 
ATOM   889  O OD2 . ASP A 1 121 ? 7.375   -8.790  17.891  1.00 20.11 ? 116 ASP A OD2 1 
ATOM   890  N N   . GLU A 1 122 ? 5.284   -8.469  14.008  1.00 15.95 ? 117 GLU A N   1 
ATOM   891  C CA  . GLU A 1 122 ? 3.923   -8.712  13.532  1.00 17.18 ? 117 GLU A CA  1 
ATOM   892  C C   . GLU A 1 122 ? 2.820   -8.443  14.549  1.00 15.17 ? 117 GLU A C   1 
ATOM   893  O O   . GLU A 1 122 ? 1.773   -7.902  14.197  1.00 16.99 ? 117 GLU A O   1 
ATOM   894  C CB  . GLU A 1 122 ? 3.794   -10.133 12.992  1.00 18.49 ? 117 GLU A CB  1 
ATOM   895  C CG  . GLU A 1 122 ? 4.570   -10.370 11.719  1.00 16.88 ? 117 GLU A CG  1 
ATOM   896  C CD  . GLU A 1 122 ? 4.522   -11.812 11.290  1.00 20.52 ? 117 GLU A CD  1 
ATOM   897  O OE1 . GLU A 1 122 ? 5.272   -12.619 11.871  1.00 24.69 ? 117 GLU A OE1 1 
ATOM   898  O OE2 . GLU A 1 122 ? 3.728   -12.143 10.385  1.00 18.95 ? 117 GLU A OE2 1 
ATOM   899  N N   . ALA A 1 123 ? 3.045   -8.824  15.803  1.00 13.91 ? 118 ALA A N   1 
ATOM   900  C CA  . ALA A 1 123 ? 2.051   -8.605  16.851  1.00 13.86 ? 118 ALA A CA  1 
ATOM   901  C C   . ALA A 1 123 ? 1.804   -7.110  17.050  1.00 15.29 ? 118 ALA A C   1 
ATOM   902  O O   . ALA A 1 123 ? 0.659   -6.668  17.149  1.00 17.27 ? 118 ALA A O   1 
ATOM   903  C CB  . ALA A 1 123 ? 2.504   -9.242  18.159  1.00 17.93 ? 118 ALA A CB  1 
ATOM   904  N N   . GLN A 1 124 ? 2.886   -6.336  17.084  1.00 13.10 ? 119 GLN A N   1 
ATOM   905  C CA  . GLN A 1 124 ? 2.801   -4.893  17.271  1.00 14.34 ? 119 GLN A CA  1 
ATOM   906  C C   . GLN A 1 124 ? 2.183   -4.216  16.047  1.00 10.95 ? 119 GLN A C   1 
ATOM   907  O O   . GLN A 1 124 ? 1.401   -3.277  16.181  1.00 13.83 ? 119 GLN A O   1 
ATOM   908  C CB  . GLN A 1 124 ? 4.183   -4.319  17.590  1.00 12.40 ? 119 GLN A CB  1 
ATOM   909  C CG  . GLN A 1 124 ? 4.744   -4.823  18.919  1.00 25.26 ? 119 GLN A CG  1 
ATOM   910  C CD  . GLN A 1 124 ? 6.147   -4.323  19.217  1.00 30.68 ? 119 GLN A CD  1 
ATOM   911  O OE1 . GLN A 1 124 ? 6.437   -3.135  19.096  1.00 35.60 ? 119 GLN A OE1 1 
ATOM   912  N NE2 . GLN A 1 124 ? 7.019   -5.230  19.632  1.00 34.90 ? 119 GLN A NE2 1 
ATOM   913  N N   . ILE A 1 125 ? 2.495   -4.727  14.860  1.00 9.37  ? 120 ILE A N   1 
ATOM   914  C CA  . ILE A 1 125 ? 1.948   -4.179  13.626  1.00 7.79  ? 120 ILE A CA  1 
ATOM   915  C C   . ILE A 1 125 ? 0.440   -4.413  13.594  1.00 12.63 ? 120 ILE A C   1 
ATOM   916  O O   . ILE A 1 125 ? -0.325  -3.536  13.183  1.00 15.69 ? 120 ILE A O   1 
ATOM   917  C CB  . ILE A 1 125 ? 2.595   -4.822  12.379  1.00 7.69  ? 120 ILE A CB  1 
ATOM   918  C CG1 . ILE A 1 125 ? 4.090   -4.509  12.336  1.00 7.14  ? 120 ILE A CG1 1 
ATOM   919  C CG2 . ILE A 1 125 ? 1.922   -4.322  11.110  1.00 14.50 ? 120 ILE A CG2 1 
ATOM   920  C CD1 . ILE A 1 125 ? 4.819   -5.176  11.182  1.00 2.00  ? 120 ILE A CD1 1 
ATOM   921  N N   . ALA A 1 126 ? 0.018   -5.589  14.054  1.00 6.96  ? 121 ALA A N   1 
ATOM   922  C CA  . ALA A 1 126 ? -1.396  -5.949  14.086  1.00 7.86  ? 121 ALA A CA  1 
ATOM   923  C C   . ALA A 1 126 ? -2.169  -5.058  15.046  1.00 8.47  ? 121 ALA A C   1 
ATOM   924  O O   . ALA A 1 126 ? -3.261  -4.594  14.726  1.00 9.92  ? 121 ALA A O   1 
ATOM   925  C CB  . ALA A 1 126 ? -1.563  -7.417  14.482  1.00 9.73  ? 121 ALA A CB  1 
ATOM   926  N N   . ALA A 1 127 ? -1.601  -4.825  16.224  1.00 9.98  ? 122 ALA A N   1 
ATOM   927  C CA  . ALA A 1 127 ? -2.235  -3.991  17.238  1.00 13.20 ? 122 ALA A CA  1 
ATOM   928  C C   . ALA A 1 127 ? -2.469  -2.580  16.704  1.00 13.63 ? 122 ALA A C   1 
ATOM   929  O O   . ALA A 1 127 ? -3.519  -1.977  16.944  1.00 16.53 ? 122 ALA A O   1 
ATOM   930  C CB  . ALA A 1 127 ? -1.373  -3.939  18.488  1.00 8.47  ? 122 ALA A CB  1 
ATOM   931  N N   . TRP A 1 128 ? -1.476  -2.063  15.988  1.00 12.50 ? 123 TRP A N   1 
ATOM   932  C CA  . TRP A 1 128 ? -1.545  -0.726  15.411  1.00 14.36 ? 123 TRP A CA  1 
ATOM   933  C C   . TRP A 1 128 ? -2.580  -0.688  14.283  1.00 13.19 ? 123 TRP A C   1 
ATOM   934  O O   . TRP A 1 128 ? -3.451  0.181   14.265  1.00 8.17  ? 123 TRP A O   1 
ATOM   935  C CB  . TRP A 1 128 ? -0.167  -0.322  14.888  1.00 12.21 ? 123 TRP A CB  1 
ATOM   936  C CG  . TRP A 1 128 ? 0.019   1.152   14.714  1.00 15.60 ? 123 TRP A CG  1 
ATOM   937  C CD1 . TRP A 1 128 ? 0.590   2.014   15.605  1.00 11.69 ? 123 TRP A CD1 1 
ATOM   938  C CD2 . TRP A 1 128 ? -0.315  1.927   13.559  1.00 9.24  ? 123 TRP A CD2 1 
ATOM   939  N NE1 . TRP A 1 128 ? 0.643   3.279   15.072  1.00 16.13 ? 123 TRP A NE1 1 
ATOM   940  C CE2 . TRP A 1 128 ? 0.094   3.256   13.817  1.00 14.25 ? 123 TRP A CE2 1 
ATOM   941  C CE3 . TRP A 1 128 ? -0.917  1.627   12.329  1.00 8.40  ? 123 TRP A CE3 1 
ATOM   942  C CZ2 . TRP A 1 128 ? -0.078  4.290   12.889  1.00 9.55  ? 123 TRP A CZ2 1 
ATOM   943  C CZ3 . TRP A 1 128 ? -1.092  2.656   11.402  1.00 17.94 ? 123 TRP A CZ3 1 
ATOM   944  C CH2 . TRP A 1 128 ? -0.672  3.974   11.691  1.00 11.38 ? 123 TRP A CH2 1 
ATOM   945  N N   . LEU A 1 129 ? -2.518  -1.662  13.378  1.00 13.22 ? 124 LEU A N   1 
ATOM   946  C CA  . LEU A 1 129 ? -3.446  -1.741  12.251  1.00 15.38 ? 124 LEU A CA  1 
ATOM   947  C C   . LEU A 1 129 ? -4.901  -1.844  12.714  1.00 20.99 ? 124 LEU A C   1 
ATOM   948  O O   . LEU A 1 129 ? -5.799  -1.268  12.096  1.00 19.26 ? 124 LEU A O   1 
ATOM   949  C CB  . LEU A 1 129 ? -3.089  -2.936  11.349  1.00 13.88 ? 124 LEU A CB  1 
ATOM   950  C CG  . LEU A 1 129 ? -3.908  -3.235  10.085  1.00 9.03  ? 124 LEU A CG  1 
ATOM   951  C CD1 . LEU A 1 129 ? -3.068  -4.015  9.113   1.00 10.52 ? 124 LEU A CD1 1 
ATOM   952  C CD2 . LEU A 1 129 ? -5.186  -3.994  10.403  1.00 11.02 ? 124 LEU A CD2 1 
ATOM   953  N N   . ALA A 1 130 ? -5.117  -2.568  13.809  1.00 19.80 ? 125 ALA A N   1 
ATOM   954  C CA  . ALA A 1 130 ? -6.451  -2.775  14.367  1.00 15.46 ? 125 ALA A CA  1 
ATOM   955  C C   . ALA A 1 130 ? -7.124  -1.497  14.857  1.00 19.28 ? 125 ALA A C   1 
ATOM   956  O O   . ALA A 1 130 ? -8.353  -1.415  14.913  1.00 15.57 ? 125 ALA A O   1 
ATOM   957  C CB  . ALA A 1 130 ? -6.382  -3.783  15.497  1.00 18.24 ? 125 ALA A CB  1 
ATOM   958  N N   . VAL A 1 131 ? -6.317  -0.510  15.231  1.00 14.68 ? 126 VAL A N   1 
ATOM   959  C CA  . VAL A 1 131 ? -6.841  0.752   15.736  1.00 16.77 ? 126 VAL A CA  1 
ATOM   960  C C   . VAL A 1 131 ? -6.701  1.895   14.731  1.00 16.55 ? 126 VAL A C   1 
ATOM   961  O O   . VAL A 1 131 ? -7.660  2.616   14.465  1.00 16.98 ? 126 VAL A O   1 
ATOM   962  C CB  . VAL A 1 131 ? -6.140  1.144   17.067  1.00 15.83 ? 126 VAL A CB  1 
ATOM   963  C CG1 . VAL A 1 131 ? -6.631  2.501   17.565  1.00 19.82 ? 126 VAL A CG1 1 
ATOM   964  C CG2 . VAL A 1 131 ? -6.393  0.079   18.122  1.00 12.00 ? 126 VAL A CG2 1 
ATOM   965  N N   . ASN A 1 132 ? -5.517  2.021   14.144  1.00 14.48 ? 127 ASN A N   1 
ATOM   966  C CA  . ASN A 1 132 ? -5.229  3.097   13.204  1.00 13.16 ? 127 ASN A CA  1 
ATOM   967  C C   . ASN A 1 132 ? -5.445  2.828   11.721  1.00 14.59 ? 127 ASN A C   1 
ATOM   968  O O   . ASN A 1 132 ? -5.336  3.752   10.915  1.00 15.25 ? 127 ASN A O   1 
ATOM   969  C CB  . ASN A 1 132 ? -3.810  3.608   13.435  1.00 6.59  ? 127 ASN A CB  1 
ATOM   970  C CG  . ASN A 1 132 ? -3.527  3.871   14.896  1.00 9.37  ? 127 ASN A CG  1 
ATOM   971  O OD1 . ASN A 1 132 ? -2.620  3.281   15.478  1.00 16.50 ? 127 ASN A OD1 1 
ATOM   972  N ND2 . ASN A 1 132 ? -4.319  4.734   15.508  1.00 5.98  ? 127 ASN A ND2 1 
ATOM   973  N N   . GLY A 1 133 ? -5.718  1.582   11.347  1.00 11.21 ? 128 GLY A N   1 
ATOM   974  C CA  . GLY A 1 133 ? -5.961  1.285   9.944   1.00 2.28  ? 128 GLY A CA  1 
ATOM   975  C C   . GLY A 1 133 ? -4.829  0.682   9.135   1.00 2.00  ? 128 GLY A C   1 
ATOM   976  O O   . GLY A 1 133 ? -3.732  0.470   9.655   1.00 6.50  ? 128 GLY A O   1 
ATOM   977  N N   . PRO A 1 134 ? -5.062  0.441   7.830   1.00 2.00  ? 129 PRO A N   1 
ATOM   978  C CA  . PRO A 1 134 ? -4.129  -0.140  6.858   1.00 3.83  ? 129 PRO A CA  1 
ATOM   979  C C   . PRO A 1 134 ? -2.726  0.446   6.901   1.00 8.90  ? 129 PRO A C   1 
ATOM   980  O O   . PRO A 1 134 ? -2.549  1.662   6.930   1.00 18.06 ? 129 PRO A O   1 
ATOM   981  C CB  . PRO A 1 134 ? -4.817  0.135   5.524   1.00 5.60  ? 129 PRO A CB  1 
ATOM   982  C CG  . PRO A 1 134 ? -6.262  0.030   5.877   1.00 4.39  ? 129 PRO A CG  1 
ATOM   983  C CD  . PRO A 1 134 ? -6.319  0.826   7.162   1.00 3.75  ? 129 PRO A CD  1 
ATOM   984  N N   . VAL A 1 135 ? -1.734  -0.436  6.827   1.00 11.03 ? 130 VAL A N   1 
ATOM   985  C CA  . VAL A 1 135 ? -0.331  -0.046  6.880   1.00 6.67  ? 130 VAL A CA  1 
ATOM   986  C C   . VAL A 1 135 ? 0.405   -0.494  5.618   1.00 7.43  ? 130 VAL A C   1 
ATOM   987  O O   . VAL A 1 135 ? 0.064   -1.518  5.014   1.00 9.93  ? 130 VAL A O   1 
ATOM   988  C CB  . VAL A 1 135 ? 0.345   -0.632  8.169   1.00 10.20 ? 130 VAL A CB  1 
ATOM   989  C CG1 . VAL A 1 135 ? 0.084   -2.113  8.274   1.00 10.46 ? 130 VAL A CG1 1 
ATOM   990  C CG2 . VAL A 1 135 ? 1.838   -0.377  8.186   1.00 11.57 ? 130 VAL A CG2 1 
ATOM   991  N N   . ALA A 1 136 ? 1.357   0.321   5.178   1.00 8.72  ? 131 ALA A N   1 
ATOM   992  C CA  . ALA A 1 136 ? 2.154   0.013   3.996   1.00 8.17  ? 131 ALA A CA  1 
ATOM   993  C C   . ALA A 1 136 ? 3.303   -0.870  4.463   1.00 7.57  ? 131 ALA A C   1 
ATOM   994  O O   . ALA A 1 136 ? 3.935   -0.585  5.480   1.00 9.06  ? 131 ALA A O   1 
ATOM   995  C CB  . ALA A 1 136 ? 2.694   1.294   3.373   1.00 6.16  ? 131 ALA A CB  1 
ATOM   996  N N   . VAL A 1 137 ? 3.549   -1.957  3.744   1.00 10.64 ? 132 VAL A N   1 
ATOM   997  C CA  . VAL A 1 137 ? 4.621   -2.875  4.107   1.00 10.08 ? 132 VAL A CA  1 
ATOM   998  C C   . VAL A 1 137 ? 5.337   -3.363  2.864   1.00 9.38  ? 132 VAL A C   1 
ATOM   999  O O   . VAL A 1 137 ? 4.776   -3.353  1.765   1.00 12.88 ? 132 VAL A O   1 
ATOM   1000 C CB  . VAL A 1 137 ? 4.086   -4.118  4.882   1.00 7.69  ? 132 VAL A CB  1 
ATOM   1001 C CG1 . VAL A 1 137 ? 3.442   -3.703  6.193   1.00 6.64  ? 132 VAL A CG1 1 
ATOM   1002 C CG2 . VAL A 1 137 ? 3.093   -4.898  4.026   1.00 2.00  ? 132 VAL A CG2 1 
ATOM   1003 N N   . ALA A 1 138 ? 6.594   -3.746  3.037   1.00 8.11  ? 133 ALA A N   1 
ATOM   1004 C CA  . ALA A 1 138 ? 7.396   -4.274  1.944   1.00 9.60  ? 133 ALA A CA  1 
ATOM   1005 C C   . ALA A 1 138 ? 7.469   -5.781  2.160   1.00 14.54 ? 133 ALA A C   1 
ATOM   1006 O O   . ALA A 1 138 ? 7.509   -6.245  3.306   1.00 12.68 ? 133 ALA A O   1 
ATOM   1007 C CB  . ALA A 1 138 ? 8.790   -3.677  1.981   1.00 6.46  ? 133 ALA A CB  1 
ATOM   1008 N N   . VAL A 1 139 ? 7.450   -6.542  1.071   1.00 10.54 ? 134 VAL A N   1 
ATOM   1009 C CA  . VAL A 1 139 ? 7.524   -7.997  1.155   1.00 11.86 ? 134 VAL A CA  1 
ATOM   1010 C C   . VAL A 1 139 ? 8.388   -8.553  0.034   1.00 17.12 ? 134 VAL A C   1 
ATOM   1011 O O   . VAL A 1 139 ? 8.815   -7.823  -0.874  1.00 15.65 ? 134 VAL A O   1 
ATOM   1012 C CB  . VAL A 1 139 ? 6.121   -8.683  1.026   1.00 6.81  ? 134 VAL A CB  1 
ATOM   1013 C CG1 . VAL A 1 139 ? 5.218   -8.302  2.177   1.00 2.00  ? 134 VAL A CG1 1 
ATOM   1014 C CG2 . VAL A 1 139 ? 5.474   -8.332  -0.307  1.00 11.21 ? 134 VAL A CG2 1 
ATOM   1015 N N   . ASP A 1 140 ? 8.682   -9.844  0.136   1.00 19.59 ? 135 ASP A N   1 
ATOM   1016 C CA  . ASP A 1 140 ? 9.438   -10.552 -0.877  1.00 16.03 ? 135 ASP A CA  1 
ATOM   1017 C C   . ASP A 1 140 ? 8.313   -11.197 -1.680  1.00 19.38 ? 135 ASP A C   1 
ATOM   1018 O O   . ASP A 1 140 ? 7.581   -12.042 -1.164  1.00 22.88 ? 135 ASP A O   1 
ATOM   1019 C CB  . ASP A 1 140 ? 10.316  -11.628 -0.236  1.00 18.31 ? 135 ASP A CB  1 
ATOM   1020 C CG  . ASP A 1 140 ? 11.195  -12.351 -1.247  1.00 14.55 ? 135 ASP A CG  1 
ATOM   1021 O OD1 . ASP A 1 140 ? 10.781  -12.513 -2.411  1.00 16.51 ? 135 ASP A OD1 1 
ATOM   1022 O OD2 . ASP A 1 140 ? 12.309  -12.765 -0.874  1.00 12.83 ? 135 ASP A OD2 1 
ATOM   1023 N N   . ALA A 1 141 ? 8.144   -10.768 -2.924  1.00 20.49 ? 136 ALA A N   1 
ATOM   1024 C CA  . ALA A 1 141 ? 7.079   -11.301 -3.762  1.00 21.02 ? 136 ALA A CA  1 
ATOM   1025 C C   . ALA A 1 141 ? 7.557   -12.273 -4.838  1.00 26.47 ? 136 ALA A C   1 
ATOM   1026 O O   . ALA A 1 141 ? 6.828   -12.552 -5.792  1.00 26.67 ? 136 ALA A O   1 
ATOM   1027 C CB  . ALA A 1 141 ? 6.294   -10.156 -4.394  1.00 25.14 ? 136 ALA A CB  1 
ATOM   1028 N N   . SER A 1 142 ? 8.750   -12.833 -4.662  1.00 27.34 ? 139 SER A N   1 
ATOM   1029 C CA  . SER A 1 142 ? 9.293   -13.765 -5.645  1.00 28.63 ? 139 SER A CA  1 
ATOM   1030 C C   . SER A 1 142 ? 8.380   -14.971 -5.898  1.00 25.93 ? 139 SER A C   1 
ATOM   1031 O O   . SER A 1 142 ? 8.236   -15.417 -7.037  1.00 32.88 ? 139 SER A O   1 
ATOM   1032 C CB  . SER A 1 142 ? 10.699  -14.216 -5.241  1.00 28.87 ? 139 SER A CB  1 
ATOM   1033 O OG  . SER A 1 142 ? 10.727  -14.671 -3.899  1.00 26.12 ? 139 SER A OG  1 
ATOM   1034 N N   . SER A 1 143 ? 7.730   -15.470 -4.850  1.00 26.33 ? 140 SER A N   1 
ATOM   1035 C CA  . SER A 1 143 ? 6.835   -16.614 -4.992  1.00 28.75 ? 140 SER A CA  1 
ATOM   1036 C C   . SER A 1 143 ? 5.377   -16.233 -5.256  1.00 26.56 ? 140 SER A C   1 
ATOM   1037 O O   . SER A 1 143 ? 4.512   -17.104 -5.359  1.00 27.53 ? 140 SER A O   1 
ATOM   1038 C CB  . SER A 1 143 ? 6.935   -17.520 -3.759  1.00 25.51 ? 140 SER A CB  1 
ATOM   1039 O OG  . SER A 1 143 ? 6.855   -16.781 -2.552  1.00 30.05 ? 140 SER A OG  1 
ATOM   1040 N N   . TRP A 1 144 ? 5.111   -14.938 -5.394  1.00 25.61 ? 141 TRP A N   1 
ATOM   1041 C CA  . TRP A 1 144 ? 3.750   -14.453 -5.628  1.00 23.89 ? 141 TRP A CA  1 
ATOM   1042 C C   . TRP A 1 144 ? 3.229   -14.636 -7.048  1.00 22.88 ? 141 TRP A C   1 
ATOM   1043 O O   . TRP A 1 144 ? 2.019   -14.612 -7.275  1.00 20.14 ? 141 TRP A O   1 
ATOM   1044 C CB  . TRP A 1 144 ? 3.634   -12.984 -5.226  1.00 23.98 ? 141 TRP A CB  1 
ATOM   1045 C CG  . TRP A 1 144 ? 3.665   -12.756 -3.747  1.00 19.70 ? 141 TRP A CG  1 
ATOM   1046 C CD1 . TRP A 1 144 ? 4.260   -13.546 -2.802  1.00 22.99 ? 141 TRP A CD1 1 
ATOM   1047 C CD2 . TRP A 1 144 ? 3.071   -11.661 -3.041  1.00 22.80 ? 141 TRP A CD2 1 
ATOM   1048 N NE1 . TRP A 1 144 ? 4.070   -13.008 -1.552  1.00 25.13 ? 141 TRP A NE1 1 
ATOM   1049 C CE2 . TRP A 1 144 ? 3.344   -11.853 -1.668  1.00 21.47 ? 141 TRP A CE2 1 
ATOM   1050 C CE3 . TRP A 1 144 ? 2.330   -10.536 -3.434  1.00 15.25 ? 141 TRP A CE3 1 
ATOM   1051 C CZ2 . TRP A 1 144 ? 2.903   -10.959 -0.684  1.00 21.84 ? 141 TRP A CZ2 1 
ATOM   1052 C CZ3 . TRP A 1 144 ? 1.892   -9.651  -2.456  1.00 18.13 ? 141 TRP A CZ3 1 
ATOM   1053 C CH2 . TRP A 1 144 ? 2.181   -9.869  -1.095  1.00 19.90 ? 141 TRP A CH2 1 
ATOM   1054 N N   . MET A 1 145 ? 4.135   -14.841 -7.997  1.00 29.57 ? 142 MET A N   1 
ATOM   1055 C CA  . MET A 1 145 ? 3.752   -15.027 -9.395  1.00 36.34 ? 142 MET A CA  1 
ATOM   1056 C C   . MET A 1 145 ? 2.825   -16.223 -9.618  1.00 37.56 ? 142 MET A C   1 
ATOM   1057 O O   . MET A 1 145 ? 1.981   -16.199 -10.510 1.00 39.43 ? 142 MET A O   1 
ATOM   1058 C CB  . MET A 1 145 ? 5.001   -15.167 -10.267 1.00 45.10 ? 142 MET A CB  1 
ATOM   1059 C CG  . MET A 1 145 ? 5.195   -14.032 -11.264 1.00 58.25 ? 142 MET A CG  1 
ATOM   1060 S SD  . MET A 1 145 ? 5.196   -12.394 -10.499 1.00 62.41 ? 142 MET A SD  1 
ATOM   1061 C CE  . MET A 1 145 ? 6.816   -12.387 -9.716  1.00 60.54 ? 142 MET A CE  1 
ATOM   1062 N N   . THR A 1 146 ? 2.983   -17.263 -8.803  1.00 37.45 ? 143 THR A N   1 
ATOM   1063 C CA  . THR A 1 146 ? 2.163   -18.463 -8.928  1.00 34.96 ? 143 THR A CA  1 
ATOM   1064 C C   . THR A 1 146 ? 0.981   -18.523 -7.961  1.00 33.13 ? 143 THR A C   1 
ATOM   1065 O O   . THR A 1 146 ? 0.276   -19.532 -7.905  1.00 30.31 ? 143 THR A O   1 
ATOM   1066 C CB  . THR A 1 146 ? 3.020   -19.738 -8.757  1.00 33.92 ? 143 THR A CB  1 
ATOM   1067 O OG1 . THR A 1 146 ? 3.866   -19.600 -7.608  1.00 36.91 ? 143 THR A OG1 1 
ATOM   1068 C CG2 . THR A 1 146 ? 3.877   -19.976 -9.991  1.00 36.79 ? 143 THR A CG2 1 
ATOM   1069 N N   . TYR A 1 147 ? 0.758   -17.452 -7.206  1.00 28.05 ? 144 TYR A N   1 
ATOM   1070 C CA  . TYR A 1 147 ? -0.342  -17.423 -6.248  1.00 26.83 ? 144 TYR A CA  1 
ATOM   1071 C C   . TYR A 1 147 ? -1.699  -17.409 -6.944  1.00 29.09 ? 144 TYR A C   1 
ATOM   1072 O O   . TYR A 1 147 ? -2.010  -16.486 -7.700  1.00 29.71 ? 144 TYR A O   1 
ATOM   1073 C CB  . TYR A 1 147 ? -0.217  -16.218 -5.313  1.00 21.98 ? 144 TYR A CB  1 
ATOM   1074 C CG  . TYR A 1 147 ? -1.318  -16.135 -4.280  1.00 18.93 ? 144 TYR A CG  1 
ATOM   1075 C CD1 . TYR A 1 147 ? -1.247  -16.865 -3.096  1.00 17.11 ? 144 TYR A CD1 1 
ATOM   1076 C CD2 . TYR A 1 147 ? -2.438  -15.329 -4.490  1.00 14.61 ? 144 TYR A CD2 1 
ATOM   1077 C CE1 . TYR A 1 147 ? -2.263  -16.795 -2.145  1.00 12.49 ? 144 TYR A CE1 1 
ATOM   1078 C CE2 . TYR A 1 147 ? -3.456  -15.256 -3.549  1.00 14.26 ? 144 TYR A CE2 1 
ATOM   1079 C CZ  . TYR A 1 147 ? -3.363  -15.990 -2.378  1.00 11.86 ? 144 TYR A CZ  1 
ATOM   1080 O OH  . TYR A 1 147 ? -4.364  -15.901 -1.442  1.00 13.05 ? 144 TYR A OH  1 
ATOM   1081 N N   . THR A 1 148 ? -2.510  -18.426 -6.672  1.00 33.36 ? 145 THR A N   1 
ATOM   1082 C CA  . THR A 1 148 ? -3.833  -18.535 -7.272  1.00 37.37 ? 145 THR A CA  1 
ATOM   1083 C C   . THR A 1 148 ? -4.949  -18.350 -6.241  1.00 34.14 ? 145 THR A C   1 
ATOM   1084 O O   . THR A 1 148 ? -6.078  -18.003 -6.592  1.00 40.38 ? 145 THR A O   1 
ATOM   1085 C CB  . THR A 1 148 ? -4.000  -19.897 -7.978  1.00 41.04 ? 145 THR A CB  1 
ATOM   1086 O OG1 . THR A 1 148 ? -2.884  -20.117 -8.853  1.00 51.50 ? 145 THR A OG1 1 
ATOM   1087 C CG2 . THR A 1 148 ? -5.280  -19.929 -8.799  1.00 47.84 ? 145 THR A CG2 1 
ATOM   1088 N N   . GLY A 1 149 ? -4.634  -18.576 -4.971  1.00 26.73 ? 146 GLY A N   1 
ATOM   1089 C CA  . GLY A 1 149 ? -5.635  -18.423 -3.930  1.00 22.37 ? 146 GLY A CA  1 
ATOM   1090 C C   . GLY A 1 149 ? -5.283  -19.211 -2.684  1.00 23.26 ? 146 GLY A C   1 
ATOM   1091 O O   . GLY A 1 149 ? -4.294  -19.949 -2.675  1.00 22.03 ? 146 GLY A O   1 
ATOM   1092 N N   . GLY A 1 150 ? -6.103  -19.070 -1.646  1.00 22.46 ? 147 GLY A N   1 
ATOM   1093 C CA  . GLY A 1 150 ? -5.871  -19.766 -0.391  1.00 20.73 ? 147 GLY A CA  1 
ATOM   1094 C C   . GLY A 1 150 ? -4.808  -19.088 0.449   1.00 22.58 ? 147 GLY A C   1 
ATOM   1095 O O   . GLY A 1 150 ? -4.173  -18.137 0.000   1.00 27.00 ? 147 GLY A O   1 
ATOM   1096 N N   . VAL A 1 151 ? -4.626  -19.554 1.678   1.00 21.44 ? 148 VAL A N   1 
ATOM   1097 C CA  . VAL A 1 151 ? -3.623  -18.981 2.568   1.00 18.93 ? 148 VAL A CA  1 
ATOM   1098 C C   . VAL A 1 151 ? -2.245  -19.550 2.241   1.00 22.17 ? 148 VAL A C   1 
ATOM   1099 O O   . VAL A 1 151 ? -2.044  -20.766 2.264   1.00 28.11 ? 148 VAL A O   1 
ATOM   1100 C CB  . VAL A 1 151 ? -3.946  -19.273 4.049   1.00 20.94 ? 148 VAL A CB  1 
ATOM   1101 C CG1 . VAL A 1 151 ? -2.892  -18.647 4.955   1.00 17.89 ? 148 VAL A CG1 1 
ATOM   1102 C CG2 . VAL A 1 151 ? -5.332  -18.750 4.398   1.00 20.62 ? 148 VAL A CG2 1 
ATOM   1103 N N   . MET A 1 152 ? -1.302  -18.669 1.925   1.00 18.54 ? 149 MET A N   1 
ATOM   1104 C CA  . MET A 1 152 ? 0.056   -19.080 1.602   1.00 19.64 ? 149 MET A CA  1 
ATOM   1105 C C   . MET A 1 152 ? 0.778   -19.396 2.908   1.00 22.10 ? 149 MET A C   1 
ATOM   1106 O O   . MET A 1 152 ? 1.082   -18.497 3.693   1.00 22.61 ? 149 MET A O   1 
ATOM   1107 C CB  . MET A 1 152 ? 0.779   -17.965 0.842   1.00 22.50 ? 149 MET A CB  1 
ATOM   1108 C CG  . MET A 1 152 ? 2.179   -18.330 0.373   1.00 27.05 ? 149 MET A CG  1 
ATOM   1109 S SD  . MET A 1 152 ? 2.941   -17.056 -0.658  1.00 23.58 ? 149 MET A SD  1 
ATOM   1110 C CE  . MET A 1 152 ? 2.449   -17.615 -2.287  1.00 24.08 ? 149 MET A CE  1 
ATOM   1111 N N   . THR A 1 153 ? 1.018   -20.681 3.154   1.00 25.19 ? 151 THR A N   1 
ATOM   1112 C CA  . THR A 1 153 ? 1.687   -21.122 4.377   1.00 23.10 ? 151 THR A CA  1 
ATOM   1113 C C   . THR A 1 153 ? 3.211   -21.137 4.298   1.00 22.01 ? 151 THR A C   1 
ATOM   1114 O O   . THR A 1 153 ? 3.887   -21.201 5.324   1.00 24.73 ? 151 THR A O   1 
ATOM   1115 C CB  . THR A 1 153 ? 1.163   -22.499 4.837   1.00 22.41 ? 151 THR A CB  1 
ATOM   1116 O OG1 . THR A 1 153 ? 1.008   -23.355 3.700   1.00 22.03 ? 151 THR A OG1 1 
ATOM   1117 C CG2 . THR A 1 153 ? -0.178  -22.349 5.537   1.00 18.12 ? 151 THR A CG2 1 
ATOM   1118 N N   . SER A 1 154 ? 3.749   -21.092 3.083   1.00 22.88 ? 152 SER A N   1 
ATOM   1119 C CA  . SER A 1 154 ? 5.192   -21.073 2.873   1.00 26.27 ? 152 SER A CA  1 
ATOM   1120 C C   . SER A 1 154 ? 5.484   -20.003 1.831   1.00 26.09 ? 152 SER A C   1 
ATOM   1121 O O   . SER A 1 154 ? 4.958   -20.052 0.715   1.00 32.90 ? 152 SER A O   1 
ATOM   1122 C CB  . SER A 1 154 ? 5.693   -22.436 2.387   1.00 28.28 ? 152 SER A CB  1 
ATOM   1123 O OG  . SER A 1 154 ? 5.434   -23.448 3.347   1.00 37.10 ? 152 SER A OG  1 
ATOM   1124 N N   . CYS A 1 155 ? 6.309   -19.031 2.205   1.00 22.78 ? 153 CYS A N   1 
ATOM   1125 C CA  . CYS A 1 155 ? 6.658   -17.927 1.320   1.00 18.81 ? 153 CYS A CA  1 
ATOM   1126 C C   . CYS A 1 155 ? 8.155   -17.668 1.360   1.00 14.83 ? 153 CYS A C   1 
ATOM   1127 O O   . CYS A 1 155 ? 8.753   -17.629 2.439   1.00 17.76 ? 153 CYS A O   1 
ATOM   1128 C CB  . CYS A 1 155 ? 5.912   -16.671 1.772   1.00 20.19 ? 153 CYS A CB  1 
ATOM   1129 S SG  . CYS A 1 155 ? 6.017   -15.219 0.680   1.00 22.35 ? 153 CYS A SG  1 
ATOM   1130 N N   . VAL A 1 156 ? 8.764   -17.506 0.187   1.00 12.57 ? 154 VAL A N   1 
ATOM   1131 C CA  . VAL A 1 156 ? 10.197  -17.230 0.106   1.00 16.31 ? 154 VAL A CA  1 
ATOM   1132 C C   . VAL A 1 156 ? 10.442  -15.892 0.795   1.00 19.87 ? 154 VAL A C   1 
ATOM   1133 O O   . VAL A 1 156 ? 9.937   -14.856 0.361   1.00 20.01 ? 154 VAL A O   1 
ATOM   1134 C CB  . VAL A 1 156 ? 10.682  -17.150 -1.358  1.00 15.43 ? 154 VAL A CB  1 
ATOM   1135 C CG1 . VAL A 1 156 ? 12.172  -16.834 -1.409  1.00 14.32 ? 154 VAL A CG1 1 
ATOM   1136 C CG2 . VAL A 1 156 ? 10.392  -18.458 -2.078  1.00 19.14 ? 154 VAL A CG2 1 
ATOM   1137 N N   . SER A 1 157 ? 11.196  -15.927 1.884   1.00 17.32 ? 155 SER A N   1 
ATOM   1138 C CA  . SER A 1 157 ? 11.486  -14.728 2.653   1.00 16.00 ? 155 SER A CA  1 
ATOM   1139 C C   . SER A 1 157 ? 12.984  -14.446 2.676   1.00 18.45 ? 155 SER A C   1 
ATOM   1140 O O   . SER A 1 157 ? 13.660  -14.727 3.665   1.00 22.06 ? 155 SER A O   1 
ATOM   1141 C CB  . SER A 1 157 ? 10.950  -14.909 4.073   1.00 10.57 ? 155 SER A CB  1 
ATOM   1142 O OG  . SER A 1 157 ? 9.599   -15.349 4.041   1.00 11.40 ? 155 SER A OG  1 
ATOM   1143 N N   . GLU A 1 158 ? 13.495  -13.871 1.592   1.00 22.42 ? 156 GLU A N   1 
ATOM   1144 C CA  . GLU A 1 158 ? 14.919  -13.568 1.483   1.00 27.37 ? 156 GLU A CA  1 
ATOM   1145 C C   . GLU A 1 158 ? 15.253  -12.097 1.254   1.00 27.30 ? 156 GLU A C   1 
ATOM   1146 O O   . GLU A 1 158 ? 16.038  -11.516 2.001   1.00 26.86 ? 156 GLU A O   1 
ATOM   1147 C CB  . GLU A 1 158 ? 15.557  -14.399 0.365   1.00 34.15 ? 156 GLU A CB  1 
ATOM   1148 C CG  . GLU A 1 158 ? 15.509  -15.899 0.585   1.00 48.58 ? 156 GLU A CG  1 
ATOM   1149 C CD  . GLU A 1 158 ? 16.214  -16.673 -0.515  1.00 56.41 ? 156 GLU A CD  1 
ATOM   1150 O OE1 . GLU A 1 158 ? 15.819  -16.537 -1.693  1.00 61.32 ? 156 GLU A OE1 1 
ATOM   1151 O OE2 . GLU A 1 158 ? 17.168  -17.416 -0.199  1.00 62.19 ? 156 GLU A OE2 1 
ATOM   1152 N N   . GLN A 1 159 A 14.668  -11.504 0.215   1.00 27.92 ? 156 GLN A N   1 
ATOM   1153 C CA  . GLN A 1 159 A 14.934  -10.110 -0.135  1.00 26.01 ? 156 GLN A CA  1 
ATOM   1154 C C   . GLN A 1 159 A 13.660  -9.308  -0.425  1.00 22.42 ? 156 GLN A C   1 
ATOM   1155 O O   . GLN A 1 159 A 12.811  -9.744  -1.201  1.00 21.02 ? 156 GLN A O   1 
ATOM   1156 C CB  . GLN A 1 159 A 15.849  -10.069 -1.366  1.00 31.24 ? 156 GLN A CB  1 
ATOM   1157 C CG  . GLN A 1 159 A 16.323  -8.684  -1.775  1.00 38.47 ? 156 GLN A CG  1 
ATOM   1158 C CD  . GLN A 1 159 A 17.255  -8.064  -0.755  1.00 43.51 ? 156 GLN A CD  1 
ATOM   1159 O OE1 . GLN A 1 159 A 18.231  -8.685  -0.332  1.00 46.04 ? 156 GLN A OE1 1 
ATOM   1160 N NE2 . GLN A 1 159 A 16.962  -6.834  -0.355  1.00 49.76 ? 156 GLN A NE2 1 
ATOM   1161 N N   . LEU A 1 160 ? 13.538  -8.138  0.198   1.00 20.71 ? 157 LEU A N   1 
ATOM   1162 C CA  . LEU A 1 160 ? 12.384  -7.267  -0.013  1.00 18.98 ? 157 LEU A CA  1 
ATOM   1163 C C   . LEU A 1 160 ? 12.476  -6.689  -1.423  1.00 13.18 ? 157 LEU A C   1 
ATOM   1164 O O   . LEU A 1 160 ? 13.529  -6.191  -1.825  1.00 17.06 ? 157 LEU A O   1 
ATOM   1165 C CB  . LEU A 1 160 ? 12.381  -6.127  1.007   1.00 18.47 ? 157 LEU A CB  1 
ATOM   1166 C CG  . LEU A 1 160 ? 12.199  -6.489  2.481   1.00 12.49 ? 157 LEU A CG  1 
ATOM   1167 C CD1 . LEU A 1 160 ? 12.454  -5.272  3.346   1.00 16.67 ? 157 LEU A CD1 1 
ATOM   1168 C CD2 . LEU A 1 160 ? 10.801  -7.026  2.713   1.00 6.77  ? 157 LEU A CD2 1 
ATOM   1169 N N   . ASP A 1 161 ? 11.388  -6.765  -2.178  1.00 10.54 ? 158 ASP A N   1 
ATOM   1170 C CA  . ASP A 1 161 ? 11.392  -6.246  -3.540  1.00 14.44 ? 158 ASP A CA  1 
ATOM   1171 C C   . ASP A 1 161 ? 10.027  -5.755  -4.006  1.00 10.77 ? 158 ASP A C   1 
ATOM   1172 O O   . ASP A 1 161 ? 9.865   -5.371  -5.161  1.00 15.85 ? 158 ASP A O   1 
ATOM   1173 C CB  . ASP A 1 161 ? 11.927  -7.315  -4.514  1.00 17.90 ? 158 ASP A CB  1 
ATOM   1174 C CG  . ASP A 1 161 ? 11.095  -8.614  -4.515  1.00 22.36 ? 158 ASP A CG  1 
ATOM   1175 O OD1 . ASP A 1 161 ? 9.973   -8.646  -3.961  1.00 20.19 ? 158 ASP A OD1 1 
ATOM   1176 O OD2 . ASP A 1 161 ? 11.573  -9.619  -5.088  1.00 27.44 ? 158 ASP A OD2 1 
ATOM   1177 N N   . HIS A 1 162 ? 9.063   -5.707  -3.093  1.00 7.28  ? 159 HIS A N   1 
ATOM   1178 C CA  . HIS A 1 162 ? 7.716   -5.303  -3.458  1.00 6.66  ? 159 HIS A CA  1 
ATOM   1179 C C   . HIS A 1 162 ? 7.025   -4.529  -2.335  1.00 13.39 ? 159 HIS A C   1 
ATOM   1180 O O   . HIS A 1 162 ? 7.284   -4.763  -1.155  1.00 13.58 ? 159 HIS A O   1 
ATOM   1181 C CB  . HIS A 1 162 ? 6.924   -6.566  -3.819  1.00 7.52  ? 159 HIS A CB  1 
ATOM   1182 C CG  . HIS A 1 162 ? 5.562   -6.308  -4.386  1.00 10.70 ? 159 HIS A CG  1 
ATOM   1183 N ND1 . HIS A 1 162 ? 5.338   -5.448  -5.440  1.00 14.07 ? 159 HIS A ND1 1 
ATOM   1184 C CD2 . HIS A 1 162 ? 4.355   -6.835  -4.071  1.00 10.29 ? 159 HIS A CD2 1 
ATOM   1185 C CE1 . HIS A 1 162 ? 4.054   -5.454  -5.746  1.00 13.75 ? 159 HIS A CE1 1 
ATOM   1186 N NE2 . HIS A 1 162 ? 3.437   -6.288  -4.931  1.00 16.02 ? 159 HIS A NE2 1 
ATOM   1187 N N   . GLY A 1 163 ? 6.174   -3.580  -2.716  1.00 11.21 ? 160 GLY A N   1 
ATOM   1188 C CA  . GLY A 1 163 ? 5.441   -2.793  -1.741  1.00 3.29  ? 160 GLY A CA  1 
ATOM   1189 C C   . GLY A 1 163 ? 3.971   -3.128  -1.868  1.00 2.00  ? 160 GLY A C   1 
ATOM   1190 O O   . GLY A 1 163 ? 3.456   -3.219  -2.983  1.00 9.44  ? 160 GLY A O   1 
ATOM   1191 N N   . VAL A 1 164 ? 3.293   -3.321  -0.744  1.00 2.00  ? 161 VAL A N   1 
ATOM   1192 C CA  . VAL A 1 164 ? 1.872   -3.672  -0.746  1.00 4.57  ? 161 VAL A CA  1 
ATOM   1193 C C   . VAL A 1 164 ? 1.153   -3.030  0.430   1.00 4.55  ? 161 VAL A C   1 
ATOM   1194 O O   . VAL A 1 164 ? 1.776   -2.367  1.260   1.00 12.66 ? 161 VAL A O   1 
ATOM   1195 C CB  . VAL A 1 164 ? 1.658   -5.214  -0.673  1.00 10.50 ? 161 VAL A CB  1 
ATOM   1196 C CG1 . VAL A 1 164 ? 2.007   -5.865  -1.992  1.00 8.77  ? 161 VAL A CG1 1 
ATOM   1197 C CG2 . VAL A 1 164 ? 2.499   -5.819  0.447   1.00 3.85  ? 161 VAL A CG2 1 
ATOM   1198 N N   . LEU A 1 165 ? -0.155  -3.249  0.510   1.00 11.11 ? 162 LEU A N   1 
ATOM   1199 C CA  . LEU A 1 165 ? -0.962  -2.684  1.584   1.00 13.79 ? 162 LEU A CA  1 
ATOM   1200 C C   . LEU A 1 165 ? -1.556  -3.779  2.468   1.00 13.12 ? 162 LEU A C   1 
ATOM   1201 O O   . LEU A 1 165 ? -2.178  -4.726  1.981   1.00 11.89 ? 162 LEU A O   1 
ATOM   1202 C CB  . LEU A 1 165 ? -2.089  -1.820  1.004   1.00 10.14 ? 162 LEU A CB  1 
ATOM   1203 C CG  . LEU A 1 165 ? -2.933  -1.030  2.008   1.00 10.42 ? 162 LEU A CG  1 
ATOM   1204 C CD1 . LEU A 1 165 ? -2.075  0.037   2.686   1.00 10.96 ? 162 LEU A CD1 1 
ATOM   1205 C CD2 . LEU A 1 165 ? -4.124  -0.393  1.302   1.00 14.78 ? 162 LEU A CD2 1 
ATOM   1206 N N   . LEU A 1 166 ? -1.387  -3.618  3.772   1.00 10.42 ? 163 LEU A N   1 
ATOM   1207 C CA  . LEU A 1 166 ? -1.891  -4.568  4.751   1.00 11.80 ? 163 LEU A CA  1 
ATOM   1208 C C   . LEU A 1 166 ? -3.252  -4.051  5.206   1.00 13.29 ? 163 LEU A C   1 
ATOM   1209 O O   . LEU A 1 166 ? -3.327  -3.038  5.905   1.00 14.73 ? 163 LEU A O   1 
ATOM   1210 C CB  . LEU A 1 166 ? -0.917  -4.626  5.928   1.00 12.90 ? 163 LEU A CB  1 
ATOM   1211 C CG  . LEU A 1 166 ? -0.766  -5.903  6.748   1.00 17.54 ? 163 LEU A CG  1 
ATOM   1212 C CD1 . LEU A 1 166 ? -0.329  -7.046  5.847   1.00 11.96 ? 163 LEU A CD1 1 
ATOM   1213 C CD2 . LEU A 1 166 ? 0.265   -5.673  7.838   1.00 12.61 ? 163 LEU A CD2 1 
ATOM   1214 N N   . VAL A 1 167 ? -4.322  -4.738  4.806   1.00 12.02 ? 164 VAL A N   1 
ATOM   1215 C CA  . VAL A 1 167 ? -5.679  -4.313  5.155   1.00 14.55 ? 164 VAL A CA  1 
ATOM   1216 C C   . VAL A 1 167 ? -6.362  -5.034  6.315   1.00 16.46 ? 164 VAL A C   1 
ATOM   1217 O O   . VAL A 1 167 ? -7.432  -4.611  6.763   1.00 17.38 ? 164 VAL A O   1 
ATOM   1218 C CB  . VAL A 1 167 ? -6.622  -4.347  3.922   1.00 17.48 ? 164 VAL A CB  1 
ATOM   1219 C CG1 . VAL A 1 167 ? -6.103  -3.413  2.839   1.00 9.87  ? 164 VAL A CG1 1 
ATOM   1220 C CG2 . VAL A 1 167 ? -6.757  -5.760  3.388   1.00 13.10 ? 164 VAL A CG2 1 
ATOM   1221 N N   . GLY A 1 168 ? -5.775  -6.126  6.794   1.00 13.66 ? 165 GLY A N   1 
ATOM   1222 C CA  . GLY A 1 168 ? -6.389  -6.837  7.900   1.00 12.15 ? 165 GLY A CA  1 
ATOM   1223 C C   . GLY A 1 168 ? -5.695  -8.122  8.307   1.00 17.37 ? 165 GLY A C   1 
ATOM   1224 O O   . GLY A 1 168 ? -4.619  -8.444  7.801   1.00 12.04 ? 165 GLY A O   1 
ATOM   1225 N N   . TYR A 1 169 ? -6.308  -8.847  9.237   1.00 16.27 ? 166 TYR A N   1 
ATOM   1226 C CA  . TYR A 1 169 ? -5.763  -10.111 9.721   1.00 17.43 ? 166 TYR A CA  1 
ATOM   1227 C C   . TYR A 1 169 ? -6.858  -10.935 10.376  1.00 17.31 ? 166 TYR A C   1 
ATOM   1228 O O   . TYR A 1 169 ? -7.904  -10.405 10.765  1.00 15.08 ? 166 TYR A O   1 
ATOM   1229 C CB  . TYR A 1 169 ? -4.619  -9.877  10.722  1.00 11.73 ? 166 TYR A CB  1 
ATOM   1230 C CG  . TYR A 1 169 ? -5.022  -9.228  12.034  1.00 15.50 ? 166 TYR A CG  1 
ATOM   1231 C CD1 . TYR A 1 169 ? -5.591  -9.979  13.065  1.00 19.57 ? 166 TYR A CD1 1 
ATOM   1232 C CD2 . TYR A 1 169 ? -4.828  -7.865  12.251  1.00 14.70 ? 166 TYR A CD2 1 
ATOM   1233 C CE1 . TYR A 1 169 ? -5.957  -9.389  14.273  1.00 17.88 ? 166 TYR A CE1 1 
ATOM   1234 C CE2 . TYR A 1 169 ? -5.191  -7.266  13.458  1.00 10.38 ? 166 TYR A CE2 1 
ATOM   1235 C CZ  . TYR A 1 169 ? -5.753  -8.033  14.462  1.00 17.93 ? 166 TYR A CZ  1 
ATOM   1236 O OH  . TYR A 1 169 ? -6.116  -7.450  15.658  1.00 14.57 ? 166 TYR A OH  1 
ATOM   1237 N N   . ASN A 1 170 ? -6.615  -12.232 10.500  1.00 15.15 ? 167 ASN A N   1 
ATOM   1238 C CA  . ASN A 1 170 ? -7.577  -13.122 11.134  1.00 17.13 ? 167 ASN A CA  1 
ATOM   1239 C C   . ASN A 1 170 ? -6.818  -14.141 11.963  1.00 16.91 ? 167 ASN A C   1 
ATOM   1240 O O   . ASN A 1 170 ? -6.157  -15.020 11.414  1.00 19.27 ? 167 ASN A O   1 
ATOM   1241 C CB  . ASN A 1 170 ? -8.433  -13.833 10.086  1.00 17.69 ? 167 ASN A CB  1 
ATOM   1242 C CG  . ASN A 1 170 ? -9.544  -14.665 10.706  1.00 21.89 ? 167 ASN A CG  1 
ATOM   1243 O OD1 . ASN A 1 170 ? -9.690  -14.729 11.931  1.00 15.24 ? 167 ASN A OD1 1 
ATOM   1244 N ND2 . ASN A 1 170 ? -10.325 -15.322 9.860   1.00 18.24 ? 167 ASN A ND2 1 
ATOM   1245 N N   . ASP A 1 171 A -6.877  -13.987 13.280  1.00 14.80 ? 167 ASP A N   1 
ATOM   1246 C CA  . ASP A 1 171 A -6.198  -14.894 14.198  1.00 21.47 ? 167 ASP A CA  1 
ATOM   1247 C C   . ASP A 1 171 A -7.082  -16.069 14.606  1.00 24.52 ? 167 ASP A C   1 
ATOM   1248 O O   . ASP A 1 171 A -6.608  -17.018 15.228  1.00 25.19 ? 167 ASP A O   1 
ATOM   1249 C CB  . ASP A 1 171 A -5.742  -14.147 15.458  1.00 17.70 ? 167 ASP A CB  1 
ATOM   1250 C CG  . ASP A 1 171 A -4.584  -13.194 15.197  1.00 15.35 ? 167 ASP A CG  1 
ATOM   1251 O OD1 . ASP A 1 171 A -3.900  -13.330 14.161  1.00 18.37 ? 167 ASP A OD1 1 
ATOM   1252 O OD2 . ASP A 1 171 A -4.351  -12.310 16.047  1.00 16.26 ? 167 ASP A OD2 1 
ATOM   1253 N N   . SER A 1 172 B -8.364  -15.998 14.257  1.00 27.86 ? 167 SER A N   1 
ATOM   1254 C CA  . SER A 1 172 B -9.315  -17.048 14.601  1.00 29.28 ? 167 SER A CA  1 
ATOM   1255 C C   . SER A 1 172 B -9.384  -18.197 13.600  1.00 30.51 ? 167 SER A C   1 
ATOM   1256 O O   . SER A 1 172 B -10.013 -19.221 13.871  1.00 36.30 ? 167 SER A O   1 
ATOM   1257 C CB  . SER A 1 172 B -10.708 -16.448 14.791  1.00 27.94 ? 167 SER A CB  1 
ATOM   1258 O OG  . SER A 1 172 B -10.716 -15.553 15.887  1.00 31.98 ? 167 SER A OG  1 
ATOM   1259 N N   . ALA A 1 173 C -8.769  -18.019 12.436  1.00 30.79 ? 167 ALA A N   1 
ATOM   1260 C CA  . ALA A 1 173 C -8.780  -19.058 11.410  1.00 30.18 ? 167 ALA A CA  1 
ATOM   1261 C C   . ALA A 1 173 C -7.839  -20.198 11.795  1.00 29.23 ? 167 ALA A C   1 
ATOM   1262 O O   . ALA A 1 173 C -6.999  -20.040 12.681  1.00 25.57 ? 167 ALA A O   1 
ATOM   1263 C CB  . ALA A 1 173 C -8.376  -18.470 10.065  1.00 22.71 ? 167 ALA A CB  1 
ATOM   1264 N N   . ALA A 1 174 D -7.977  -21.336 11.115  1.00 27.15 ? 167 ALA A N   1 
ATOM   1265 C CA  . ALA A 1 174 D -7.135  -22.505 11.372  1.00 26.29 ? 167 ALA A CA  1 
ATOM   1266 C C   . ALA A 1 174 D -5.675  -22.065 11.364  1.00 25.27 ? 167 ALA A C   1 
ATOM   1267 O O   . ALA A 1 174 D -4.903  -22.392 12.268  1.00 19.54 ? 167 ALA A O   1 
ATOM   1268 C CB  . ALA A 1 174 D -7.375  -23.570 10.310  1.00 25.23 ? 167 ALA A CB  1 
ATOM   1269 N N   . VAL A 1 175 ? -5.314  -21.314 10.332  1.00 25.08 ? 168 VAL A N   1 
ATOM   1270 C CA  . VAL A 1 175 ? -3.969  -20.776 10.193  1.00 25.85 ? 168 VAL A CA  1 
ATOM   1271 C C   . VAL A 1 175 ? -4.134  -19.258 10.175  1.00 23.62 ? 168 VAL A C   1 
ATOM   1272 O O   . VAL A 1 175 ? -4.772  -18.708 9.270   1.00 15.92 ? 168 VAL A O   1 
ATOM   1273 C CB  . VAL A 1 175 ? -3.298  -21.240 8.879   1.00 27.91 ? 168 VAL A CB  1 
ATOM   1274 C CG1 . VAL A 1 175 ? -1.943  -20.565 8.708   1.00 28.38 ? 168 VAL A CG1 1 
ATOM   1275 C CG2 . VAL A 1 175 ? -3.128  -22.749 8.881   1.00 33.10 ? 168 VAL A CG2 1 
ATOM   1276 N N   . PRO A 1 176 ? -3.657  -18.574 11.228  1.00 24.15 ? 169 PRO A N   1 
ATOM   1277 C CA  . PRO A 1 176 ? -3.762  -17.114 11.306  1.00 18.52 ? 169 PRO A CA  1 
ATOM   1278 C C   . PRO A 1 176 ? -3.136  -16.516 10.055  1.00 16.46 ? 169 PRO A C   1 
ATOM   1279 O O   . PRO A 1 176 ? -2.077  -16.971 9.621   1.00 13.76 ? 169 PRO A O   1 
ATOM   1280 C CB  . PRO A 1 176 ? -2.940  -16.786 12.549  1.00 22.45 ? 169 PRO A CB  1 
ATOM   1281 C CG  . PRO A 1 176 ? -3.167  -17.986 13.419  1.00 26.93 ? 169 PRO A CG  1 
ATOM   1282 C CD  . PRO A 1 176 ? -3.009  -19.118 12.435  1.00 22.28 ? 169 PRO A CD  1 
ATOM   1283 N N   . TYR A 1 177 ? -3.790  -15.520 9.467   1.00 13.09 ? 170 TYR A N   1 
ATOM   1284 C CA  . TYR A 1 177 ? -3.273  -14.903 8.249   1.00 15.79 ? 170 TYR A CA  1 
ATOM   1285 C C   . TYR A 1 177 ? -3.432  -13.388 8.169   1.00 15.44 ? 170 TYR A C   1 
ATOM   1286 O O   . TYR A 1 177 ? -4.179  -12.781 8.944   1.00 13.24 ? 170 TYR A O   1 
ATOM   1287 C CB  . TYR A 1 177 ? -3.922  -15.544 7.015   1.00 8.38  ? 170 TYR A CB  1 
ATOM   1288 C CG  . TYR A 1 177 ? -5.433  -15.426 6.968   1.00 18.78 ? 170 TYR A CG  1 
ATOM   1289 C CD1 . TYR A 1 177 ? -6.051  -14.225 6.620   1.00 21.18 ? 170 TYR A CD1 1 
ATOM   1290 C CD2 . TYR A 1 177 ? -6.246  -16.519 7.266   1.00 17.73 ? 170 TYR A CD2 1 
ATOM   1291 C CE1 . TYR A 1 177 ? -7.439  -14.114 6.573   1.00 24.68 ? 170 TYR A CE1 1 
ATOM   1292 C CE2 . TYR A 1 177 ? -7.635  -16.419 7.219   1.00 23.65 ? 170 TYR A CE2 1 
ATOM   1293 C CZ  . TYR A 1 177 ? -8.224  -15.214 6.873   1.00 22.90 ? 170 TYR A CZ  1 
ATOM   1294 O OH  . TYR A 1 177 ? -9.595  -15.105 6.836   1.00 23.96 ? 170 TYR A OH  1 
ATOM   1295 N N   . TRP A 1 178 ? -2.699  -12.794 7.233   1.00 14.05 ? 171 TRP A N   1 
ATOM   1296 C CA  . TRP A 1 178 ? -2.742  -11.361 6.968   1.00 13.24 ? 171 TRP A CA  1 
ATOM   1297 C C   . TRP A 1 178 ? -3.551  -11.219 5.681   1.00 14.40 ? 171 TRP A C   1 
ATOM   1298 O O   . TRP A 1 178 ? -3.564  -12.134 4.849   1.00 16.11 ? 171 TRP A O   1 
ATOM   1299 C CB  . TRP A 1 178 ? -1.340  -10.812 6.678   1.00 11.42 ? 171 TRP A CB  1 
ATOM   1300 C CG  . TRP A 1 178 ? -0.407  -10.629 7.839   1.00 12.26 ? 171 TRP A CG  1 
ATOM   1301 C CD1 . TRP A 1 178 ? 0.792   -11.259 8.021   1.00 9.15  ? 171 TRP A CD1 1 
ATOM   1302 C CD2 . TRP A 1 178 ? -0.517  -9.666  8.902   1.00 12.94 ? 171 TRP A CD2 1 
ATOM   1303 N NE1 . TRP A 1 178 ? 1.439   -10.743 9.114   1.00 12.57 ? 171 TRP A NE1 1 
ATOM   1304 C CE2 . TRP A 1 178 ? 0.661   -9.767  9.678   1.00 11.36 ? 171 TRP A CE2 1 
ATOM   1305 C CE3 . TRP A 1 178 ? -1.493  -8.726  9.271   1.00 8.48  ? 171 TRP A CE3 1 
ATOM   1306 C CZ2 . TRP A 1 178 ? 0.893   -8.963  10.802  1.00 6.81  ? 171 TRP A CZ2 1 
ATOM   1307 C CZ3 . TRP A 1 178 ? -1.263  -7.927  10.390  1.00 2.77  ? 171 TRP A CZ3 1 
ATOM   1308 C CH2 . TRP A 1 178 ? -0.078  -8.053  11.143  1.00 7.95  ? 171 TRP A CH2 1 
ATOM   1309 N N   . ILE A 1 179 ? -4.221  -10.084 5.516   1.00 14.82 ? 172 ILE A N   1 
ATOM   1310 C CA  . ILE A 1 179 ? -4.998  -9.819  4.306   1.00 10.47 ? 172 ILE A CA  1 
ATOM   1311 C C   . ILE A 1 179 ? -4.254  -8.682  3.616   1.00 10.44 ? 172 ILE A C   1 
ATOM   1312 O O   . ILE A 1 179 ? -4.127  -7.584  4.163   1.00 9.79  ? 172 ILE A O   1 
ATOM   1313 C CB  . ILE A 1 179 ? -6.453  -9.399  4.623   1.00 10.84 ? 172 ILE A CB  1 
ATOM   1314 C CG1 . ILE A 1 179 ? -7.132  -10.471 5.476   1.00 9.84  ? 172 ILE A CG1 1 
ATOM   1315 C CG2 . ILE A 1 179 ? -7.237  -9.228  3.326   1.00 11.00 ? 172 ILE A CG2 1 
ATOM   1316 C CD1 . ILE A 1 179 ? -8.547  -10.136 5.876   1.00 13.25 ? 172 ILE A CD1 1 
ATOM   1317 N N   . ILE A 1 180 ? -3.722  -8.967  2.437   1.00 9.52  ? 173 ILE A N   1 
ATOM   1318 C CA  . ILE A 1 180 ? -2.943  -7.993  1.695   1.00 13.94 ? 173 ILE A CA  1 
ATOM   1319 C C   . ILE A 1 180 ? -3.554  -7.588  0.358   1.00 13.15 ? 173 ILE A C   1 
ATOM   1320 O O   . ILE A 1 180 ? -4.014  -8.434  -0.413  1.00 11.03 ? 173 ILE A O   1 
ATOM   1321 C CB  . ILE A 1 180 ? -1.510  -8.529  1.457   1.00 10.74 ? 173 ILE A CB  1 
ATOM   1322 C CG1 . ILE A 1 180 ? -0.793  -8.708  2.797   1.00 16.74 ? 173 ILE A CG1 1 
ATOM   1323 C CG2 . ILE A 1 180 ? -0.733  -7.611  0.532   1.00 12.00 ? 173 ILE A CG2 1 
ATOM   1324 C CD1 . ILE A 1 180 ? 0.625   -9.206  2.673   1.00 13.95 ? 173 ILE A CD1 1 
ATOM   1325 N N   . LYS A 1 181 ? -3.569  -6.283  0.104   1.00 15.77 ? 174 LYS A N   1 
ATOM   1326 C CA  . LYS A 1 181 ? -4.083  -5.740  -1.144  1.00 9.03  ? 174 LYS A CA  1 
ATOM   1327 C C   . LYS A 1 181 ? -2.894  -5.575  -2.077  1.00 11.86 ? 174 LYS A C   1 
ATOM   1328 O O   . LYS A 1 181 ? -1.899  -4.940  -1.721  1.00 8.92  ? 174 LYS A O   1 
ATOM   1329 C CB  . LYS A 1 181 ? -4.750  -4.381  -0.916  1.00 13.81 ? 174 LYS A CB  1 
ATOM   1330 C CG  . LYS A 1 181 ? -5.338  -3.773  -2.189  1.00 18.52 ? 174 LYS A CG  1 
ATOM   1331 C CD  . LYS A 1 181 ? -5.795  -2.335  -1.984  1.00 20.53 ? 174 LYS A CD  1 
ATOM   1332 C CE  . LYS A 1 181 ? -6.407  -1.775  -3.265  1.00 22.46 ? 174 LYS A CE  1 
ATOM   1333 N NZ  . LYS A 1 181 ? -6.844  -0.358  -3.128  1.00 26.61 ? 174 LYS A NZ  1 
ATOM   1334 N N   . ASN A 1 182 ? -2.976  -6.180  -3.255  1.00 14.29 ? 175 ASN A N   1 
ATOM   1335 C CA  . ASN A 1 182 ? -1.897  -6.091  -4.230  1.00 16.12 ? 175 ASN A CA  1 
ATOM   1336 C C   . ASN A 1 182 ? -2.346  -5.136  -5.338  1.00 14.36 ? 175 ASN A C   1 
ATOM   1337 O O   . ASN A 1 182 ? -3.490  -4.674  -5.333  1.00 11.09 ? 175 ASN A O   1 
ATOM   1338 C CB  . ASN A 1 182 ? -1.596  -7.483  -4.795  1.00 15.21 ? 175 ASN A CB  1 
ATOM   1339 C CG  . ASN A 1 182 ? -0.195  -7.598  -5.371  1.00 13.79 ? 175 ASN A CG  1 
ATOM   1340 O OD1 . ASN A 1 182 ? 0.660   -6.740  -5.154  1.00 16.55 ? 175 ASN A OD1 1 
ATOM   1341 N ND2 . ASN A 1 182 ? 0.047   -8.667  -6.108  1.00 20.26 ? 175 ASN A ND2 1 
ATOM   1342 N N   . SER A 1 183 ? -1.462  -4.849  -6.287  1.00 16.78 ? 176 SER A N   1 
ATOM   1343 C CA  . SER A 1 183 ? -1.775  -3.936  -7.382  1.00 14.46 ? 176 SER A CA  1 
ATOM   1344 C C   . SER A 1 183 ? -1.528  -4.554  -8.756  1.00 18.68 ? 176 SER A C   1 
ATOM   1345 O O   . SER A 1 183 ? -1.030  -3.890  -9.676  1.00 14.69 ? 176 SER A O   1 
ATOM   1346 C CB  . SER A 1 183 ? -0.953  -2.658  -7.223  1.00 13.49 ? 176 SER A CB  1 
ATOM   1347 O OG  . SER A 1 183 ? 0.390   -2.957  -6.869  1.00 11.73 ? 176 SER A OG  1 
ATOM   1348 N N   . TRP A 1 184 ? -1.902  -5.822  -8.894  1.00 20.20 ? 177 TRP A N   1 
ATOM   1349 C CA  . TRP A 1 184 ? -1.718  -6.558  -10.139 1.00 21.25 ? 177 TRP A CA  1 
ATOM   1350 C C   . TRP A 1 184 ? -3.052  -6.980  -10.756 1.00 22.64 ? 177 TRP A C   1 
ATOM   1351 O O   . TRP A 1 184 ? -3.154  -8.051  -11.357 1.00 24.01 ? 177 TRP A O   1 
ATOM   1352 C CB  . TRP A 1 184 ? -0.839  -7.792  -9.893  1.00 20.83 ? 177 TRP A CB  1 
ATOM   1353 C CG  . TRP A 1 184 ? 0.560   -7.477  -9.433  1.00 25.56 ? 177 TRP A CG  1 
ATOM   1354 C CD1 . TRP A 1 184 ? 1.185   -6.258  -9.456  1.00 26.66 ? 177 TRP A CD1 1 
ATOM   1355 C CD2 . TRP A 1 184 ? 1.516   -8.404  -8.901  1.00 24.56 ? 177 TRP A CD2 1 
ATOM   1356 N NE1 . TRP A 1 184 ? 2.465   -6.373  -8.976  1.00 23.93 ? 177 TRP A NE1 1 
ATOM   1357 C CE2 . TRP A 1 184 ? 2.696   -7.678  -8.626  1.00 25.05 ? 177 TRP A CE2 1 
ATOM   1358 C CE3 . TRP A 1 184 ? 1.491   -9.780  -8.632  1.00 28.35 ? 177 TRP A CE3 1 
ATOM   1359 C CZ2 . TRP A 1 184 ? 3.842   -8.281  -8.095  1.00 20.75 ? 177 TRP A CZ2 1 
ATOM   1360 C CZ3 . TRP A 1 184 ? 2.631   -10.380 -8.103  1.00 28.72 ? 177 TRP A CZ3 1 
ATOM   1361 C CH2 . TRP A 1 184 ? 3.791   -9.628  -7.841  1.00 27.44 ? 177 TRP A CH2 1 
ATOM   1362 N N   . THR A 1 185 ? -4.064  -6.131  -10.608 1.00 22.95 ? 178 THR A N   1 
ATOM   1363 C CA  . THR A 1 185 ? -5.404  -6.381  -11.148 1.00 25.65 ? 178 THR A CA  1 
ATOM   1364 C C   . THR A 1 185 ? -6.167  -7.430  -10.338 1.00 25.90 ? 178 THR A C   1 
ATOM   1365 O O   . THR A 1 185 ? -5.576  -8.191  -9.567  1.00 25.63 ? 178 THR A O   1 
ATOM   1366 C CB  . THR A 1 185 ? -5.355  -6.844  -12.635 1.00 27.13 ? 178 THR A CB  1 
ATOM   1367 O OG1 . THR A 1 185 ? -4.339  -6.115  -13.334 1.00 26.34 ? 178 THR A OG1 1 
ATOM   1368 C CG2 . THR A 1 185 ? -6.689  -6.593  -13.321 1.00 30.63 ? 178 THR A CG2 1 
ATOM   1369 N N   . THR A 1 186 ? -7.486  -7.455  -10.515 1.00 26.19 ? 179 THR A N   1 
ATOM   1370 C CA  . THR A 1 186 ? -8.348  -8.404  -9.827  1.00 24.00 ? 179 THR A CA  1 
ATOM   1371 C C   . THR A 1 186 ? -8.198  -9.815  -10.393 1.00 25.67 ? 179 THR A C   1 
ATOM   1372 O O   . THR A 1 186 ? -8.684  -10.776 -9.804  1.00 22.41 ? 179 THR A O   1 
ATOM   1373 C CB  . THR A 1 186 ? -9.825  -7.986  -9.918  1.00 25.52 ? 179 THR A CB  1 
ATOM   1374 O OG1 . THR A 1 186 ? -10.149 -7.661  -11.276 1.00 25.45 ? 179 THR A OG1 1 
ATOM   1375 C CG2 . THR A 1 186 ? -10.092 -6.784  -9.028  1.00 28.03 ? 179 THR A CG2 1 
ATOM   1376 N N   . GLN A 1 187 ? -7.528  -9.933  -11.537 1.00 24.79 ? 180 GLN A N   1 
ATOM   1377 C CA  . GLN A 1 187 ? -7.313  -11.234 -12.166 1.00 27.53 ? 180 GLN A CA  1 
ATOM   1378 C C   . GLN A 1 187 ? -6.318  -12.089 -11.379 1.00 26.44 ? 180 GLN A C   1 
ATOM   1379 O O   . GLN A 1 187 ? -6.328  -13.314 -11.474 1.00 30.22 ? 180 GLN A O   1 
ATOM   1380 C CB  . GLN A 1 187 ? -6.819  -11.059 -13.605 1.00 30.52 ? 180 GLN A CB  1 
ATOM   1381 C CG  . GLN A 1 187 ? -7.807  -10.330 -14.495 1.00 40.25 ? 180 GLN A CG  1 
ATOM   1382 C CD  . GLN A 1 187 ? -7.451  -10.390 -15.968 1.00 42.27 ? 180 GLN A CD  1 
ATOM   1383 O OE1 . GLN A 1 187 ? -6.336  -10.754 -16.350 1.00 41.30 ? 180 GLN A OE1 1 
ATOM   1384 N NE2 . GLN A 1 187 ? -8.411  -10.037 -16.808 1.00 45.41 ? 180 GLN A NE2 1 
ATOM   1385 N N   . TRP A 1 188 ? -5.463  -11.430 -10.607 1.00 20.66 ? 181 TRP A N   1 
ATOM   1386 C CA  . TRP A 1 188 ? -4.459  -12.116 -9.811  1.00 19.73 ? 181 TRP A CA  1 
ATOM   1387 C C   . TRP A 1 188 ? -4.979  -12.407 -8.405  1.00 21.08 ? 181 TRP A C   1 
ATOM   1388 O O   . TRP A 1 188 ? -5.715  -11.601 -7.827  1.00 16.61 ? 181 TRP A O   1 
ATOM   1389 C CB  . TRP A 1 188 ? -3.190  -11.260 -9.739  1.00 19.73 ? 181 TRP A CB  1 
ATOM   1390 C CG  . TRP A 1 188 ? -2.088  -11.832 -8.898  1.00 20.44 ? 181 TRP A CG  1 
ATOM   1391 C CD1 . TRP A 1 188 ? -1.051  -12.612 -9.323  1.00 20.58 ? 181 TRP A CD1 1 
ATOM   1392 C CD2 . TRP A 1 188 ? -1.897  -11.642 -7.489  1.00 16.77 ? 181 TRP A CD2 1 
ATOM   1393 N NE1 . TRP A 1 188 ? -0.226  -12.918 -8.268  1.00 18.77 ? 181 TRP A NE1 1 
ATOM   1394 C CE2 . TRP A 1 188 ? -0.721  -12.336 -7.130  1.00 17.83 ? 181 TRP A CE2 1 
ATOM   1395 C CE3 . TRP A 1 188 ? -2.607  -10.952 -6.495  1.00 11.95 ? 181 TRP A CE3 1 
ATOM   1396 C CZ2 . TRP A 1 188 ? -0.237  -12.362 -5.819  1.00 15.86 ? 181 TRP A CZ2 1 
ATOM   1397 C CZ3 . TRP A 1 188 ? -2.126  -10.979 -5.193  1.00 14.02 ? 181 TRP A CZ3 1 
ATOM   1398 C CH2 . TRP A 1 188 ? -0.951  -11.681 -4.867  1.00 15.83 ? 181 TRP A CH2 1 
ATOM   1399 N N   . GLY A 1 189 ? -4.601  -13.566 -7.873  1.00 17.63 ? 182 GLY A N   1 
ATOM   1400 C CA  . GLY A 1 189 ? -4.999  -13.951 -6.531  1.00 6.50  ? 182 GLY A CA  1 
ATOM   1401 C C   . GLY A 1 189 ? -6.489  -13.964 -6.263  1.00 9.52  ? 182 GLY A C   1 
ATOM   1402 O O   . GLY A 1 189 ? -7.295  -14.244 -7.153  1.00 16.52 ? 182 GLY A O   1 
ATOM   1403 N N   . GLU A 1 190 ? -6.856  -13.672 -5.020  1.00 9.34  ? 183 GLU A N   1 
ATOM   1404 C CA  . GLU A 1 190 ? -8.252  -13.646 -4.618  1.00 18.37 ? 183 GLU A CA  1 
ATOM   1405 C C   . GLU A 1 190 ? -8.806  -12.258 -4.904  1.00 22.65 ? 183 GLU A C   1 
ATOM   1406 O O   . GLU A 1 190 ? -8.888  -11.413 -4.006  1.00 19.28 ? 183 GLU A O   1 
ATOM   1407 C CB  . GLU A 1 190 ? -8.378  -13.977 -3.129  1.00 22.88 ? 183 GLU A CB  1 
ATOM   1408 C CG  . GLU A 1 190 ? -7.856  -15.362 -2.762  1.00 26.02 ? 183 GLU A CG  1 
ATOM   1409 C CD  . GLU A 1 190 ? -7.937  -15.662 -1.273  1.00 30.20 ? 183 GLU A CD  1 
ATOM   1410 O OE1 . GLU A 1 190 ? -8.455  -14.827 -0.502  1.00 29.32 ? 183 GLU A OE1 1 
ATOM   1411 O OE2 . GLU A 1 190 ? -7.475  -16.746 -0.869  1.00 37.84 ? 183 GLU A OE2 1 
ATOM   1412 N N   . GLU A 1 191 ? -9.132  -12.021 -6.174  1.00 25.45 ? 184 GLU A N   1 
ATOM   1413 C CA  . GLU A 1 191 ? -9.672  -10.742 -6.629  1.00 26.59 ? 184 GLU A CA  1 
ATOM   1414 C C   . GLU A 1 191 ? -8.724  -9.596  -6.282  1.00 23.88 ? 184 GLU A C   1 
ATOM   1415 O O   . GLU A 1 191 ? -9.118  -8.607  -5.664  1.00 24.22 ? 184 GLU A O   1 
ATOM   1416 C CB  . GLU A 1 191 ? -11.063 -10.500 -6.035  1.00 28.02 ? 184 GLU A CB  1 
ATOM   1417 C CG  . GLU A 1 191 ? -12.117 -11.480 -6.526  1.00 38.75 ? 184 GLU A CG  1 
ATOM   1418 C CD  . GLU A 1 191 ? -13.468 -11.265 -5.871  1.00 46.52 ? 184 GLU A CD  1 
ATOM   1419 O OE1 . GLU A 1 191 ? -13.610 -11.596 -4.673  1.00 47.74 ? 184 GLU A OE1 1 
ATOM   1420 O OE2 . GLU A 1 191 ? -14.390 -10.770 -6.554  1.00 48.28 ? 184 GLU A OE2 1 
ATOM   1421 N N   . GLY A 1 192 ? -7.460  -9.760  -6.659  1.00 23.25 ? 185 GLY A N   1 
ATOM   1422 C CA  . GLY A 1 192 ? -6.460  -8.743  -6.388  1.00 25.68 ? 185 GLY A CA  1 
ATOM   1423 C C   . GLY A 1 192 ? -5.858  -8.792  -4.996  1.00 25.02 ? 185 GLY A C   1 
ATOM   1424 O O   . GLY A 1 192 ? -4.969  -7.997  -4.680  1.00 28.34 ? 185 GLY A O   1 
ATOM   1425 N N   . TYR A 1 193 ? -6.345  -9.705  -4.161  1.00 25.98 ? 186 TYR A N   1 
ATOM   1426 C CA  . TYR A 1 193 ? -5.845  -9.856  -2.797  1.00 25.73 ? 186 TYR A CA  1 
ATOM   1427 C C   . TYR A 1 193 ? -5.068  -11.153 -2.601  1.00 26.90 ? 186 TYR A C   1 
ATOM   1428 O O   . TYR A 1 193 ? -5.122  -12.061 -3.437  1.00 27.17 ? 186 TYR A O   1 
ATOM   1429 C CB  . TYR A 1 193 ? -6.998  -9.801  -1.793  1.00 21.67 ? 186 TYR A CB  1 
ATOM   1430 C CG  . TYR A 1 193 ? -7.537  -8.412  -1.561  1.00 26.40 ? 186 TYR A CG  1 
ATOM   1431 C CD1 . TYR A 1 193 ? -8.443  -7.836  -2.451  1.00 27.12 ? 186 TYR A CD1 1 
ATOM   1432 C CD2 . TYR A 1 193 ? -7.129  -7.663  -0.458  1.00 24.19 ? 186 TYR A CD2 1 
ATOM   1433 C CE1 . TYR A 1 193 ? -8.928  -6.551  -2.250  1.00 24.92 ? 186 TYR A CE1 1 
ATOM   1434 C CE2 . TYR A 1 193 ? -7.606  -6.377  -0.246  1.00 24.43 ? 186 TYR A CE2 1 
ATOM   1435 C CZ  . TYR A 1 193 ? -8.506  -5.827  -1.147  1.00 26.23 ? 186 TYR A CZ  1 
ATOM   1436 O OH  . TYR A 1 193 ? -8.981  -4.552  -0.943  1.00 33.09 ? 186 TYR A OH  1 
ATOM   1437 N N   . ILE A 1 194 ? -4.335  -11.220 -1.494  1.00 23.49 ? 187 ILE A N   1 
ATOM   1438 C CA  . ILE A 1 194 ? -3.544  -12.391 -1.144  1.00 18.28 ? 187 ILE A CA  1 
ATOM   1439 C C   . ILE A 1 194 ? -3.527  -12.542 0.369   1.00 19.51 ? 187 ILE A C   1 
ATOM   1440 O O   . ILE A 1 194 ? -3.545  -11.548 1.103   1.00 14.55 ? 187 ILE A O   1 
ATOM   1441 C CB  . ILE A 1 194 ? -2.084  -12.285 -1.670  1.00 20.66 ? 187 ILE A CB  1 
ATOM   1442 C CG1 . ILE A 1 194 ? -1.233  -13.438 -1.123  1.00 18.22 ? 187 ILE A CG1 1 
ATOM   1443 C CG2 . ILE A 1 194 ? -1.478  -10.932 -1.307  1.00 19.40 ? 187 ILE A CG2 1 
ATOM   1444 C CD1 . ILE A 1 194 ? 0.180   -13.494 -1.665  1.00 16.95 ? 187 ILE A CD1 1 
ATOM   1445 N N   . ARG A 1 195 ? -3.560  -13.785 0.831   1.00 20.10 ? 188 ARG A N   1 
ATOM   1446 C CA  . ARG A 1 195 ? -3.530  -14.077 2.257   1.00 14.87 ? 188 ARG A CA  1 
ATOM   1447 C C   . ARG A 1 195 ? -2.285  -14.900 2.548   1.00 14.95 ? 188 ARG A C   1 
ATOM   1448 O O   . ARG A 1 195 ? -2.021  -15.896 1.874   1.00 13.80 ? 188 ARG A O   1 
ATOM   1449 C CB  . ARG A 1 195 ? -4.793  -14.836 2.678   1.00 13.09 ? 188 ARG A CB  1 
ATOM   1450 C CG  . ARG A 1 195 ? -6.057  -13.997 2.606   1.00 10.41 ? 188 ARG A CG  1 
ATOM   1451 C CD  . ARG A 1 195 ? -7.278  -14.767 3.058   1.00 13.26 ? 188 ARG A CD  1 
ATOM   1452 N NE  . ARG A 1 195 ? -7.598  -15.865 2.150   1.00 19.99 ? 188 ARG A NE  1 
ATOM   1453 C CZ  . ARG A 1 195 ? -8.228  -16.978 2.514   1.00 16.39 ? 188 ARG A CZ  1 
ATOM   1454 N NH1 . ARG A 1 195 ? -8.594  -17.156 3.778   1.00 13.97 ? 188 ARG A NH1 1 
ATOM   1455 N NH2 . ARG A 1 195 ? -8.479  -17.920 1.617   1.00 14.94 ? 188 ARG A NH2 1 
ATOM   1456 N N   . ILE A 1 196 ? -1.478  -14.436 3.495   1.00 10.68 ? 189 ILE A N   1 
ATOM   1457 C CA  . ILE A 1 196 ? -0.256  -15.135 3.871   1.00 13.81 ? 189 ILE A CA  1 
ATOM   1458 C C   . ILE A 1 196 ? -0.346  -15.458 5.351   1.00 14.96 ? 189 ILE A C   1 
ATOM   1459 O O   . ILE A 1 196 ? -1.024  -14.754 6.099   1.00 19.77 ? 189 ILE A O   1 
ATOM   1460 C CB  . ILE A 1 196 ? 1.022   -14.291 3.608   1.00 13.40 ? 189 ILE A CB  1 
ATOM   1461 C CG1 . ILE A 1 196 ? 1.031   -13.031 4.478   1.00 9.16  ? 189 ILE A CG1 1 
ATOM   1462 C CG2 . ILE A 1 196 ? 1.120   -13.925 2.133   1.00 16.87 ? 189 ILE A CG2 1 
ATOM   1463 C CD1 . ILE A 1 196 ? 2.332   -12.256 4.415   1.00 4.14  ? 189 ILE A CD1 1 
ATOM   1464 N N   . ALA A 1 197 ? 0.308   -16.536 5.767   1.00 17.64 ? 190 ALA A N   1 
ATOM   1465 C CA  . ALA A 1 197 ? 0.289   -16.940 7.165   1.00 12.95 ? 190 ALA A CA  1 
ATOM   1466 C C   . ALA A 1 197 ? 0.886   -15.834 8.033   1.00 8.73  ? 190 ALA A C   1 
ATOM   1467 O O   . ALA A 1 197 ? 1.872   -15.198 7.657   1.00 11.92 ? 190 ALA A O   1 
ATOM   1468 C CB  . ALA A 1 197 ? 1.052   -18.251 7.349   1.00 13.11 ? 190 ALA A CB  1 
ATOM   1469 N N   . LYS A 1 198 ? 0.286   -15.620 9.196   1.00 8.78  ? 191 LYS A N   1 
ATOM   1470 C CA  . LYS A 1 198 ? 0.719   -14.587 10.132  1.00 13.28 ? 191 LYS A CA  1 
ATOM   1471 C C   . LYS A 1 198 ? 1.421   -15.174 11.354  1.00 15.62 ? 191 LYS A C   1 
ATOM   1472 O O   . LYS A 1 198 ? 1.024   -16.222 11.865  1.00 16.34 ? 191 LYS A O   1 
ATOM   1473 C CB  . LYS A 1 198 ? -0.498  -13.761 10.570  1.00 8.00  ? 191 LYS A CB  1 
ATOM   1474 C CG  . LYS A 1 198 ? -0.279  -12.809 11.739  1.00 12.87 ? 191 LYS A CG  1 
ATOM   1475 C CD  . LYS A 1 198 ? -1.567  -12.056 12.037  1.00 12.88 ? 191 LYS A CD  1 
ATOM   1476 C CE  . LYS A 1 198 ? -1.421  -11.096 13.204  1.00 11.91 ? 191 LYS A CE  1 
ATOM   1477 N NZ  . LYS A 1 198 ? -1.356  -11.777 14.518  1.00 15.55 ? 191 LYS A NZ  1 
ATOM   1478 N N   . GLY A 1 199 ? 2.469   -14.495 11.810  1.00 13.22 ? 192 GLY A N   1 
ATOM   1479 C CA  . GLY A 1 199 ? 3.197   -14.944 12.984  1.00 16.13 ? 192 GLY A CA  1 
ATOM   1480 C C   . GLY A 1 199 ? 4.564   -15.554 12.742  1.00 12.28 ? 192 GLY A C   1 
ATOM   1481 O O   . GLY A 1 199 ? 5.323   -15.740 13.687  1.00 15.74 ? 192 GLY A O   1 
ATOM   1482 N N   . SER A 1 200 ? 4.898   -15.833 11.486  1.00 14.59 ? 193 SER A N   1 
ATOM   1483 C CA  . SER A 1 200 ? 6.186   -16.435 11.153  1.00 19.58 ? 193 SER A CA  1 
ATOM   1484 C C   . SER A 1 200 ? 7.016   -15.588 10.190  1.00 20.22 ? 193 SER A C   1 
ATOM   1485 O O   . SER A 1 200 ? 7.957   -16.082 9.563   1.00 19.63 ? 193 SER A O   1 
ATOM   1486 C CB  . SER A 1 200 ? 5.961   -17.832 10.580  1.00 19.45 ? 193 SER A CB  1 
ATOM   1487 O OG  . SER A 1 200 ? 4.907   -17.817 9.632   1.00 22.87 ? 193 SER A OG  1 
ATOM   1488 N N   . ASN A 1 201 ? 6.647   -14.316 10.075  1.00 19.70 ? 198 ASN A N   1 
ATOM   1489 C CA  . ASN A 1 201 ? 7.326   -13.356 9.208   1.00 8.01  ? 198 ASN A CA  1 
ATOM   1490 C C   . ASN A 1 201 ? 7.391   -13.827 7.764   1.00 4.01  ? 198 ASN A C   1 
ATOM   1491 O O   . ASN A 1 201 ? 8.433   -13.733 7.112   1.00 7.26  ? 198 ASN A O   1 
ATOM   1492 C CB  . ASN A 1 201 ? 8.730   -13.034 9.738   1.00 16.01 ? 198 ASN A CB  1 
ATOM   1493 C CG  . ASN A 1 201 ? 9.359   -11.832 9.042   1.00 13.96 ? 198 ASN A CG  1 
ATOM   1494 O OD1 . ASN A 1 201 ? 8.657   -10.941 8.560   1.00 13.86 ? 198 ASN A OD1 1 
ATOM   1495 N ND2 . ASN A 1 201 ? 10.684  -11.796 9.003   1.00 8.39  ? 198 ASN A ND2 1 
ATOM   1496 N N   . GLN A 1 202 ? 6.262   -14.316 7.262   1.00 4.96  ? 199 GLN A N   1 
ATOM   1497 C CA  . GLN A 1 202 ? 6.170   -14.792 5.888   1.00 10.37 ? 199 GLN A CA  1 
ATOM   1498 C C   . GLN A 1 202 ? 6.430   -13.644 4.921   1.00 17.82 ? 199 GLN A C   1 
ATOM   1499 O O   . GLN A 1 202 ? 5.901   -12.544 5.095   1.00 14.98 ? 199 GLN A O   1 
ATOM   1500 C CB  . GLN A 1 202 ? 4.788   -15.393 5.609   1.00 13.87 ? 199 GLN A CB  1 
ATOM   1501 C CG  . GLN A 1 202 ? 4.515   -16.704 6.331   1.00 22.69 ? 199 GLN A CG  1 
ATOM   1502 C CD  . GLN A 1 202 ? 5.560   -17.766 6.039   1.00 21.74 ? 199 GLN A CD  1 
ATOM   1503 O OE1 . GLN A 1 202 ? 5.840   -18.082 4.881   1.00 24.27 ? 199 GLN A OE1 1 
ATOM   1504 N NE2 . GLN A 1 202 ? 6.145   -18.319 7.091   1.00 22.34 ? 199 GLN A NE2 1 
ATOM   1505 N N   . CYS A 1 203 ? 7.265   -13.909 3.922   1.00 16.52 ? 200 CYS A N   1 
ATOM   1506 C CA  . CYS A 1 203 ? 7.635   -12.933 2.903   1.00 17.53 ? 200 CYS A CA  1 
ATOM   1507 C C   . CYS A 1 203 ? 8.298   -11.686 3.505   1.00 16.89 ? 200 CYS A C   1 
ATOM   1508 O O   . CYS A 1 203 ? 8.386   -10.648 2.847   1.00 14.50 ? 200 CYS A O   1 
ATOM   1509 C CB  . CYS A 1 203 ? 6.411   -12.517 2.074   1.00 17.30 ? 200 CYS A CB  1 
ATOM   1510 S SG  . CYS A 1 203 ? 5.118   -13.779 1.792   1.00 18.81 ? 200 CYS A SG  1 
ATOM   1511 N N   . LEU A 1 204 ? 8.790   -11.807 4.739   1.00 17.54 ? 201 LEU A N   1 
ATOM   1512 C CA  . LEU A 1 204 ? 9.448   -10.706 5.458   1.00 14.62 ? 201 LEU A CA  1 
ATOM   1513 C C   . LEU A 1 204 ? 8.517   -9.511  5.683   1.00 14.17 ? 201 LEU A C   1 
ATOM   1514 O O   . LEU A 1 204 ? 8.962   -8.368  5.790   1.00 10.59 ? 201 LEU A O   1 
ATOM   1515 C CB  . LEU A 1 204 ? 10.726  -10.258 4.733   1.00 14.51 ? 201 LEU A CB  1 
ATOM   1516 C CG  . LEU A 1 204 ? 11.855  -11.283 4.602   1.00 15.08 ? 201 LEU A CG  1 
ATOM   1517 C CD1 . LEU A 1 204 ? 13.039  -10.669 3.880   1.00 12.71 ? 201 LEU A CD1 1 
ATOM   1518 C CD2 . LEU A 1 204 ? 12.267  -11.786 5.974   1.00 14.35 ? 201 LEU A CD2 1 
ATOM   1519 N N   . VAL A 1 205 ? 7.237   -9.817  5.869   1.00 13.64 ? 202 VAL A N   1 
ATOM   1520 C CA  . VAL A 1 205 ? 6.185   -8.830  6.073   1.00 13.08 ? 202 VAL A CA  1 
ATOM   1521 C C   . VAL A 1 205 ? 6.360   -7.817  7.221   1.00 15.81 ? 202 VAL A C   1 
ATOM   1522 O O   . VAL A 1 205 ? 5.755   -6.743  7.189   1.00 19.18 ? 202 VAL A O   1 
ATOM   1523 C CB  . VAL A 1 205 ? 4.806   -9.547  6.204   1.00 12.44 ? 202 VAL A CB  1 
ATOM   1524 C CG1 . VAL A 1 205 ? 4.716   -10.312 7.523   1.00 14.69 ? 202 VAL A CG1 1 
ATOM   1525 C CG2 . VAL A 1 205 ? 3.661   -8.557  6.052   1.00 15.55 ? 202 VAL A CG2 1 
ATOM   1526 N N   . LYS A 1 206 ? 7.191   -8.124  8.213   1.00 15.18 ? 203 LYS A N   1 
ATOM   1527 C CA  . LYS A 1 206 ? 7.377   -7.201  9.341   1.00 12.02 ? 203 LYS A CA  1 
ATOM   1528 C C   . LYS A 1 206 ? 8.603   -6.291  9.239   1.00 8.06  ? 203 LYS A C   1 
ATOM   1529 O O   . LYS A 1 206 ? 8.836   -5.461  10.118  1.00 7.89  ? 203 LYS A O   1 
ATOM   1530 C CB  . LYS A 1 206 ? 7.472   -7.984  10.655  1.00 13.64 ? 203 LYS A CB  1 
ATOM   1531 C CG  . LYS A 1 206 ? 8.834   -8.647  10.874  1.00 12.34 ? 203 LYS A CG  1 
ATOM   1532 C CD  . LYS A 1 206 ? 8.927   -9.323  12.234  1.00 18.03 ? 203 LYS A CD  1 
ATOM   1533 C CE  . LYS A 1 206 ? 10.272  -10.011 12.423  1.00 11.88 ? 203 LYS A CE  1 
ATOM   1534 N NZ  . LYS A 1 206 ? 11.409  -9.069  12.243  1.00 20.45 ? 203 LYS A NZ  1 
ATOM   1535 N N   . GLU A 1 207 ? 9.385   -6.453  8.180   1.00 9.94  ? 204 GLU A N   1 
ATOM   1536 C CA  . GLU A 1 207 ? 10.618  -5.692  7.993   1.00 13.29 ? 204 GLU A CA  1 
ATOM   1537 C C   . GLU A 1 207 ? 10.530  -4.183  7.722   1.00 14.64 ? 204 GLU A C   1 
ATOM   1538 O O   . GLU A 1 207 ? 11.306  -3.407  8.289   1.00 17.53 ? 204 GLU A O   1 
ATOM   1539 C CB  . GLU A 1 207 ? 11.475  -6.368  6.917   1.00 16.46 ? 204 GLU A CB  1 
ATOM   1540 C CG  . GLU A 1 207 ? 12.695  -7.114  7.450   1.00 20.51 ? 204 GLU A CG  1 
ATOM   1541 C CD  . GLU A 1 207 ? 12.372  -8.045  8.605   1.00 28.43 ? 204 GLU A CD  1 
ATOM   1542 O OE1 . GLU A 1 207 ? 11.685  -9.058  8.377   1.00 30.36 ? 204 GLU A OE1 1 
ATOM   1543 O OE2 . GLU A 1 207 ? 12.805  -7.760  9.744   1.00 31.79 ? 204 GLU A OE2 1 
ATOM   1544 N N   . GLU A 1 208 ? 9.609   -3.771  6.856   1.00 19.14 ? 205 GLU A N   1 
ATOM   1545 C CA  . GLU A 1 208 ? 9.457   -2.361  6.499   1.00 15.13 ? 205 GLU A CA  1 
ATOM   1546 C C   . GLU A 1 208 ? 8.003   -1.911  6.521   1.00 10.28 ? 205 GLU A C   1 
ATOM   1547 O O   . GLU A 1 208 ? 7.403   -1.687  5.469   1.00 9.81  ? 205 GLU A O   1 
ATOM   1548 C CB  . GLU A 1 208 ? 10.028  -2.113  5.102   1.00 18.29 ? 205 GLU A CB  1 
ATOM   1549 C CG  . GLU A 1 208 ? 11.540  -2.013  5.029   1.00 31.05 ? 205 GLU A CG  1 
ATOM   1550 C CD  . GLU A 1 208 ? 12.058  -0.679  5.530   1.00 36.62 ? 205 GLU A CD  1 
ATOM   1551 O OE1 . GLU A 1 208 ? 11.582  0.368   5.037   1.00 38.05 ? 205 GLU A OE1 1 
ATOM   1552 O OE2 . GLU A 1 208 ? 12.942  -0.681  6.411   1.00 42.53 ? 205 GLU A OE2 1 
ATOM   1553 N N   . ALA A 1 209 ? 7.443   -1.766  7.716   1.00 9.66  ? 206 ALA A N   1 
ATOM   1554 C CA  . ALA A 1 209 ? 6.056   -1.339  7.862   1.00 10.76 ? 206 ALA A CA  1 
ATOM   1555 C C   . ALA A 1 209 ? 5.991   0.139   8.234   1.00 10.86 ? 206 ALA A C   1 
ATOM   1556 O O   . ALA A 1 209 ? 6.745   0.600   9.093   1.00 9.52  ? 206 ALA A O   1 
ATOM   1557 C CB  . ALA A 1 209 ? 5.364   -2.171  8.928   1.00 9.14  ? 206 ALA A CB  1 
ATOM   1558 N N   . SER A 1 210 ? 5.084   0.875   7.601   1.00 13.12 ? 207 SER A N   1 
ATOM   1559 C CA  . SER A 1 210 ? 4.923   2.297   7.881   1.00 12.67 ? 207 SER A CA  1 
ATOM   1560 C C   . SER A 1 210 ? 3.557   2.805   7.433   1.00 12.92 ? 207 SER A C   1 
ATOM   1561 O O   . SER A 1 210 ? 2.855   2.154   6.657   1.00 9.66  ? 207 SER A O   1 
ATOM   1562 C CB  . SER A 1 210 ? 6.035   3.116   7.219   1.00 9.48  ? 207 SER A CB  1 
ATOM   1563 O OG  . SER A 1 210 ? 6.013   2.977   5.809   1.00 14.59 ? 207 SER A OG  1 
ATOM   1564 N N   . SER A 1 211 ? 3.169   3.954   7.962   1.00 10.32 ? 208 SER A N   1 
ATOM   1565 C CA  . SER A 1 211 ? 1.895   4.554   7.621   1.00 11.03 ? 208 SER A CA  1 
ATOM   1566 C C   . SER A 1 211 ? 1.985   6.071   7.670   1.00 13.06 ? 208 SER A C   1 
ATOM   1567 O O   . SER A 1 211 ? 2.800   6.640   8.405   1.00 10.89 ? 208 SER A O   1 
ATOM   1568 C CB  . SER A 1 211 ? 0.810   4.081   8.588   1.00 8.81  ? 208 SER A CB  1 
ATOM   1569 O OG  . SER A 1 211 ? -0.436  4.672   8.273   1.00 9.35  ? 208 SER A OG  1 
ATOM   1570 N N   . ALA A 1 212 ? 1.156   6.711   6.856   1.00 15.77 ? 209 ALA A N   1 
ATOM   1571 C CA  . ALA A 1 212 ? 1.087   8.157   6.787   1.00 14.37 ? 209 ALA A CA  1 
ATOM   1572 C C   . ALA A 1 212 ? 0.172   8.623   7.907   1.00 16.92 ? 209 ALA A C   1 
ATOM   1573 O O   . ALA A 1 212 ? -0.691  7.873   8.375   1.00 14.83 ? 209 ALA A O   1 
ATOM   1574 C CB  . ALA A 1 212 ? 0.523   8.587   5.443   1.00 8.97  ? 209 ALA A CB  1 
ATOM   1575 N N   . VAL A 1 213 ? 0.382   9.854   8.352   1.00 17.23 ? 210 VAL A N   1 
ATOM   1576 C CA  . VAL A 1 213 ? -0.430  10.440  9.406   1.00 17.54 ? 210 VAL A CA  1 
ATOM   1577 C C   . VAL A 1 213 ? -1.153  11.624  8.780   1.00 17.44 ? 210 VAL A C   1 
ATOM   1578 O O   . VAL A 1 213 ? -0.515  12.507  8.216   1.00 12.37 ? 210 VAL A O   1 
ATOM   1579 C CB  . VAL A 1 213 ? 0.446   10.931  10.583  1.00 19.85 ? 210 VAL A CB  1 
ATOM   1580 C CG1 . VAL A 1 213 ? -0.413  11.623  11.629  1.00 19.51 ? 210 VAL A CG1 1 
ATOM   1581 C CG2 . VAL A 1 213 ? 1.191   9.757   11.204  1.00 21.15 ? 210 VAL A CG2 1 
ATOM   1582 N N   . VAL A 1 214 ? -2.478  11.616  8.829   1.00 17.15 ? 211 VAL A N   1 
ATOM   1583 C CA  . VAL A 1 214 ? -3.249  12.713  8.260   1.00 23.42 ? 211 VAL A CA  1 
ATOM   1584 C C   . VAL A 1 214 ? -3.080  13.964  9.125   1.00 31.53 ? 211 VAL A C   1 
ATOM   1585 O O   . VAL A 1 214 ? -2.504  14.958  8.672   1.00 35.19 ? 211 VAL A O   1 
ATOM   1586 C CB  . VAL A 1 214 ? -4.737  12.337  8.106   1.00 17.98 ? 211 VAL A CB  1 
ATOM   1587 C CG1 . VAL A 1 214 ? -5.546  13.538  7.653   1.00 18.61 ? 211 VAL A CG1 1 
ATOM   1588 C CG2 . VAL A 1 214 ? -4.879  11.216  7.093   1.00 20.52 ? 211 VAL A CG2 1 
ATOM   1589 N N   . GLY A 1 215 ? -3.512  13.884  10.380  1.00 36.00 ? 212 GLY A N   1 
ATOM   1590 C CA  . GLY A 1 215 ? -3.382  15.013  11.284  1.00 44.89 ? 212 GLY A CA  1 
ATOM   1591 C C   . GLY A 1 215 ? -4.579  15.948  11.281  1.00 50.68 ? 212 GLY A C   1 
ATOM   1592 O O   . GLY A 1 215 ? -5.576  15.648  10.589  1.00 56.97 ? 212 GLY A O   1 
ATOM   1593 O OXT . GLY A 1 215 ? -4.524  16.981  11.982  1.00 52.17 ? 212 GLY A OXT 1 
HETATM 1594 C C22 . VSC B 2 .   ? 13.078  -0.383  -4.526  1.00 16.97 ? 280 VSC A C22 1 
HETATM 1595 O O23 . VSC B 2 .   ? 13.424  -1.136  -5.442  1.00 22.29 ? 280 VSC A O23 1 
HETATM 1596 O O24 . VSC B 2 .   ? 13.762  0.715   -4.164  1.00 20.01 ? 280 VSC A O24 1 
HETATM 1597 C C25 . VSC B 2 .   ? 14.945  1.065   -4.884  1.00 21.34 ? 280 VSC A C25 1 
HETATM 1598 C C26 . VSC B 2 .   ? 15.284  2.518   -4.676  1.00 22.70 ? 280 VSC A C26 1 
HETATM 1599 C C31 . VSC B 2 .   ? 15.699  2.985   -3.415  1.00 21.13 ? 280 VSC A C31 1 
HETATM 1600 C C30 . VSC B 2 .   ? 15.817  4.366   -3.176  1.00 22.77 ? 280 VSC A C30 1 
HETATM 1601 C C29 . VSC B 2 .   ? 15.528  5.291   -4.191  1.00 20.55 ? 280 VSC A C29 1 
HETATM 1602 C C28 . VSC B 2 .   ? 15.129  4.829   -5.453  1.00 19.51 ? 280 VSC A C28 1 
HETATM 1603 C C27 . VSC B 2 .   ? 15.008  3.448   -5.698  1.00 22.64 ? 280 VSC A C27 1 
HETATM 1604 N N21 . VSC B 2 .   ? 11.910  -0.529  -3.839  1.00 18.37 ? 280 VSC A N21 1 
HETATM 1605 C C13 . VSC B 2 .   ? 10.953  -1.608  -4.179  1.00 16.23 ? 280 VSC A C13 1 
HETATM 1606 C C11 . VSC B 2 .   ? 10.297  -1.293  -5.488  1.00 21.24 ? 280 VSC A C11 1 
HETATM 1607 O O12 . VSC B 2 .   ? 9.847   -0.175  -5.765  1.00 24.33 ? 280 VSC A O12 1 
HETATM 1608 C C14 . VSC B 2 .   ? 9.860   -1.683  -3.096  1.00 10.05 ? 280 VSC A C14 1 
HETATM 1609 C C15 . VSC B 2 .   ? 10.423  -1.819  -1.699  1.00 13.57 ? 280 VSC A C15 1 
HETATM 1610 C C16 . VSC B 2 .   ? 11.592  -2.542  -1.417  1.00 11.19 ? 280 VSC A C16 1 
HETATM 1611 C C20 . VSC B 2 .   ? 9.837   -1.045  -0.689  1.00 8.63  ? 280 VSC A C20 1 
HETATM 1612 C C17 . VSC B 2 .   ? 12.182  -2.467  -0.144  1.00 17.58 ? 280 VSC A C17 1 
HETATM 1613 C C19 . VSC B 2 .   ? 10.423  -0.963  0.578   1.00 12.06 ? 280 VSC A C19 1 
HETATM 1614 C C18 . VSC B 2 .   ? 11.599  -1.676  0.852   1.00 10.93 ? 280 VSC A C18 1 
HETATM 1615 C C1  . VSC B 2 .   ? 9.948   -2.952  -8.662  1.00 14.77 ? 280 VSC A C1  1 
HETATM 1616 C C9  . VSC B 2 .   ? 9.201   -2.305  -7.489  1.00 14.19 ? 280 VSC A C9  1 
HETATM 1617 C C32 . VSC B 2 .   ? 7.830   -2.933  -7.204  1.00 7.99  ? 280 VSC A C32 1 
HETATM 1618 C C33 . VSC B 2 .   ? 7.083   -3.427  -8.468  1.00 20.76 ? 280 VSC A C33 1 
HETATM 1619 S S34 . VSC B 2 .   ? 6.760   -5.201  -8.480  1.00 22.54 ? 280 VSC A S34 1 
HETATM 1620 O O37 . VSC B 2 .   ? 7.486   -5.700  -9.633  1.00 25.77 ? 280 VSC A O37 1 
HETATM 1621 O O36 . VSC B 2 .   ? 7.278   -5.656  -7.192  1.00 37.67 ? 280 VSC A O36 1 
HETATM 1622 O O35 . VSC B 2 .   ? 5.290   -5.300  -8.551  1.00 28.32 ? 280 VSC A O35 1 
HETATM 1623 N N10 . VSC B 2 .   ? 10.025  -2.368  -6.275  1.00 17.21 ? 280 VSC A N10 1 
HETATM 1624 C C2  . VSC B 2 .   ? 11.249  -2.174  -8.930  1.00 20.99 ? 280 VSC A C2  1 
HETATM 1625 C C3  . VSC B 2 .   ? 11.942  -2.684  -10.151 1.00 26.02 ? 280 VSC A C3  1 
HETATM 1626 C C4  . VSC B 2 .   ? 12.928  -3.681  -10.041 1.00 31.51 ? 280 VSC A C4  1 
HETATM 1627 C C5  . VSC B 2 .   ? 13.469  -4.272  -11.196 1.00 33.81 ? 280 VSC A C5  1 
HETATM 1628 C C6  . VSC B 2 .   ? 13.026  -3.860  -12.465 1.00 32.23 ? 280 VSC A C6  1 
HETATM 1629 C C7  . VSC B 2 .   ? 12.047  -2.854  -12.578 1.00 32.76 ? 280 VSC A C7  1 
HETATM 1630 C C8  . VSC B 2 .   ? 11.509  -2.269  -11.422 1.00 30.51 ? 280 VSC A C8  1 
HETATM 1631 O O   . HOH C 3 .   ? -10.389 -10.994 8.874   1.00 17.06 ? 281 HOH A O   1 
HETATM 1632 O O   . HOH C 3 .   ? -10.504 -3.538  -3.020  1.00 26.65 ? 282 HOH A O   1 
HETATM 1633 O O   . HOH C 3 .   ? 9.196   8.720   -9.060  1.00 13.25 ? 283 HOH A O   1 
HETATM 1634 O O   . HOH C 3 .   ? -2.983  2.169   -4.511  1.00 21.08 ? 284 HOH A O   1 
HETATM 1635 O O   . HOH C 3 .   ? -7.109  1.474   -0.616  1.00 28.07 ? 285 HOH A O   1 
HETATM 1636 O O   . HOH C 3 .   ? -5.855  6.387   11.700  1.00 24.83 ? 286 HOH A O   1 
HETATM 1637 O O   . HOH C 3 .   ? -5.653  6.907   14.430  1.00 20.46 ? 287 HOH A O   1 
HETATM 1638 O O   . HOH C 3 .   ? 8.928   17.160  -9.235  1.00 22.54 ? 288 HOH A O   1 
HETATM 1639 O O   . HOH C 3 .   ? 11.662  11.816  -0.020  1.00 20.64 ? 289 HOH A O   1 
HETATM 1640 O O   . HOH C 3 .   ? 9.380   2.448   2.772   1.00 10.93 ? 290 HOH A O   1 
HETATM 1641 O O   . HOH C 3 .   ? 7.482   1.259   4.385   1.00 19.77 ? 291 HOH A O   1 
HETATM 1642 O O   . HOH C 3 .   ? 9.428   1.551   7.420   1.00 19.76 ? 292 HOH A O   1 
HETATM 1643 O O   . HOH C 3 .   ? 8.583   -2.511  10.325  1.00 12.57 ? 293 HOH A O   1 
HETATM 1644 O O   . HOH C 3 .   ? 10.914  -0.854  10.069  1.00 33.71 ? 294 HOH A O   1 
HETATM 1645 O O   . HOH C 3 .   ? 6.470   12.228  6.221   1.00 22.76 ? 295 HOH A O   1 
HETATM 1646 O O   . HOH C 3 .   ? 6.188   21.158  1.002   1.00 19.10 ? 296 HOH A O   1 
HETATM 1647 O O   . HOH C 3 .   ? 3.971   -14.512 8.992   1.00 23.24 ? 297 HOH A O   1 
HETATM 1648 O O   . HOH C 3 .   ? -4.872  -3.159  19.560  1.00 20.47 ? 298 HOH A O   1 
HETATM 1649 O O   . HOH C 3 .   ? 7.364   -4.999  5.649   1.00 8.91  ? 299 HOH A O   1 
HETATM 1650 O O   . HOH C 3 .   ? 12.715  -18.264 2.765   1.00 20.66 ? 300 HOH A O   1 
HETATM 1651 O O   . HOH C 3 .   ? -2.592  -22.519 14.016  1.00 29.79 ? 301 HOH A O   1 
HETATM 1652 O O   . HOH C 3 .   ? -11.730 -11.584 6.071   1.00 31.47 ? 302 HOH A O   1 
HETATM 1653 O O   . HOH C 3 .   ? -4.542  -2.067  -5.717  1.00 28.72 ? 303 HOH A O   1 
HETATM 1654 O O   . HOH C 3 .   ? 1.105   -2.798  -4.267  1.00 24.35 ? 304 HOH A O   1 
HETATM 1655 O O   . HOH C 3 .   ? -3.726  -7.464  -7.407  1.00 14.39 ? 305 HOH A O   1 
HETATM 1656 O O   . HOH C 3 .   ? 5.518   -4.497  -13.517 1.00 36.36 ? 306 HOH A O   1 
HETATM 1657 O O   . HOH C 3 .   ? -9.081  -13.458 -9.467  1.00 23.07 ? 307 HOH A O   1 
HETATM 1658 O O   . HOH C 3 .   ? 15.376  -7.691  2.270   1.00 39.49 ? 308 HOH A O   1 
HETATM 1659 O O   . HOH C 3 .   ? -14.867 0.722   -0.709  1.00 43.44 ? 309 HOH A O   1 
HETATM 1660 O O   . HOH C 3 .   ? -19.231 -1.045  7.797   1.00 30.66 ? 310 HOH A O   1 
HETATM 1661 O O   . HOH C 3 .   ? 2.929   4.033   -19.801 1.00 36.77 ? 311 HOH A O   1 
HETATM 1662 O O   . HOH C 3 .   ? 11.505  -2.794  15.744  1.00 18.37 ? 312 HOH A O   1 
HETATM 1663 O O   . HOH C 3 .   ? -9.744  10.087  -8.205  1.00 38.98 ? 313 HOH A O   1 
HETATM 1664 O O   . HOH C 3 .   ? -14.794 11.716  -8.646  1.00 47.97 ? 314 HOH A O   1 
HETATM 1665 O O   . HOH C 3 .   ? -0.985  -2.407  -2.539  1.00 24.24 ? 315 HOH A O   1 
HETATM 1666 O O   . HOH C 3 .   ? -11.331 -6.994  -5.806  1.00 45.35 ? 316 HOH A O   1 
HETATM 1667 O O   . HOH C 3 .   ? 2.004   14.144  11.766  1.00 43.43 ? 317 HOH A O   1 
HETATM 1668 O O   . HOH C 3 .   ? 8.270   14.493  6.534   1.00 30.99 ? 318 HOH A O   1 
# 
